data_3VA6
#
_entry.id   3VA6
#
_cell.length_a   87.883
_cell.length_b   87.883
_cell.length_c   430.060
_cell.angle_alpha   90.000
_cell.angle_beta   90.000
_cell.angle_gamma   90.000
#
_symmetry.space_group_name_H-M   'P 41 21 2'
#
loop_
_entity.id
_entity.type
_entity.pdbx_description
1 polymer 'Two-component system sensor histidine kinase'
2 water water
#
_entity_poly.entity_id   1
_entity_poly.type   'polypeptide(L)'
_entity_poly.pdbx_seq_one_letter_code
;LEYGKKVNYQQFDNIYLGAEASVVSCFLQDSEGLIWIGSNKGLFSYDGYSTQQHFTYGENNNTRIYCGVIIDNTYLYMGT
DNGILVYNYRADRYEQPETDFPTDVRTMALQGDTLWLGALNGLYTYQLQSRKLTSFDTRRNGLPNNTIYSIIRTKDNQIY
VGTYNGLCRYIPSNGKFEGIPLPVHSSQSNLFVNSLLEDTTRQCVWIGTEGYLFQYFPSTGQIKQTEAFHNNSIKSLALD
GNGDLLAGTDNGLYVYHNDTTPLQHIIHDSRNIQSLTNNIIWNIFADQEHNIWLGTDYGISLSRYNSALQFIPISQITGT
GDGNQFYSLFRDSKGFYWFGGANGLIRFTDPAGERHDAIWYRMGDKTYPLSHNRIRHIYEDKEQQLWIATDGSINRYDYA
TRQFIHYNIVDNTGTYNTNWTYYIFEDTAGQLWISTCLGGIFVVDKHKLMQSTSGQYIAEQNYSVHNGLSGMFINQIIPD
NEGNVWVLLYNNKGIDKINPRTREVTKLFADELTGEKSPNYLLCDEDGLLWVGFHGGVMRINPKDESQQSISFGSFSNNE
ILSMTCVKNSIWVSTTNGLWIIDRKTMDARQQNMTNKRFTSLLFDPKEDCVYLGGADGFGISHSNLEATYQPERPILLTA
LYINNQLVSPRTRDDVPNIRYTNSIKLKYDQNNLSFELSDLPYSLDEKNKFVYRLEGMDKEWNFLKSNINRITYSNLSYG
NYQLIISKLERDGQPSNRPHILNIRILPPWLEHHHHHH
;
_entity_poly.pdbx_strand_id   A,B
#
# COMPACT_ATOMS: atom_id res chain seq x y z
N TYR A 9 2.28 24.42 -22.43
CA TYR A 9 3.73 24.20 -22.74
C TYR A 9 4.27 25.32 -23.60
N GLN A 10 3.87 26.54 -23.29
CA GLN A 10 4.15 27.69 -24.16
C GLN A 10 5.53 28.28 -23.81
N GLN A 11 6.09 27.92 -22.65
CA GLN A 11 7.35 28.52 -22.15
C GLN A 11 8.17 27.52 -21.33
N PHE A 12 9.49 27.68 -21.33
CA PHE A 12 10.39 26.75 -20.64
C PHE A 12 11.47 27.49 -19.89
N ASP A 13 12.08 26.83 -18.90
CA ASP A 13 13.24 27.40 -18.27
C ASP A 13 14.41 26.49 -18.67
N ASN A 14 15.28 27.06 -19.49
CA ASN A 14 16.35 26.33 -20.18
C ASN A 14 17.68 26.31 -19.41
N ILE A 15 18.29 25.13 -19.37
CA ILE A 15 19.43 24.82 -18.51
C ILE A 15 20.52 24.19 -19.37
N TYR A 16 21.75 24.66 -19.19
CA TYR A 16 22.87 24.25 -20.04
C TYR A 16 24.06 23.74 -19.21
N LEU A 17 24.81 22.84 -19.79
CA LEU A 17 25.86 22.15 -19.09
C LEU A 17 27.25 22.60 -19.43
N GLY A 18 27.41 23.40 -20.46
CA GLY A 18 28.73 23.69 -20.95
C GLY A 18 28.66 23.47 -22.44
N ALA A 19 29.65 24.01 -23.13
CA ALA A 19 29.73 23.91 -24.57
C ALA A 19 30.08 22.48 -25.00
N GLU A 20 30.91 21.79 -24.21
CA GLU A 20 31.29 20.39 -24.47
C GLU A 20 30.05 19.48 -24.34
N ALA A 21 29.31 19.62 -23.25
CA ALA A 21 28.21 18.71 -22.89
C ALA A 21 26.81 19.24 -23.28
N SER A 22 26.71 19.50 -24.57
CA SER A 22 25.47 19.97 -25.16
C SER A 22 24.34 18.91 -25.18
N VAL A 23 24.67 17.62 -25.12
CA VAL A 23 23.68 16.58 -25.46
C VAL A 23 23.24 15.76 -24.24
N VAL A 24 21.94 15.80 -23.94
CA VAL A 24 21.39 15.15 -22.73
C VAL A 24 20.52 13.97 -23.12
N SER A 25 20.87 12.79 -22.60
CA SER A 25 20.26 11.58 -23.08
C SER A 25 19.34 10.97 -22.06
N CYS A 26 19.51 11.31 -20.79
CA CYS A 26 18.61 10.78 -19.76
C CYS A 26 18.65 11.58 -18.48
N PHE A 27 17.61 11.38 -17.65
CA PHE A 27 17.54 11.97 -16.32
C PHE A 27 17.24 10.89 -15.28
N LEU A 28 17.68 11.10 -14.05
CA LEU A 28 17.21 10.28 -12.92
C LEU A 28 16.96 11.22 -11.76
N GLN A 29 15.99 10.90 -10.91
CA GLN A 29 15.79 11.63 -9.68
C GLN A 29 15.98 10.70 -8.48
N ASP A 30 16.91 11.03 -7.58
CA ASP A 30 17.12 10.15 -6.43
C ASP A 30 15.94 10.21 -5.49
N SER A 31 15.90 9.25 -4.58
CA SER A 31 14.79 9.13 -3.64
C SER A 31 14.61 10.41 -2.82
N GLU A 32 15.64 11.24 -2.74
CA GLU A 32 15.54 12.48 -1.99
C GLU A 32 15.41 13.74 -2.84
N GLY A 33 15.20 13.57 -4.14
CA GLY A 33 14.81 14.68 -5.01
C GLY A 33 15.81 15.32 -5.97
N LEU A 34 17.11 15.05 -5.79
CA LEU A 34 18.11 15.67 -6.64
C LEU A 34 18.05 15.06 -8.01
N ILE A 35 18.03 15.92 -9.03
CA ILE A 35 17.99 15.47 -10.39
C ILE A 35 19.41 15.18 -10.86
N TRP A 36 19.58 14.10 -11.62
CA TRP A 36 20.85 13.75 -12.26
C TRP A 36 20.66 13.71 -13.76
N ILE A 37 21.69 14.10 -14.49
CA ILE A 37 21.60 14.30 -15.90
C ILE A 37 22.71 13.49 -16.57
N GLY A 38 22.36 12.68 -17.57
CA GLY A 38 23.37 12.01 -18.38
C GLY A 38 23.68 12.83 -19.62
N SER A 39 24.95 13.13 -19.86
CA SER A 39 25.37 13.99 -20.96
C SER A 39 26.39 13.28 -21.79
N ASN A 40 26.63 13.79 -23.01
CA ASN A 40 27.62 13.21 -23.88
C ASN A 40 29.04 13.21 -23.29
N LYS A 41 29.24 13.92 -22.19
CA LYS A 41 30.55 13.93 -21.54
C LYS A 41 30.58 13.38 -20.13
N GLY A 42 29.44 12.90 -19.65
CA GLY A 42 29.38 12.30 -18.31
C GLY A 42 28.18 12.69 -17.46
N LEU A 43 28.28 12.38 -16.18
CA LEU A 43 27.18 12.63 -15.27
C LEU A 43 27.29 14.01 -14.64
N PHE A 44 26.19 14.74 -14.74
CA PHE A 44 25.98 15.94 -13.94
C PHE A 44 24.87 15.75 -12.91
N SER A 45 24.82 16.66 -11.95
CA SER A 45 23.61 16.91 -11.19
C SER A 45 23.20 18.36 -11.36
N TYR A 46 21.95 18.67 -11.03
CA TYR A 46 21.44 20.04 -11.07
C TYR A 46 20.55 20.26 -9.87
N ASP A 47 20.84 21.29 -9.07
CA ASP A 47 20.18 21.43 -7.76
C ASP A 47 19.10 22.49 -7.77
N GLY A 48 18.73 22.97 -8.95
CA GLY A 48 17.76 24.06 -9.07
C GLY A 48 18.43 25.40 -9.31
N TYR A 49 19.67 25.56 -8.85
CA TYR A 49 20.42 26.81 -8.96
C TYR A 49 21.59 26.75 -9.95
N SER A 50 22.38 25.67 -9.89
CA SER A 50 23.46 25.46 -10.83
C SER A 50 23.70 23.98 -11.08
N THR A 51 24.44 23.67 -12.15
CA THR A 51 24.84 22.32 -12.48
C THR A 51 26.15 22.01 -11.78
N GLN A 52 26.46 20.73 -11.69
CA GLN A 52 27.70 20.28 -11.09
C GLN A 52 28.10 18.99 -11.80
N GLN A 53 29.34 18.92 -12.28
CA GLN A 53 29.84 17.69 -12.91
C GLN A 53 30.39 16.68 -11.88
N HIS A 54 30.29 15.40 -12.21
CA HIS A 54 30.82 14.35 -11.37
C HIS A 54 31.66 13.42 -12.20
N PHE A 55 32.64 13.99 -12.89
CA PHE A 55 33.56 13.26 -13.74
C PHE A 55 34.78 14.17 -13.99
N THR A 56 35.93 13.55 -14.24
CA THR A 56 37.18 14.27 -14.45
C THR A 56 37.64 14.08 -15.88
N TYR A 57 38.15 15.13 -16.50
CA TYR A 57 38.52 15.07 -17.91
C TYR A 57 39.52 13.96 -18.18
N GLY A 58 39.33 13.24 -19.29
CA GLY A 58 40.24 12.17 -19.69
C GLY A 58 39.91 10.80 -19.10
N GLU A 59 39.29 10.78 -17.93
CA GLU A 59 39.05 9.54 -17.22
C GLU A 59 37.93 8.71 -17.88
N ASN A 60 37.89 7.44 -17.53
CA ASN A 60 36.87 6.53 -18.05
C ASN A 60 35.46 7.02 -17.81
N ASN A 61 35.29 7.87 -16.79
CA ASN A 61 33.95 8.39 -16.45
C ASN A 61 33.56 9.65 -17.24
N ASN A 62 34.54 10.21 -17.97
CA ASN A 62 34.33 11.36 -18.86
C ASN A 62 33.89 10.83 -20.20
N THR A 63 32.68 10.27 -20.22
CA THR A 63 32.18 9.50 -21.35
C THR A 63 30.69 9.76 -21.52
N ARG A 64 30.20 9.46 -22.72
CA ARG A 64 28.81 9.66 -23.04
C ARG A 64 27.95 8.69 -22.28
N ILE A 65 26.80 9.15 -21.75
CA ILE A 65 25.87 8.30 -21.02
C ILE A 65 24.64 8.07 -21.88
N TYR A 66 24.28 6.82 -22.16
CA TYR A 66 23.09 6.57 -22.98
C TYR A 66 21.81 6.38 -22.19
N CYS A 67 21.93 5.85 -20.96
CA CYS A 67 20.77 5.50 -20.13
C CYS A 67 21.18 5.38 -18.67
N GLY A 68 20.23 5.07 -17.79
CA GLY A 68 20.50 5.08 -16.36
C GLY A 68 19.35 4.58 -15.52
N VAL A 69 19.67 4.10 -14.31
CA VAL A 69 18.70 3.53 -13.38
C VAL A 69 19.32 3.57 -11.99
N ILE A 70 18.53 3.75 -10.91
CA ILE A 70 19.08 3.80 -9.55
C ILE A 70 18.98 2.44 -8.87
N ILE A 71 20.10 1.95 -8.34
CA ILE A 71 20.10 0.64 -7.70
C ILE A 71 20.38 0.78 -6.23
N ASP A 72 19.70 -0.02 -5.40
CA ASP A 72 19.95 -0.10 -3.95
C ASP A 72 19.83 1.20 -3.18
N ASN A 73 19.15 2.18 -3.77
CA ASN A 73 18.97 3.50 -3.17
C ASN A 73 20.31 4.16 -2.85
N THR A 74 21.36 3.77 -3.58
CA THR A 74 22.68 4.41 -3.41
C THR A 74 23.53 4.51 -4.67
N TYR A 75 23.15 3.84 -5.75
CA TYR A 75 23.98 3.79 -6.95
C TYR A 75 23.24 4.27 -8.17
N LEU A 76 23.94 5.02 -9.00
CA LEU A 76 23.46 5.30 -10.35
C LEU A 76 24.24 4.38 -11.28
N TYR A 77 23.52 3.49 -11.96
CA TYR A 77 24.07 2.58 -12.99
C TYR A 77 23.88 3.23 -14.32
N MET A 78 24.96 3.53 -15.03
CA MET A 78 24.86 4.28 -16.30
C MET A 78 25.38 3.55 -17.55
N GLY A 79 24.58 3.55 -18.60
CA GLY A 79 24.98 2.93 -19.86
C GLY A 79 26.01 3.74 -20.62
N THR A 80 26.96 3.04 -21.22
CA THR A 80 28.21 3.64 -21.66
C THR A 80 28.79 2.85 -22.82
N ASP A 81 29.64 3.51 -23.60
CA ASP A 81 30.37 2.83 -24.65
C ASP A 81 31.11 1.63 -24.08
N ASN A 82 31.84 1.86 -23.01
CA ASN A 82 32.61 0.77 -22.37
C ASN A 82 31.86 -0.10 -21.31
N GLY A 83 30.54 0.06 -21.25
CA GLY A 83 29.69 -0.80 -20.45
C GLY A 83 28.82 -0.07 -19.43
N ILE A 84 29.14 -0.28 -18.15
CA ILE A 84 28.38 0.34 -17.06
C ILE A 84 29.23 0.99 -15.96
N LEU A 85 29.01 2.30 -15.78
CA LEU A 85 29.58 3.01 -14.68
C LEU A 85 28.61 2.86 -13.57
N VAL A 86 29.12 2.48 -12.38
CA VAL A 86 28.35 2.47 -11.17
C VAL A 86 28.85 3.61 -10.31
N TYR A 87 28.01 4.64 -10.14
CA TYR A 87 28.34 5.79 -9.29
C TYR A 87 27.59 5.70 -7.95
N ASN A 88 28.30 5.76 -6.85
CA ASN A 88 27.68 5.78 -5.52
C ASN A 88 27.43 7.23 -5.12
N TYR A 89 26.17 7.66 -5.28
CA TYR A 89 25.85 9.07 -5.12
C TYR A 89 25.90 9.49 -3.66
N ARG A 90 25.76 8.55 -2.74
CA ARG A 90 25.88 8.87 -1.32
C ARG A 90 27.36 9.00 -0.93
N ALA A 91 28.17 8.04 -1.35
CA ALA A 91 29.63 8.06 -1.13
C ALA A 91 30.34 9.13 -1.96
N ASP A 92 29.72 9.54 -3.07
CA ASP A 92 30.39 10.28 -4.14
C ASP A 92 31.66 9.56 -4.58
N ARG A 93 31.50 8.32 -5.01
CA ARG A 93 32.58 7.51 -5.48
C ARG A 93 32.11 6.61 -6.60
N TYR A 94 33.00 6.31 -7.53
CA TYR A 94 32.71 5.28 -8.52
C TYR A 94 33.12 3.94 -7.93
N GLU A 95 32.15 3.05 -7.78
CA GLU A 95 32.40 1.76 -7.17
C GLU A 95 32.19 0.66 -8.19
N GLN A 96 33.24 0.31 -8.96
CA GLN A 96 33.09 -0.71 -10.02
C GLN A 96 33.00 -2.14 -9.46
N PRO A 97 31.93 -2.86 -9.83
CA PRO A 97 31.86 -4.27 -9.45
C PRO A 97 32.69 -5.15 -10.41
N GLU A 98 33.15 -6.31 -9.95
CA GLU A 98 34.09 -7.17 -10.69
C GLU A 98 33.56 -7.65 -12.04
N THR A 99 32.23 -7.72 -12.15
CA THR A 99 31.58 -8.13 -13.40
C THR A 99 32.18 -7.50 -14.65
N ASP A 100 32.29 -8.31 -15.69
CA ASP A 100 32.74 -7.81 -16.95
C ASP A 100 31.46 -7.57 -17.74
N PHE A 101 31.02 -6.32 -17.77
CA PHE A 101 29.73 -5.97 -18.37
C PHE A 101 29.94 -5.90 -19.85
N PRO A 102 28.88 -6.13 -20.64
CA PRO A 102 28.95 -5.90 -22.09
C PRO A 102 29.10 -4.43 -22.42
N THR A 103 29.61 -4.18 -23.62
CA THR A 103 29.86 -2.82 -24.06
C THR A 103 28.60 -2.27 -24.74
N ASP A 104 28.63 -0.96 -24.97
CA ASP A 104 27.62 -0.27 -25.76
C ASP A 104 26.22 -0.48 -25.21
N VAL A 105 26.04 -0.13 -23.93
CA VAL A 105 24.77 -0.32 -23.26
C VAL A 105 23.89 0.88 -23.58
N ARG A 106 22.68 0.61 -24.05
CA ARG A 106 21.79 1.67 -24.46
C ARG A 106 20.53 1.75 -23.64
N THR A 107 20.15 0.69 -22.96
CA THR A 107 18.91 0.75 -22.22
C THR A 107 18.91 -0.25 -21.10
N MET A 108 18.35 0.14 -19.98
CA MET A 108 18.32 -0.70 -18.78
C MET A 108 16.91 -0.73 -18.25
N ALA A 109 16.52 -1.83 -17.64
CA ALA A 109 15.20 -1.90 -16.96
C ALA A 109 15.25 -2.87 -15.79
N LEU A 110 14.78 -2.40 -14.65
CA LEU A 110 14.78 -3.24 -13.48
C LEU A 110 13.56 -4.13 -13.50
N GLN A 111 13.76 -5.38 -13.08
CA GLN A 111 12.66 -6.31 -12.84
C GLN A 111 12.99 -7.07 -11.57
N GLY A 112 12.39 -6.63 -10.46
CA GLY A 112 12.67 -7.19 -9.16
C GLY A 112 14.12 -6.94 -8.86
N ASP A 113 14.87 -7.98 -8.55
CA ASP A 113 16.28 -7.83 -8.31
C ASP A 113 17.15 -8.23 -9.52
N THR A 114 16.57 -8.23 -10.72
CA THR A 114 17.30 -8.57 -11.93
C THR A 114 17.27 -7.37 -12.89
N LEU A 115 18.45 -6.90 -13.29
CA LEU A 115 18.56 -5.77 -14.19
C LEU A 115 18.68 -6.24 -15.66
N TRP A 116 17.72 -5.89 -16.48
CA TRP A 116 17.82 -6.14 -17.92
C TRP A 116 18.76 -5.14 -18.54
N LEU A 117 19.59 -5.59 -19.47
CA LEU A 117 20.59 -4.71 -20.12
C LEU A 117 20.47 -4.89 -21.61
N GLY A 118 20.19 -3.80 -22.31
CA GLY A 118 20.09 -3.83 -23.75
C GLY A 118 21.26 -3.07 -24.31
N ALA A 119 21.88 -3.64 -25.35
CA ALA A 119 23.16 -3.17 -25.85
C ALA A 119 23.19 -3.26 -27.34
N LEU A 120 24.21 -2.66 -27.95
CA LEU A 120 24.35 -2.71 -29.40
C LEU A 120 24.59 -4.14 -29.85
N ASN A 121 25.09 -5.02 -28.98
CA ASN A 121 25.32 -6.38 -29.43
C ASN A 121 24.80 -7.50 -28.53
N GLY A 122 23.77 -7.22 -27.73
CA GLY A 122 23.09 -8.30 -27.03
C GLY A 122 22.02 -7.83 -26.06
N LEU A 123 21.18 -8.76 -25.66
CA LEU A 123 20.31 -8.54 -24.54
C LEU A 123 20.90 -9.35 -23.39
N TYR A 124 20.82 -8.85 -22.16
CA TYR A 124 21.40 -9.54 -21.01
C TYR A 124 20.52 -9.37 -19.80
N THR A 125 20.70 -10.26 -18.83
CA THR A 125 20.24 -9.99 -17.49
C THR A 125 21.41 -10.00 -16.50
N TYR A 126 21.34 -9.11 -15.51
CA TYR A 126 22.31 -9.04 -14.43
C TYR A 126 21.59 -9.21 -13.12
N GLN A 127 21.84 -10.33 -12.44
CA GLN A 127 21.21 -10.60 -11.13
C GLN A 127 22.04 -9.90 -10.06
N LEU A 128 21.44 -8.96 -9.36
CA LEU A 128 22.19 -8.05 -8.48
C LEU A 128 22.83 -8.69 -7.24
N GLN A 129 22.30 -9.82 -6.78
CA GLN A 129 22.91 -10.52 -5.66
C GLN A 129 24.02 -11.43 -6.11
N SER A 130 23.73 -12.34 -7.03
CA SER A 130 24.71 -13.33 -7.47
C SER A 130 25.68 -12.73 -8.45
N ARG A 131 25.26 -11.66 -9.09
CA ARG A 131 26.03 -11.03 -10.18
C ARG A 131 26.11 -11.93 -11.43
N LYS A 132 25.11 -12.79 -11.64
CA LYS A 132 25.05 -13.72 -12.77
C LYS A 132 24.68 -12.93 -14.00
N LEU A 133 25.53 -13.00 -15.01
CA LEU A 133 25.28 -12.31 -16.28
C LEU A 133 24.87 -13.37 -17.28
N THR A 134 23.65 -13.23 -17.79
CA THR A 134 23.02 -14.19 -18.70
C THR A 134 22.77 -13.46 -20.00
N SER A 135 22.92 -14.18 -21.10
CA SER A 135 22.83 -13.57 -22.41
C SER A 135 21.71 -14.21 -23.25
N PHE A 136 21.15 -13.39 -24.12
CA PHE A 136 20.00 -13.72 -24.90
C PHE A 136 20.35 -13.29 -26.28
N ASP A 137 20.09 -14.15 -27.27
CA ASP A 137 20.41 -13.83 -28.67
C ASP A 137 19.30 -14.21 -29.70
N THR A 138 19.65 -14.08 -30.99
CA THR A 138 18.75 -14.43 -32.08
C THR A 138 18.62 -15.94 -32.26
N ARG A 139 19.76 -16.63 -32.40
CA ARG A 139 19.75 -18.08 -32.68
C ARG A 139 19.09 -18.89 -31.53
N ARG A 140 19.62 -18.72 -30.32
CA ARG A 140 19.17 -19.53 -29.18
C ARG A 140 17.80 -19.09 -28.58
N ASN A 141 17.43 -17.80 -28.67
CA ASN A 141 16.18 -17.28 -28.00
C ASN A 141 15.11 -16.61 -28.89
N GLY A 142 15.34 -16.52 -30.20
CA GLY A 142 14.33 -15.99 -31.10
C GLY A 142 14.10 -14.47 -31.03
N LEU A 143 15.09 -13.74 -30.53
CA LEU A 143 15.09 -12.29 -30.64
C LEU A 143 15.12 -11.96 -32.10
N PRO A 144 14.39 -10.90 -32.50
CA PRO A 144 14.42 -10.54 -33.92
C PRO A 144 15.76 -9.94 -34.33
N ASN A 145 16.47 -9.34 -33.37
CA ASN A 145 17.76 -8.66 -33.61
C ASN A 145 18.54 -8.50 -32.27
N ASN A 146 19.87 -8.46 -32.32
CA ASN A 146 20.72 -8.34 -31.10
C ASN A 146 20.98 -6.93 -30.62
N THR A 147 20.62 -5.95 -31.44
CA THR A 147 20.82 -4.55 -31.09
C THR A 147 19.56 -4.04 -30.39
N ILE A 148 19.66 -3.84 -29.07
CA ILE A 148 18.53 -3.43 -28.22
C ILE A 148 18.51 -1.94 -27.97
N TYR A 149 17.40 -1.27 -28.26
CA TYR A 149 17.27 0.17 -28.01
C TYR A 149 16.33 0.46 -26.85
N SER A 150 15.35 -0.38 -26.58
CA SER A 150 14.54 -0.11 -25.38
C SER A 150 13.98 -1.36 -24.75
N ILE A 151 14.00 -1.37 -23.42
CA ILE A 151 13.38 -2.40 -22.64
C ILE A 151 12.55 -1.78 -21.57
N ILE A 152 11.33 -2.24 -21.40
CA ILE A 152 10.56 -1.84 -20.23
C ILE A 152 9.93 -3.04 -19.59
N ARG A 153 9.51 -2.86 -18.35
CA ARG A 153 8.83 -3.91 -17.58
C ARG A 153 7.52 -3.39 -17.06
N THR A 154 6.45 -4.10 -17.39
CA THR A 154 5.10 -3.62 -17.08
C THR A 154 4.70 -4.03 -15.68
N LYS A 155 3.66 -3.40 -15.14
CA LYS A 155 3.24 -3.65 -13.76
C LYS A 155 2.81 -5.08 -13.58
N ASP A 156 2.33 -5.70 -14.66
CA ASP A 156 2.03 -7.14 -14.65
C ASP A 156 3.28 -8.01 -14.88
N ASN A 157 4.45 -7.42 -14.66
CA ASN A 157 5.74 -8.14 -14.65
C ASN A 157 6.20 -8.79 -15.96
N GLN A 158 5.72 -8.25 -17.07
CA GLN A 158 6.20 -8.64 -18.37
C GLN A 158 7.26 -7.67 -18.86
N ILE A 159 8.09 -8.17 -19.76
CA ILE A 159 9.30 -7.49 -20.23
C ILE A 159 9.22 -7.25 -21.72
N TYR A 160 9.21 -5.99 -22.13
CA TYR A 160 9.11 -5.66 -23.55
C TYR A 160 10.47 -5.20 -24.06
N VAL A 161 10.84 -5.69 -25.25
CA VAL A 161 12.15 -5.44 -25.83
C VAL A 161 12.08 -4.91 -27.27
N GLY A 162 12.62 -3.71 -27.46
CA GLY A 162 12.54 -2.98 -28.74
C GLY A 162 13.91 -2.91 -29.37
N THR A 163 14.04 -3.45 -30.56
CA THR A 163 15.33 -3.66 -31.18
C THR A 163 15.45 -2.85 -32.45
N TYR A 164 16.62 -2.98 -33.07
CA TYR A 164 16.90 -2.44 -34.38
C TYR A 164 15.88 -2.92 -35.40
N ASN A 165 15.33 -4.12 -35.21
CA ASN A 165 14.42 -4.69 -36.19
C ASN A 165 13.21 -5.40 -35.55
N GLY A 166 12.44 -4.65 -34.78
CA GLY A 166 11.19 -5.13 -34.26
C GLY A 166 11.09 -5.13 -32.75
N LEU A 167 9.86 -5.33 -32.29
CA LEU A 167 9.49 -5.33 -30.90
C LEU A 167 9.09 -6.75 -30.50
N CYS A 168 9.41 -7.14 -29.27
CA CYS A 168 9.02 -8.47 -28.81
C CYS A 168 8.80 -8.52 -27.31
N ARG A 169 8.34 -9.67 -26.84
CA ARG A 169 8.05 -9.88 -25.44
C ARG A 169 8.66 -11.19 -24.97
N TYR A 170 9.13 -11.19 -23.73
CA TYR A 170 9.79 -12.34 -23.16
C TYR A 170 8.78 -13.39 -22.65
N ILE A 171 9.09 -14.69 -22.84
CA ILE A 171 8.27 -15.84 -22.40
C ILE A 171 9.09 -16.59 -21.35
N PRO A 172 8.87 -16.27 -20.06
CA PRO A 172 9.74 -16.85 -19.03
C PRO A 172 9.59 -18.36 -18.86
N SER A 173 8.42 -18.88 -19.19
CA SER A 173 8.19 -20.31 -19.12
C SER A 173 9.27 -21.08 -19.89
N ASN A 174 9.74 -20.53 -21.01
CA ASN A 174 10.66 -21.26 -21.90
C ASN A 174 11.83 -20.44 -22.48
N GLY A 175 12.15 -19.32 -21.84
CA GLY A 175 13.31 -18.51 -22.23
C GLY A 175 13.30 -17.79 -23.59
N LYS A 176 12.20 -17.87 -24.32
CA LYS A 176 12.17 -17.32 -25.67
C LYS A 176 11.43 -15.97 -25.73
N PHE A 177 11.43 -15.38 -26.92
CA PHE A 177 10.84 -14.07 -27.11
C PHE A 177 9.79 -14.16 -28.20
N GLU A 178 8.67 -13.50 -27.95
CA GLU A 178 7.47 -13.60 -28.76
C GLU A 178 7.38 -12.27 -29.49
N GLY A 179 7.35 -12.30 -30.82
CA GLY A 179 7.25 -11.06 -31.59
C GLY A 179 5.91 -10.37 -31.37
N ILE A 180 5.91 -9.04 -31.42
CA ILE A 180 4.68 -8.28 -31.50
C ILE A 180 4.73 -7.66 -32.87
N PRO A 181 3.86 -8.14 -33.76
CA PRO A 181 3.99 -7.87 -35.17
C PRO A 181 3.61 -6.44 -35.55
N LEU A 182 4.45 -5.46 -35.23
CA LEU A 182 4.24 -4.09 -35.71
C LEU A 182 4.36 -4.13 -37.24
N PRO A 183 3.58 -3.29 -37.94
CA PRO A 183 3.68 -3.13 -39.38
C PRO A 183 5.10 -2.99 -39.92
N VAL A 184 5.31 -3.59 -41.08
CA VAL A 184 6.57 -3.53 -41.81
C VAL A 184 6.40 -2.56 -42.96
N HIS A 185 7.29 -1.58 -43.08
CA HIS A 185 7.05 -0.47 -44.00
C HIS A 185 7.91 -0.51 -45.25
N SER A 186 7.33 -0.20 -46.40
CA SER A 186 8.11 -0.16 -47.64
C SER A 186 9.28 0.83 -47.55
N SER A 187 9.03 2.07 -47.19
CA SER A 187 10.10 3.07 -46.98
C SER A 187 11.25 2.64 -46.05
N GLN A 188 10.96 1.73 -45.12
CA GLN A 188 11.93 1.21 -44.15
C GLN A 188 12.59 -0.08 -44.64
N SER A 189 13.86 -0.28 -44.28
CA SER A 189 14.52 -1.57 -44.51
C SER A 189 14.84 -2.27 -43.18
N ASN A 190 14.57 -1.59 -42.07
CA ASN A 190 14.46 -2.25 -40.81
C ASN A 190 13.52 -1.52 -39.82
N LEU A 191 13.06 -2.21 -38.78
CA LEU A 191 12.06 -1.64 -37.88
C LEU A 191 12.60 -1.19 -36.51
N PHE A 192 13.08 0.05 -36.47
CA PHE A 192 13.55 0.68 -35.24
C PHE A 192 12.38 0.77 -34.28
N VAL A 193 12.54 0.16 -33.11
CA VAL A 193 11.75 0.53 -31.96
C VAL A 193 12.68 1.29 -31.01
N ASN A 194 12.46 2.61 -30.93
CA ASN A 194 13.33 3.54 -30.21
C ASN A 194 12.97 3.74 -28.76
N SER A 195 11.68 3.75 -28.48
CA SER A 195 11.19 4.11 -27.15
C SER A 195 9.93 3.33 -26.81
N LEU A 196 9.72 3.09 -25.52
CA LEU A 196 8.59 2.29 -25.07
C LEU A 196 8.07 2.79 -23.75
N LEU A 197 6.77 3.01 -23.62
CA LEU A 197 6.21 3.48 -22.36
C LEU A 197 4.94 2.74 -21.99
N GLU A 198 4.86 2.31 -20.74
CA GLU A 198 3.62 1.79 -20.18
C GLU A 198 2.68 2.92 -19.77
N ASP A 199 1.40 2.76 -20.11
CA ASP A 199 0.32 3.69 -19.78
C ASP A 199 -0.78 2.90 -19.03
N THR A 200 -0.68 2.88 -17.72
CA THR A 200 -1.70 2.31 -16.84
C THR A 200 -3.12 2.74 -17.13
N THR A 201 -3.33 4.03 -17.33
CA THR A 201 -4.68 4.58 -17.47
C THR A 201 -5.29 4.16 -18.79
N ARG A 202 -4.59 4.38 -19.88
CA ARG A 202 -5.06 3.94 -21.20
C ARG A 202 -4.85 2.45 -21.41
N GLN A 203 -4.07 1.86 -20.50
CA GLN A 203 -3.80 0.42 -20.45
C GLN A 203 -3.14 -0.06 -21.73
N CYS A 204 -2.08 0.62 -22.12
CA CYS A 204 -1.40 0.24 -23.34
C CYS A 204 0.10 0.30 -23.09
N VAL A 205 0.84 -0.13 -24.10
CA VAL A 205 2.22 0.25 -24.22
C VAL A 205 2.38 1.13 -25.45
N TRP A 206 2.86 2.34 -25.23
CA TRP A 206 3.21 3.25 -26.32
C TRP A 206 4.49 2.82 -26.97
N ILE A 207 4.55 2.89 -28.29
CA ILE A 207 5.72 2.46 -29.03
C ILE A 207 6.12 3.54 -29.99
N GLY A 208 7.39 3.96 -29.89
CA GLY A 208 7.90 5.01 -30.80
C GLY A 208 8.87 4.44 -31.81
N THR A 209 8.58 4.69 -33.09
CA THR A 209 9.41 4.19 -34.19
C THR A 209 9.77 5.31 -35.20
N GLU A 210 10.25 4.92 -36.38
CA GLU A 210 10.47 5.90 -37.43
C GLU A 210 9.12 6.14 -38.07
N GLY A 211 8.62 7.36 -37.94
CA GLY A 211 7.36 7.74 -38.56
C GLY A 211 6.07 7.46 -37.84
N TYR A 212 6.04 6.51 -36.92
CA TYR A 212 4.76 6.04 -36.44
C TYR A 212 4.83 5.96 -34.95
N LEU A 213 3.72 6.35 -34.29
CA LEU A 213 3.52 6.19 -32.86
C LEU A 213 2.41 5.20 -32.64
N PHE A 214 2.73 4.05 -32.07
CA PHE A 214 1.73 3.00 -31.87
C PHE A 214 1.26 2.90 -30.43
N GLN A 215 0.04 2.39 -30.30
CA GLN A 215 -0.49 1.96 -29.04
C GLN A 215 -0.71 0.46 -29.10
N TYR A 216 0.05 -0.28 -28.30
CA TYR A 216 -0.16 -1.73 -28.15
C TYR A 216 -0.95 -1.99 -26.92
N PHE A 217 -2.02 -2.78 -27.08
CA PHE A 217 -2.87 -3.23 -25.98
C PHE A 217 -2.70 -4.72 -25.69
N PRO A 218 -2.09 -5.05 -24.53
CA PRO A 218 -1.87 -6.46 -24.17
C PRO A 218 -3.16 -7.22 -24.04
N SER A 219 -4.20 -6.52 -23.61
CA SER A 219 -5.46 -7.15 -23.26
C SER A 219 -6.10 -7.91 -24.39
N THR A 220 -5.88 -7.46 -25.61
CA THR A 220 -6.53 -8.02 -26.78
C THR A 220 -5.58 -8.30 -27.96
N GLY A 221 -4.36 -7.78 -27.86
CA GLY A 221 -3.38 -7.89 -28.95
C GLY A 221 -3.39 -6.74 -29.94
N GLN A 222 -4.29 -5.77 -29.79
CA GLN A 222 -4.46 -4.74 -30.79
C GLN A 222 -3.24 -3.84 -30.84
N ILE A 223 -2.89 -3.42 -32.06
CA ILE A 223 -1.79 -2.51 -32.31
C ILE A 223 -2.38 -1.30 -33.05
N LYS A 224 -2.70 -0.26 -32.30
CA LYS A 224 -3.34 0.93 -32.85
C LYS A 224 -2.23 1.84 -33.37
N GLN A 225 -2.42 2.41 -34.56
CA GLN A 225 -1.50 3.38 -35.11
C GLN A 225 -2.03 4.74 -34.75
N THR A 226 -1.54 5.32 -33.68
CA THR A 226 -2.13 6.53 -33.16
C THR A 226 -1.75 7.76 -33.96
N GLU A 227 -0.49 7.91 -34.32
CA GLU A 227 -0.10 9.02 -35.22
C GLU A 227 0.92 8.59 -36.25
N ALA A 228 1.03 9.41 -37.29
CA ALA A 228 1.99 9.23 -38.36
C ALA A 228 2.68 10.58 -38.59
N PHE A 229 3.94 10.67 -38.20
CA PHE A 229 4.73 11.87 -38.30
C PHE A 229 5.66 11.60 -39.46
N HIS A 230 5.31 12.11 -40.64
CA HIS A 230 6.01 11.84 -41.91
C HIS A 230 7.39 12.41 -41.85
N ASN A 231 8.39 11.52 -41.99
CA ASN A 231 9.81 11.86 -41.84
C ASN A 231 10.28 12.42 -40.52
N ASN A 232 9.56 12.14 -39.44
CA ASN A 232 10.15 12.29 -38.11
C ASN A 232 10.48 10.94 -37.53
N SER A 233 11.26 10.97 -36.48
CA SER A 233 11.60 9.79 -35.71
C SER A 233 11.10 10.05 -34.32
N ILE A 234 10.49 9.07 -33.66
CA ILE A 234 10.11 9.26 -32.27
C ILE A 234 11.17 8.66 -31.37
N LYS A 235 11.82 9.50 -30.61
CA LYS A 235 12.97 9.08 -29.80
C LYS A 235 12.67 8.90 -28.31
N SER A 236 11.59 9.51 -27.81
CA SER A 236 11.30 9.41 -26.39
C SER A 236 9.81 9.61 -26.06
N LEU A 237 9.40 9.09 -24.91
CA LEU A 237 8.00 9.04 -24.50
C LEU A 237 7.80 9.27 -23.01
N ALA A 238 6.74 9.96 -22.63
CA ALA A 238 6.43 10.16 -21.20
C ALA A 238 5.03 10.62 -21.00
N LEU A 239 4.48 10.34 -19.82
CA LEU A 239 3.16 10.80 -19.45
C LEU A 239 3.32 12.01 -18.56
N ASP A 240 2.52 13.04 -18.79
CA ASP A 240 2.65 14.26 -18.00
C ASP A 240 1.61 14.28 -16.87
N GLY A 241 1.68 15.28 -16.00
CA GLY A 241 0.79 15.40 -14.86
C GLY A 241 -0.70 15.35 -15.20
N ASN A 242 -1.02 15.78 -16.42
CA ASN A 242 -2.42 15.74 -16.91
C ASN A 242 -2.83 14.40 -17.49
N GLY A 243 -1.91 13.44 -17.47
CA GLY A 243 -2.14 12.13 -18.07
C GLY A 243 -1.86 12.07 -19.56
N ASP A 244 -1.40 13.18 -20.15
CA ASP A 244 -1.18 13.28 -21.61
C ASP A 244 0.13 12.62 -22.05
N LEU A 245 0.09 12.03 -23.23
CA LEU A 245 1.29 11.40 -23.80
C LEU A 245 2.16 12.44 -24.46
N LEU A 246 3.45 12.44 -24.13
CA LEU A 246 4.44 13.35 -24.68
C LEU A 246 5.40 12.56 -25.51
N ALA A 247 5.58 12.97 -26.77
CA ALA A 247 6.46 12.28 -27.73
C ALA A 247 7.61 13.16 -28.18
N GLY A 248 8.83 12.78 -27.84
CA GLY A 248 10.00 13.51 -28.25
C GLY A 248 10.47 13.01 -29.59
N THR A 249 10.71 13.91 -30.53
CA THR A 249 11.08 13.52 -31.88
C THR A 249 12.28 14.31 -32.36
N ASP A 250 12.64 14.15 -33.62
CA ASP A 250 13.78 14.89 -34.20
C ASP A 250 13.27 16.21 -34.79
N ASN A 251 11.97 16.46 -34.63
CA ASN A 251 11.35 17.72 -34.99
C ASN A 251 10.33 18.16 -33.94
N GLY A 252 10.81 18.28 -32.71
CA GLY A 252 10.08 18.94 -31.66
C GLY A 252 9.24 17.98 -30.89
N LEU A 253 8.33 18.51 -30.08
CA LEU A 253 7.57 17.75 -29.11
C LEU A 253 6.13 17.73 -29.54
N TYR A 254 5.51 16.55 -29.44
CA TYR A 254 4.09 16.40 -29.71
C TYR A 254 3.41 15.94 -28.42
N VAL A 255 2.22 16.48 -28.17
CA VAL A 255 1.43 16.16 -26.98
C VAL A 255 0.08 15.60 -27.43
N TYR A 256 -0.29 14.45 -26.86
CA TYR A 256 -1.53 13.75 -27.18
C TYR A 256 -2.46 13.71 -25.96
N HIS A 257 -3.73 14.04 -26.17
CA HIS A 257 -4.76 13.97 -25.12
C HIS A 257 -5.74 12.85 -25.43
N ASN A 258 -6.35 12.90 -26.61
CA ASN A 258 -7.24 11.81 -27.03
C ASN A 258 -7.57 11.92 -28.49
N ASP A 259 -8.23 10.91 -29.04
CA ASP A 259 -8.47 10.86 -30.48
C ASP A 259 -9.16 12.09 -31.11
N THR A 260 -10.05 12.76 -30.38
CA THR A 260 -10.73 13.94 -30.89
C THR A 260 -10.05 15.27 -30.53
N THR A 261 -9.00 15.25 -29.71
CA THR A 261 -8.28 16.48 -29.40
C THR A 261 -7.07 16.64 -30.32
N PRO A 262 -6.95 17.77 -31.02
CA PRO A 262 -5.77 18.02 -31.84
C PRO A 262 -4.49 17.87 -31.05
N LEU A 263 -3.43 17.41 -31.69
CA LEU A 263 -2.12 17.35 -31.07
C LEU A 263 -1.59 18.75 -30.85
N GLN A 264 -0.73 18.90 -29.84
CA GLN A 264 0.05 20.10 -29.70
C GLN A 264 1.42 19.81 -30.27
N HIS A 265 1.92 20.69 -31.14
CA HIS A 265 3.26 20.54 -31.66
C HIS A 265 4.11 21.73 -31.30
N ILE A 266 5.10 21.50 -30.42
CA ILE A 266 5.94 22.56 -29.84
C ILE A 266 7.35 22.51 -30.39
N ILE A 267 7.82 23.63 -30.93
CA ILE A 267 9.13 23.66 -31.54
C ILE A 267 9.95 24.86 -31.11
N HIS A 268 11.27 24.72 -31.25
CA HIS A 268 12.24 25.79 -31.02
C HIS A 268 11.93 27.00 -31.85
N ASP A 269 12.06 28.17 -31.20
CA ASP A 269 12.14 29.46 -31.88
C ASP A 269 13.53 30.01 -31.62
N SER A 270 14.32 30.14 -32.68
CA SER A 270 15.66 30.67 -32.58
C SER A 270 15.71 32.13 -32.11
N ARG A 271 14.57 32.83 -32.15
CA ARG A 271 14.48 34.21 -31.69
C ARG A 271 13.91 34.35 -30.29
N ASN A 272 13.43 33.26 -29.72
CA ASN A 272 12.87 33.27 -28.38
C ASN A 272 13.63 32.38 -27.39
N ILE A 273 14.24 33.02 -26.40
CA ILE A 273 15.04 32.32 -25.38
C ILE A 273 14.26 31.45 -24.39
N GLN A 274 12.93 31.57 -24.38
CA GLN A 274 12.07 30.75 -23.52
C GLN A 274 11.49 29.57 -24.29
N SER A 275 11.83 29.46 -25.57
CA SER A 275 11.28 28.37 -26.40
C SER A 275 12.05 27.07 -26.15
N LEU A 276 11.46 25.96 -26.58
CA LEU A 276 12.09 24.63 -26.51
C LEU A 276 13.52 24.78 -26.98
N THR A 277 14.48 24.32 -26.17
CA THR A 277 15.89 24.62 -26.43
C THR A 277 16.36 24.10 -27.78
N ASN A 278 15.84 22.95 -28.21
CA ASN A 278 16.27 22.27 -29.43
C ASN A 278 15.18 21.30 -29.91
N ASN A 279 15.10 21.06 -31.21
CA ASN A 279 14.02 20.22 -31.78
C ASN A 279 14.25 18.69 -31.75
N ILE A 280 15.47 18.25 -31.42
CA ILE A 280 15.74 16.83 -31.28
C ILE A 280 15.69 16.49 -29.78
N ILE A 281 14.68 15.73 -29.38
CA ILE A 281 14.45 15.33 -27.99
C ILE A 281 14.78 13.86 -27.77
N TRP A 282 15.92 13.62 -27.16
CA TRP A 282 16.44 12.26 -26.86
C TRP A 282 15.79 11.61 -25.70
N ASN A 283 15.25 12.43 -24.79
CA ASN A 283 14.63 11.92 -23.58
C ASN A 283 13.71 12.92 -22.93
N ILE A 284 12.55 12.46 -22.49
CA ILE A 284 11.62 13.22 -21.65
C ILE A 284 11.54 12.50 -20.33
N PHE A 285 11.43 13.22 -19.23
CA PHE A 285 11.26 12.63 -17.90
C PHE A 285 10.28 13.44 -17.07
N ALA A 286 9.31 12.75 -16.46
CA ALA A 286 8.40 13.35 -15.47
C ALA A 286 9.04 13.14 -14.14
N ASP A 287 9.33 14.23 -13.43
CA ASP A 287 9.99 14.13 -12.13
C ASP A 287 8.93 13.86 -11.09
N GLN A 288 9.30 13.69 -9.82
CA GLN A 288 8.30 13.25 -8.83
C GLN A 288 7.26 14.33 -8.51
N GLU A 289 7.50 15.59 -8.87
CA GLU A 289 6.50 16.66 -8.68
C GLU A 289 5.81 16.97 -10.00
N HIS A 290 5.89 16.02 -10.94
CA HIS A 290 5.27 16.13 -12.27
C HIS A 290 5.83 17.19 -13.18
N ASN A 291 6.95 17.82 -12.84
CA ASN A 291 7.62 18.73 -13.80
C ASN A 291 8.20 17.90 -14.92
N ILE A 292 8.18 18.43 -16.15
CA ILE A 292 8.69 17.71 -17.32
C ILE A 292 10.07 18.19 -17.74
N TRP A 293 11.04 17.28 -17.72
CA TRP A 293 12.41 17.57 -18.13
C TRP A 293 12.64 17.03 -19.50
N LEU A 294 13.01 17.89 -20.44
CA LEU A 294 13.29 17.48 -21.79
C LEU A 294 14.78 17.53 -22.07
N GLY A 295 15.33 16.42 -22.54
CA GLY A 295 16.75 16.33 -22.91
C GLY A 295 16.95 16.39 -24.42
N THR A 296 17.78 17.33 -24.88
CA THR A 296 17.91 17.56 -26.32
C THR A 296 19.35 17.54 -26.84
N ASP A 297 19.47 17.79 -28.15
CA ASP A 297 20.77 17.91 -28.84
C ASP A 297 21.50 19.22 -28.51
N TYR A 298 20.80 20.16 -27.87
CA TYR A 298 21.44 21.33 -27.32
C TYR A 298 20.72 21.77 -26.03
N GLY A 299 20.96 21.05 -24.94
CA GLY A 299 20.50 21.50 -23.61
C GLY A 299 19.24 20.86 -23.01
N ILE A 300 18.80 21.42 -21.89
CA ILE A 300 17.64 20.92 -21.15
C ILE A 300 16.55 21.98 -21.16
N SER A 301 15.32 21.54 -21.37
CA SER A 301 14.17 22.43 -21.27
C SER A 301 13.29 21.87 -20.17
N LEU A 302 13.14 22.65 -19.11
CA LEU A 302 12.28 22.28 -17.98
C LEU A 302 10.92 22.95 -18.12
N SER A 303 9.87 22.12 -18.12
CA SER A 303 8.52 22.64 -18.04
C SER A 303 7.97 22.39 -16.65
N ARG A 304 7.78 23.48 -15.91
CA ARG A 304 7.32 23.38 -14.54
C ARG A 304 5.86 23.02 -14.53
N TYR A 305 5.51 22.04 -13.69
CA TYR A 305 4.13 21.77 -13.29
C TYR A 305 3.66 22.79 -12.28
N ASN A 306 2.37 23.10 -12.34
CA ASN A 306 1.80 24.17 -11.51
C ASN A 306 0.40 23.84 -11.00
N SER A 307 0.25 23.69 -9.68
CA SER A 307 -1.07 23.43 -9.11
C SER A 307 -1.40 24.39 -7.95
N LEU A 309 -3.76 22.97 -5.78
CA LEU A 309 -3.48 22.80 -4.35
C LEU A 309 -2.60 21.59 -4.08
N GLN A 310 -1.89 21.64 -2.95
CA GLN A 310 -1.21 20.48 -2.46
C GLN A 310 -2.31 19.53 -2.01
N PHE A 311 -2.19 18.26 -2.37
CA PHE A 311 -3.10 17.22 -1.90
C PHE A 311 -2.33 16.14 -1.20
N ILE A 312 -2.65 15.93 0.07
CA ILE A 312 -1.92 15.01 0.90
C ILE A 312 -2.76 13.76 1.08
N PRO A 313 -2.33 12.63 0.49
CA PRO A 313 -3.04 11.37 0.76
C PRO A 313 -2.79 10.90 2.18
N ILE A 314 -3.76 10.22 2.77
CA ILE A 314 -3.65 9.81 4.17
C ILE A 314 -2.52 8.85 4.46
N SER A 315 -2.01 8.14 3.45
CA SER A 315 -0.88 7.26 3.67
C SER A 315 0.37 8.06 4.09
N GLN A 316 0.44 9.31 3.64
CA GLN A 316 1.54 10.18 4.04
C GLN A 316 1.50 10.50 5.54
N ILE A 317 0.29 10.45 6.13
CA ILE A 317 0.13 10.73 7.56
C ILE A 317 0.27 9.46 8.40
N THR A 318 -0.31 8.36 7.92
CA THR A 318 -0.01 7.00 8.39
C THR A 318 -0.15 6.13 7.19
N GLY A 319 0.93 5.45 6.81
CA GLY A 319 0.88 4.60 5.64
C GLY A 319 1.28 3.21 6.05
N THR A 320 0.37 2.24 6.20
CA THR A 320 -1.12 2.30 6.10
C THR A 320 -1.74 2.89 4.85
N GLY A 321 -2.31 2.01 4.03
CA GLY A 321 -3.00 2.43 2.82
C GLY A 321 -4.51 2.41 3.00
N ASP A 322 -4.98 2.42 4.23
CA ASP A 322 -6.42 2.40 4.47
C ASP A 322 -7.04 3.71 3.99
N GLY A 323 -8.34 3.67 3.70
CA GLY A 323 -9.05 4.82 3.13
C GLY A 323 -9.88 5.54 4.17
N ASN A 324 -10.36 6.72 3.80
CA ASN A 324 -11.30 7.46 4.61
C ASN A 324 -11.89 8.60 3.78
N GLN A 325 -13.18 8.84 3.91
CA GLN A 325 -13.82 10.00 3.29
C GLN A 325 -14.06 11.00 4.40
N PHE A 326 -13.38 12.15 4.35
CA PHE A 326 -13.38 13.08 5.48
C PHE A 326 -14.56 14.02 5.51
N TYR A 327 -15.30 13.99 6.62
CA TYR A 327 -16.49 14.82 6.81
C TYR A 327 -16.35 15.81 7.97
N SER A 328 -15.40 15.60 8.84
CA SER A 328 -15.15 16.55 9.92
C SER A 328 -13.65 16.78 10.07
N LEU A 329 -13.25 18.04 10.00
CA LEU A 329 -11.85 18.43 10.20
C LEU A 329 -11.77 19.45 11.34
N PHE A 330 -10.79 19.34 12.21
CA PHE A 330 -10.76 20.20 13.39
C PHE A 330 -9.34 20.34 13.90
N ARG A 331 -9.00 21.51 14.43
CA ARG A 331 -7.75 21.65 15.18
C ARG A 331 -8.03 22.09 16.61
N ASP A 332 -7.57 21.34 17.58
CA ASP A 332 -7.93 21.66 18.97
C ASP A 332 -6.97 22.70 19.53
N SER A 333 -7.30 23.24 20.70
CA SER A 333 -6.47 24.29 21.29
C SER A 333 -5.08 23.77 21.64
N LYS A 334 -4.96 22.48 21.95
CA LYS A 334 -3.65 21.90 22.25
C LYS A 334 -2.76 21.73 20.99
N GLY A 335 -3.32 21.91 19.79
CA GLY A 335 -2.55 21.79 18.56
C GLY A 335 -2.91 20.61 17.68
N PHE A 336 -3.50 19.56 18.26
CA PHE A 336 -3.79 18.35 17.48
C PHE A 336 -4.81 18.52 16.34
N TYR A 337 -4.54 17.86 15.23
CA TYR A 337 -5.43 17.81 14.09
C TYR A 337 -6.28 16.58 14.23
N TRP A 338 -7.56 16.75 13.96
CA TRP A 338 -8.52 15.68 14.09
C TRP A 338 -9.28 15.56 12.81
N PHE A 339 -8.98 14.54 12.02
CA PHE A 339 -9.59 14.39 10.72
C PHE A 339 -10.37 13.08 10.71
N GLY A 340 -11.70 13.20 10.70
CA GLY A 340 -12.59 12.05 10.76
C GLY A 340 -13.52 11.95 9.57
N GLY A 341 -14.16 10.79 9.43
CA GLY A 341 -15.08 10.57 8.33
C GLY A 341 -15.73 9.20 8.33
N ALA A 342 -15.92 8.63 7.15
CA ALA A 342 -16.56 7.34 7.03
C ALA A 342 -15.83 6.26 7.82
N ASN A 343 -14.50 6.29 7.80
CA ASN A 343 -13.69 5.20 8.36
C ASN A 343 -12.91 5.60 9.61
N GLY A 344 -13.57 6.24 10.56
CA GLY A 344 -12.93 6.60 11.83
C GLY A 344 -12.24 7.95 11.81
N LEU A 345 -11.44 8.18 12.86
CA LEU A 345 -10.96 9.49 13.23
C LEU A 345 -9.45 9.42 13.48
N ILE A 346 -8.69 10.23 12.74
CA ILE A 346 -7.23 10.24 12.82
C ILE A 346 -6.78 11.46 13.58
N ARG A 347 -5.96 11.26 14.60
CA ARG A 347 -5.30 12.35 15.32
C ARG A 347 -3.86 12.42 14.86
N PHE A 348 -3.34 13.62 14.64
CA PHE A 348 -1.96 13.75 14.14
C PHE A 348 -1.51 15.19 14.25
N THR A 349 -0.23 15.40 14.01
CA THR A 349 0.38 16.72 14.05
C THR A 349 1.17 16.87 12.75
N ASP A 350 1.85 18.00 12.59
CA ASP A 350 2.43 18.43 11.31
C ASP A 350 1.76 17.83 10.06
N PRO A 351 0.67 18.47 9.58
CA PRO A 351 -0.03 18.00 8.39
C PRO A 351 0.91 17.70 7.23
N ALA A 352 2.05 18.36 7.17
CA ALA A 352 3.19 17.80 6.42
C ALA A 352 4.21 18.84 5.91
N GLY A 353 5.42 18.82 6.47
CA GLY A 353 5.75 17.99 7.64
C GLY A 353 6.03 16.52 7.43
N GLU A 354 7.00 16.03 8.19
CA GLU A 354 7.60 14.72 7.99
C GLU A 354 6.96 13.71 8.94
N ARG A 355 7.04 14.00 10.23
CA ARG A 355 6.58 13.09 11.26
C ARG A 355 5.21 13.56 11.71
N HIS A 356 4.34 12.60 12.02
CA HIS A 356 2.92 12.92 12.37
C HIS A 356 2.39 12.25 13.63
N ASP A 357 3.11 11.26 14.17
CA ASP A 357 2.68 10.38 15.28
C ASP A 357 1.17 10.20 15.35
N ALA A 358 0.67 9.78 14.20
CA ALA A 358 -0.75 9.62 13.97
C ALA A 358 -1.31 8.45 14.77
N ILE A 359 -2.53 8.63 15.24
CA ILE A 359 -3.34 7.57 15.83
C ILE A 359 -4.66 7.56 15.12
N TRP A 360 -5.12 6.37 14.72
CA TRP A 360 -6.34 6.20 13.98
C TRP A 360 -7.32 5.39 14.76
N TYR A 361 -8.32 6.08 15.32
CA TYR A 361 -9.36 5.44 16.13
C TYR A 361 -10.48 4.92 15.26
N ARG A 362 -10.84 3.65 15.43
CA ARG A 362 -11.94 3.08 14.64
C ARG A 362 -12.48 1.78 15.23
N MET A 363 -13.71 1.46 14.84
CA MET A 363 -14.37 0.21 15.23
C MET A 363 -13.45 -0.99 15.00
N GLY A 364 -13.17 -1.72 16.07
CA GLY A 364 -12.45 -2.98 15.98
C GLY A 364 -10.94 -2.94 16.09
N ASP A 365 -10.34 -1.76 16.31
CA ASP A 365 -8.88 -1.66 16.53
C ASP A 365 -8.54 -2.17 17.92
N LYS A 366 -7.55 -3.05 18.00
CA LYS A 366 -7.09 -3.63 19.27
C LYS A 366 -6.65 -2.59 20.30
N THR A 367 -5.99 -1.54 19.84
CA THR A 367 -5.38 -0.54 20.74
C THR A 367 -6.26 0.71 20.93
N TYR A 368 -6.85 1.19 19.83
CA TYR A 368 -7.53 2.50 19.79
C TYR A 368 -8.96 2.38 19.22
N PRO A 369 -9.92 1.93 20.04
CA PRO A 369 -11.26 1.64 19.50
C PRO A 369 -12.26 2.79 19.57
N LEU A 370 -13.29 2.69 18.74
CA LEU A 370 -14.45 3.57 18.75
C LEU A 370 -15.72 2.74 18.64
N SER A 371 -16.79 3.24 19.25
CA SER A 371 -18.11 2.61 19.20
C SER A 371 -18.64 2.45 17.74
N HIS A 372 -18.19 3.36 16.87
CA HIS A 372 -18.60 3.40 15.45
C HIS A 372 -17.61 4.19 14.60
N ASN A 373 -17.46 3.80 13.34
CA ASN A 373 -16.48 4.44 12.47
C ASN A 373 -16.99 5.80 11.96
N ARG A 374 -18.31 5.92 11.81
CA ARG A 374 -18.87 7.06 11.11
C ARG A 374 -18.89 8.31 11.99
N ILE A 375 -17.98 9.21 11.69
CA ILE A 375 -17.82 10.45 12.41
C ILE A 375 -18.68 11.51 11.72
N ARG A 376 -19.44 12.27 12.49
CA ARG A 376 -20.29 13.32 11.91
C ARG A 376 -19.93 14.70 12.42
N HIS A 377 -19.29 14.81 13.59
CA HIS A 377 -18.87 16.12 14.08
C HIS A 377 -17.84 16.01 15.16
N ILE A 378 -16.91 16.96 15.16
CA ILE A 378 -15.86 17.09 16.18
C ILE A 378 -16.06 18.47 16.81
N TYR A 379 -15.86 18.59 18.11
CA TYR A 379 -16.12 19.84 18.81
C TYR A 379 -15.34 19.93 20.12
N GLU A 380 -14.70 21.08 20.34
CA GLU A 380 -14.04 21.39 21.60
C GLU A 380 -14.96 22.32 22.36
N ASP A 381 -15.07 22.11 23.67
CA ASP A 381 -16.06 22.82 24.49
C ASP A 381 -15.44 23.96 25.31
N LYS A 382 -16.20 24.45 26.28
CA LYS A 382 -15.81 25.63 27.03
C LYS A 382 -14.66 25.35 28.03
N GLU A 383 -14.40 24.07 28.30
CA GLU A 383 -13.31 23.68 29.20
C GLU A 383 -12.18 22.89 28.48
N GLN A 384 -12.07 23.05 27.15
CA GLN A 384 -11.02 22.42 26.32
C GLN A 384 -11.16 20.91 26.20
N GLN A 385 -12.36 20.41 26.46
CA GLN A 385 -12.62 18.97 26.38
C GLN A 385 -13.21 18.67 25.02
N LEU A 386 -12.78 17.56 24.43
CA LEU A 386 -13.01 17.28 23.01
C LEU A 386 -14.14 16.26 22.88
N TRP A 387 -15.14 16.56 22.05
CA TRP A 387 -16.25 15.64 21.82
C TRP A 387 -16.39 15.30 20.37
N ILE A 388 -16.72 14.04 20.09
CA ILE A 388 -17.08 13.64 18.73
C ILE A 388 -18.51 13.07 18.69
N ALA A 389 -19.17 13.29 17.56
CA ALA A 389 -20.50 12.78 17.31
C ALA A 389 -20.39 11.70 16.24
N THR A 390 -20.92 10.52 16.56
CA THR A 390 -20.86 9.35 15.66
C THR A 390 -22.19 8.60 15.54
N ASP A 391 -22.23 7.55 14.72
CA ASP A 391 -23.39 6.66 14.68
C ASP A 391 -23.34 5.55 15.76
N GLY A 392 -22.35 5.64 16.65
CA GLY A 392 -22.35 4.92 17.94
C GLY A 392 -22.30 5.94 19.07
N SER A 393 -23.29 6.82 19.07
CA SER A 393 -23.45 7.85 20.06
C SER A 393 -22.25 8.82 20.13
N ILE A 394 -22.21 9.61 21.21
CA ILE A 394 -21.17 10.62 21.41
C ILE A 394 -20.07 10.11 22.32
N ASN A 395 -18.85 10.58 22.08
CA ASN A 395 -17.70 10.18 22.82
C ASN A 395 -16.95 11.43 23.28
N ARG A 396 -16.17 11.30 24.35
CA ARG A 396 -15.31 12.36 24.81
C ARG A 396 -13.91 11.82 24.90
N TYR A 397 -12.92 12.65 24.55
CA TYR A 397 -11.53 12.22 24.61
C TYR A 397 -10.95 12.41 25.98
N ASP A 398 -10.07 11.48 26.35
CA ASP A 398 -9.31 11.55 27.57
C ASP A 398 -7.87 11.59 27.14
N TYR A 399 -7.36 12.80 26.96
CA TYR A 399 -5.99 12.99 26.49
C TYR A 399 -4.98 12.22 27.35
N ALA A 400 -5.30 12.00 28.62
CA ALA A 400 -4.43 11.26 29.52
C ALA A 400 -4.28 9.83 29.05
N THR A 401 -5.41 9.14 28.88
CA THR A 401 -5.38 7.74 28.50
C THR A 401 -5.19 7.58 27.00
N ARG A 402 -5.40 8.66 26.27
CA ARG A 402 -5.43 8.65 24.80
C ARG A 402 -6.52 7.71 24.25
N GLN A 403 -7.67 7.64 24.95
CA GLN A 403 -8.79 6.77 24.59
C GLN A 403 -10.12 7.53 24.73
N PHE A 404 -11.11 7.15 23.93
CA PHE A 404 -12.43 7.80 23.98
C PHE A 404 -13.34 7.15 25.03
N ILE A 405 -14.22 7.96 25.59
CA ILE A 405 -15.16 7.52 26.59
C ILE A 405 -16.53 7.69 25.95
N HIS A 406 -17.25 6.58 25.82
CA HIS A 406 -18.54 6.49 25.13
C HIS A 406 -19.65 6.71 26.09
N TYR A 407 -20.66 7.46 25.67
CA TYR A 407 -21.87 7.63 26.50
C TYR A 407 -23.12 7.18 25.75
N ASN A 408 -24.07 6.62 26.50
CA ASN A 408 -25.41 6.37 26.00
C ASN A 408 -26.35 7.35 26.65
N ILE A 409 -27.13 8.09 25.86
CA ILE A 409 -28.11 9.01 26.42
C ILE A 409 -29.52 8.61 25.96
N VAL A 410 -30.48 8.71 26.88
CA VAL A 410 -31.89 8.49 26.55
C VAL A 410 -32.72 9.66 27.11
N ASP A 411 -33.92 9.87 26.55
CA ASP A 411 -34.88 10.81 27.15
C ASP A 411 -35.56 10.09 28.32
N ASN A 412 -36.40 10.78 29.08
CA ASN A 412 -37.08 10.15 30.24
C ASN A 412 -37.99 8.93 29.92
N THR A 413 -38.41 8.81 28.66
CA THR A 413 -39.18 7.67 28.15
C THR A 413 -38.34 6.95 27.09
N GLY A 414 -38.98 6.15 26.24
CA GLY A 414 -38.38 5.58 25.03
C GLY A 414 -39.07 6.10 23.77
N THR A 415 -38.57 5.80 22.58
CA THR A 415 -37.18 5.45 22.36
C THR A 415 -36.42 6.73 22.63
N TYR A 416 -36.09 7.50 21.60
CA TYR A 416 -35.29 8.70 21.80
C TYR A 416 -33.99 8.38 22.56
N ASN A 417 -33.00 7.96 21.79
CA ASN A 417 -31.67 7.77 22.30
C ASN A 417 -30.68 8.48 21.37
N THR A 418 -29.41 8.32 21.70
CA THR A 418 -28.39 9.17 21.13
C THR A 418 -27.47 8.42 20.20
N ASN A 419 -27.80 7.16 19.89
CA ASN A 419 -26.95 6.30 19.05
C ASN A 419 -26.49 7.00 17.79
N TRP A 420 -27.39 7.74 17.15
CA TRP A 420 -27.08 8.45 15.91
C TRP A 420 -26.99 9.94 16.14
N THR A 421 -25.80 10.38 16.52
CA THR A 421 -25.58 11.77 16.88
C THR A 421 -24.92 12.48 15.72
N TYR A 422 -25.53 13.61 15.36
CA TYR A 422 -25.16 14.37 14.17
C TYR A 422 -24.40 15.62 14.52
N TYR A 423 -24.69 16.22 15.66
CA TYR A 423 -24.09 17.50 16.00
C TYR A 423 -24.13 17.72 17.51
N ILE A 424 -23.16 18.51 17.99
CA ILE A 424 -22.96 18.73 19.38
C ILE A 424 -22.31 20.09 19.65
N PHE A 425 -22.78 20.78 20.70
CA PHE A 425 -22.09 21.94 21.27
C PHE A 425 -22.48 22.21 22.71
N GLU A 426 -21.67 23.00 23.41
CA GLU A 426 -21.98 23.41 24.77
C GLU A 426 -22.45 24.86 24.81
N ASP A 427 -23.49 25.12 25.61
CA ASP A 427 -24.01 26.47 25.79
C ASP A 427 -23.25 27.21 26.89
N THR A 428 -23.68 28.43 27.22
CA THR A 428 -23.01 29.23 28.27
C THR A 428 -23.47 28.88 29.68
N ALA A 429 -24.40 27.93 29.81
CA ALA A 429 -24.84 27.49 31.15
C ALA A 429 -24.52 26.01 31.35
N GLY A 430 -23.37 25.58 30.86
CA GLY A 430 -22.82 24.28 31.20
C GLY A 430 -23.59 23.06 30.73
N GLN A 431 -24.53 23.24 29.81
CA GLN A 431 -25.28 22.13 29.27
C GLN A 431 -24.79 21.79 27.86
N LEU A 432 -24.97 20.53 27.49
CA LEU A 432 -24.47 20.01 26.25
C LEU A 432 -25.68 19.80 25.34
N TRP A 433 -25.60 20.33 24.13
CA TRP A 433 -26.70 20.22 23.15
C TRP A 433 -26.36 19.19 22.11
N ILE A 434 -27.21 18.18 21.98
CA ILE A 434 -26.90 17.05 21.10
C ILE A 434 -28.03 16.85 20.06
N SER A 435 -27.71 17.01 18.79
CA SER A 435 -28.70 16.75 17.74
C SER A 435 -28.63 15.29 17.32
N THR A 436 -29.75 14.72 16.93
CA THR A 436 -29.85 13.30 16.71
C THR A 436 -30.69 13.01 15.49
N CYS A 437 -30.49 11.81 14.94
CA CYS A 437 -31.36 11.26 13.90
C CYS A 437 -32.31 10.32 14.63
N LEU A 438 -33.63 10.46 14.45
CA LEU A 438 -34.63 9.67 15.16
C LEU A 438 -34.99 10.13 16.58
N GLY A 439 -34.04 10.70 17.33
CA GLY A 439 -34.23 10.96 18.76
C GLY A 439 -34.39 12.43 19.12
N GLY A 440 -34.44 13.29 18.11
CA GLY A 440 -34.63 14.71 18.35
C GLY A 440 -33.37 15.37 18.86
N ILE A 441 -33.54 16.42 19.67
CA ILE A 441 -32.43 17.12 20.29
C ILE A 441 -32.45 16.88 21.79
N PHE A 442 -31.32 16.45 22.34
CA PHE A 442 -31.18 16.31 23.79
C PHE A 442 -30.35 17.47 24.37
N VAL A 443 -30.72 17.91 25.57
CA VAL A 443 -29.89 18.84 26.36
C VAL A 443 -29.53 18.19 27.69
N VAL A 444 -28.24 18.17 28.01
CA VAL A 444 -27.71 17.35 29.10
C VAL A 444 -26.76 18.17 29.99
N ASP A 445 -26.80 17.97 31.32
CA ASP A 445 -25.77 18.58 32.16
C ASP A 445 -24.45 17.95 31.82
N LYS A 446 -23.51 18.78 31.40
CA LYS A 446 -22.21 18.29 30.96
C LYS A 446 -21.42 17.60 32.08
N HIS A 447 -21.39 18.19 33.27
CA HIS A 447 -20.58 17.58 34.33
C HIS A 447 -21.22 16.31 34.86
N LYS A 448 -22.54 16.20 34.76
CA LYS A 448 -23.27 15.13 35.44
C LYS A 448 -23.36 13.91 34.54
N LEU A 449 -22.96 14.05 33.28
CA LEU A 449 -22.86 12.95 32.31
C LEU A 449 -21.43 12.47 32.32
N MET A 450 -20.53 13.43 32.53
CA MET A 450 -19.11 13.17 32.76
C MET A 450 -18.89 12.43 34.09
N GLN A 451 -19.58 12.87 35.15
CA GLN A 451 -19.50 12.24 36.48
C GLN A 451 -20.31 10.95 36.59
N SER A 452 -21.08 10.64 35.54
CA SER A 452 -22.03 9.53 35.62
C SER A 452 -21.38 8.16 35.72
N THR A 453 -21.98 7.33 36.56
CA THR A 453 -21.50 6.00 36.81
C THR A 453 -21.99 5.10 35.68
N SER A 454 -23.23 5.36 35.26
CA SER A 454 -23.96 4.49 34.33
C SER A 454 -25.44 4.88 34.48
N GLY A 455 -26.30 4.54 33.51
CA GLY A 455 -26.07 3.55 32.43
C GLY A 455 -25.24 3.95 31.22
N GLN A 456 -25.81 4.56 30.17
CA GLN A 456 -27.20 5.03 30.04
C GLN A 456 -27.59 6.18 31.00
N TYR A 457 -27.65 7.39 30.44
CA TYR A 457 -27.98 8.60 31.21
C TYR A 457 -29.29 9.21 30.72
N ILE A 458 -30.21 9.46 31.65
CA ILE A 458 -31.50 10.11 31.35
C ILE A 458 -31.30 11.64 31.20
N ALA A 459 -31.54 12.15 29.98
CA ALA A 459 -31.27 13.55 29.66
C ALA A 459 -32.22 14.49 30.41
N GLU A 460 -31.73 15.67 30.77
CA GLU A 460 -32.52 16.67 31.50
C GLU A 460 -33.71 17.17 30.68
N GLN A 461 -33.49 17.42 29.39
CA GLN A 461 -34.56 17.76 28.44
C GLN A 461 -34.36 17.13 27.09
N ASN A 462 -35.45 17.11 26.32
CA ASN A 462 -35.51 16.61 24.95
C ASN A 462 -36.50 17.44 24.14
N TYR A 463 -36.08 17.89 22.96
CA TYR A 463 -36.99 18.55 22.03
C TYR A 463 -37.41 17.55 20.96
N SER A 464 -38.71 17.46 20.70
CA SER A 464 -39.30 16.29 20.03
C SER A 464 -40.03 16.57 18.69
N VAL A 465 -41.21 17.18 18.80
CA VAL A 465 -42.29 17.18 17.77
C VAL A 465 -43.60 16.96 18.52
N HIS A 466 -43.50 16.15 19.58
CA HIS A 466 -44.43 16.23 20.70
C HIS A 466 -43.86 17.36 21.52
N ASN A 467 -44.58 18.48 21.60
CA ASN A 467 -44.07 19.72 22.19
C ASN A 467 -42.84 20.27 21.46
N GLY A 468 -43.03 20.56 20.18
CA GLY A 468 -42.10 21.41 19.46
C GLY A 468 -41.17 20.65 18.54
N LEU A 469 -40.88 21.26 17.40
CA LEU A 469 -39.96 20.74 16.36
C LEU A 469 -40.75 20.23 15.19
N SER A 470 -40.25 20.50 14.00
CA SER A 470 -40.90 20.11 12.74
C SER A 470 -40.57 18.67 12.29
N GLY A 471 -39.85 17.93 13.11
CA GLY A 471 -39.36 16.61 12.74
C GLY A 471 -38.26 16.21 13.70
N MET A 472 -37.82 14.96 13.63
CA MET A 472 -36.83 14.47 14.60
C MET A 472 -35.50 14.10 13.94
N PHE A 473 -35.34 14.53 12.69
CA PHE A 473 -34.27 14.12 11.82
C PHE A 473 -33.44 15.40 11.58
N ILE A 474 -32.62 15.74 12.55
CA ILE A 474 -32.01 17.07 12.54
C ILE A 474 -30.47 17.02 12.49
N ASN A 475 -29.92 17.67 11.47
CA ASN A 475 -28.47 17.68 11.29
C ASN A 475 -27.84 18.68 12.24
N GLN A 476 -27.42 19.84 11.76
CA GLN A 476 -26.79 20.83 12.62
C GLN A 476 -27.77 21.48 13.62
N ILE A 477 -27.26 21.82 14.81
CA ILE A 477 -27.92 22.76 15.72
C ILE A 477 -26.88 23.80 16.14
N ILE A 478 -27.21 25.08 15.95
CA ILE A 478 -26.24 26.18 16.02
C ILE A 478 -26.75 27.33 16.88
N PRO A 479 -25.88 27.89 17.73
CA PRO A 479 -26.32 28.90 18.65
C PRO A 479 -26.08 30.33 18.18
N ASP A 480 -26.66 31.24 18.94
CA ASP A 480 -26.93 32.62 18.57
C ASP A 480 -26.07 33.59 19.37
N ASN A 481 -25.87 34.79 18.85
CA ASN A 481 -25.19 35.79 19.68
C ASN A 481 -26.07 36.18 20.87
N GLU A 482 -27.37 35.94 20.77
CA GLU A 482 -28.31 36.17 21.90
C GLU A 482 -29.02 34.89 22.41
N GLY A 483 -28.36 33.73 22.29
CA GLY A 483 -28.70 32.56 23.10
C GLY A 483 -29.64 31.54 22.47
N ASN A 484 -30.29 31.87 21.35
CA ASN A 484 -31.27 30.96 20.74
C ASN A 484 -30.57 29.82 19.99
N VAL A 485 -31.24 28.69 19.86
CA VAL A 485 -30.65 27.54 19.18
C VAL A 485 -31.42 27.31 17.88
N TRP A 486 -30.71 27.39 16.75
CA TRP A 486 -31.30 27.23 15.42
C TRP A 486 -31.10 25.84 14.93
N VAL A 487 -32.13 25.23 14.38
CA VAL A 487 -32.08 23.81 14.02
C VAL A 487 -32.22 23.59 12.51
N LEU A 488 -31.24 22.94 11.91
CA LEU A 488 -31.31 22.55 10.50
C LEU A 488 -31.93 21.17 10.43
N LEU A 489 -32.98 21.03 9.61
CA LEU A 489 -33.72 19.77 9.51
C LEU A 489 -33.71 19.13 8.11
N TYR A 490 -33.51 17.82 8.13
CA TYR A 490 -33.41 16.97 6.95
C TYR A 490 -34.77 16.85 6.24
N ASN A 491 -34.77 17.10 4.94
CA ASN A 491 -35.98 17.01 4.11
C ASN A 491 -37.17 17.72 4.74
N ASN A 492 -36.97 18.99 5.10
CA ASN A 492 -38.00 19.80 5.78
C ASN A 492 -38.06 21.21 5.21
N LYS A 493 -39.15 21.94 5.50
CA LYS A 493 -39.29 23.32 5.01
C LYS A 493 -38.90 24.32 6.10
N GLY A 494 -37.87 25.12 5.84
CA GLY A 494 -37.37 26.13 6.77
C GLY A 494 -36.56 25.59 7.92
N ILE A 495 -36.26 26.47 8.86
CA ILE A 495 -35.52 26.10 10.05
C ILE A 495 -36.34 26.46 11.28
N ASP A 496 -36.07 25.71 12.35
CA ASP A 496 -36.74 25.91 13.61
C ASP A 496 -35.81 26.70 14.51
N LYS A 497 -36.40 27.58 15.32
CA LYS A 497 -35.67 28.32 16.34
C LYS A 497 -36.25 27.96 17.70
N ILE A 498 -35.39 27.46 18.59
CA ILE A 498 -35.73 27.14 19.99
C ILE A 498 -35.27 28.27 20.88
N ASN A 499 -36.17 28.80 21.71
CA ASN A 499 -35.79 29.72 22.78
C ASN A 499 -35.64 28.90 24.07
N PRO A 500 -34.40 28.61 24.50
CA PRO A 500 -34.19 27.65 25.58
C PRO A 500 -34.63 28.13 26.97
N ARG A 501 -34.86 29.42 27.13
CA ARG A 501 -35.42 29.95 28.36
C ARG A 501 -36.90 29.60 28.53
N THR A 502 -37.70 29.98 27.54
CA THR A 502 -39.14 29.72 27.53
C THR A 502 -39.48 28.35 26.92
N ARG A 503 -38.56 27.83 26.12
CA ARG A 503 -38.72 26.57 25.37
C ARG A 503 -39.56 26.72 24.10
N GLU A 504 -39.85 27.97 23.74
CA GLU A 504 -40.61 28.32 22.53
C GLU A 504 -39.88 27.91 21.24
N VAL A 505 -40.41 26.90 20.55
CA VAL A 505 -39.97 26.52 19.22
C VAL A 505 -40.82 27.20 18.14
N THR A 506 -40.17 27.78 17.13
CA THR A 506 -40.86 28.55 16.10
C THR A 506 -40.25 28.22 14.72
N LYS A 507 -41.08 27.73 13.80
CA LYS A 507 -40.66 27.47 12.42
C LYS A 507 -40.55 28.79 11.69
N LEU A 508 -39.47 28.97 10.93
CA LEU A 508 -39.22 30.23 10.24
C LEU A 508 -38.67 30.03 8.83
N PHE A 509 -38.93 31.00 7.96
CA PHE A 509 -38.41 31.01 6.58
C PHE A 509 -38.83 29.80 5.78
N ALA A 510 -39.99 29.24 6.13
CA ALA A 510 -40.54 28.08 5.44
C ALA A 510 -41.16 28.50 4.12
N ASP A 511 -41.48 29.79 4.00
CA ASP A 511 -41.96 30.34 2.73
C ASP A 511 -40.93 30.18 1.62
N GLU A 512 -39.65 30.37 1.93
CA GLU A 512 -38.60 30.36 0.90
C GLU A 512 -37.79 29.07 0.90
N LEU A 513 -37.33 28.66 2.08
CA LEU A 513 -36.53 27.43 2.20
C LEU A 513 -37.44 26.19 2.12
N THR A 514 -37.91 25.88 0.93
CA THR A 514 -38.88 24.81 0.75
C THR A 514 -38.70 24.25 -0.65
N GLY A 515 -39.14 22.99 -0.83
CA GLY A 515 -39.12 22.35 -2.15
C GLY A 515 -37.71 22.16 -2.69
N GLU A 516 -37.42 22.80 -3.83
CA GLU A 516 -36.08 22.76 -4.43
C GLU A 516 -35.12 23.75 -3.74
N LYS A 517 -35.60 24.50 -2.74
CA LYS A 517 -34.71 25.20 -1.79
C LYS A 517 -34.70 24.59 -0.38
N SER A 518 -35.11 23.33 -0.25
CA SER A 518 -35.04 22.62 1.04
C SER A 518 -33.60 22.67 1.60
N PRO A 519 -33.43 23.24 2.80
CA PRO A 519 -32.09 23.49 3.36
C PRO A 519 -31.37 22.23 3.79
N ASN A 520 -30.05 22.20 3.58
CA ASN A 520 -29.19 21.10 4.07
C ASN A 520 -27.83 21.51 4.67
N TYR A 521 -27.62 22.79 4.98
CA TYR A 521 -26.42 23.21 5.70
C TYR A 521 -26.62 24.48 6.53
N LEU A 522 -25.96 24.55 7.69
CA LEU A 522 -26.08 25.70 8.59
C LEU A 522 -24.78 26.04 9.28
N LEU A 523 -24.41 27.32 9.25
CA LEU A 523 -23.30 27.78 10.08
C LEU A 523 -23.52 29.22 10.50
N CYS A 524 -22.95 29.57 11.66
CA CYS A 524 -22.92 30.94 12.15
C CYS A 524 -21.53 31.50 11.94
N ASP A 525 -21.42 32.76 11.54
CA ASP A 525 -20.12 33.39 11.34
C ASP A 525 -19.70 34.18 12.59
N GLU A 526 -18.51 34.77 12.52
CA GLU A 526 -17.95 35.50 13.65
C GLU A 526 -18.74 36.76 14.01
N ASP A 527 -19.58 37.25 13.10
CA ASP A 527 -20.41 38.44 13.36
C ASP A 527 -21.82 38.12 13.87
N GLY A 528 -22.15 36.84 13.99
CA GLY A 528 -23.44 36.42 14.55
C GLY A 528 -24.52 36.01 13.56
N LEU A 529 -24.21 36.09 12.26
CA LEU A 529 -25.20 35.85 11.20
C LEU A 529 -25.16 34.41 10.71
N LEU A 530 -26.35 33.81 10.53
CA LEU A 530 -26.50 32.44 10.05
C LEU A 530 -26.39 32.38 8.53
N TRP A 531 -25.79 31.33 8.01
CA TRP A 531 -25.67 31.07 6.58
C TRP A 531 -26.25 29.73 6.32
N VAL A 532 -27.31 29.68 5.51
CA VAL A 532 -27.97 28.44 5.20
C VAL A 532 -27.65 28.02 3.77
N GLY A 533 -27.24 26.77 3.59
CA GLY A 533 -26.97 26.21 2.28
C GLY A 533 -28.16 25.41 1.77
N PHE A 534 -28.50 25.61 0.50
CA PHE A 534 -29.49 24.79 -0.17
C PHE A 534 -28.96 24.44 -1.55
N HIS A 535 -29.80 23.76 -2.34
CA HIS A 535 -29.49 23.40 -3.71
C HIS A 535 -29.46 24.59 -4.62
N GLY A 536 -28.26 25.08 -4.87
CA GLY A 536 -28.03 26.14 -5.85
C GLY A 536 -27.82 27.53 -5.29
N GLY A 537 -27.53 27.60 -3.99
CA GLY A 537 -27.39 28.89 -3.33
C GLY A 537 -27.30 28.83 -1.83
N VAL A 538 -27.05 29.99 -1.23
CA VAL A 538 -27.07 30.15 0.23
C VAL A 538 -27.97 31.34 0.60
N MET A 539 -28.29 31.45 1.89
CA MET A 539 -29.05 32.59 2.40
C MET A 539 -28.47 33.05 3.73
N ARG A 540 -28.32 34.37 3.89
CA ARG A 540 -27.75 34.96 5.10
C ARG A 540 -28.86 35.51 5.97
N ILE A 541 -28.86 35.15 7.26
CA ILE A 541 -29.89 35.59 8.19
C ILE A 541 -29.32 36.35 9.39
N ASN A 542 -29.85 37.55 9.68
CA ASN A 542 -29.71 38.17 10.99
C ASN A 542 -30.78 37.51 11.82
N PRO A 543 -30.37 36.78 12.86
CA PRO A 543 -31.34 36.09 13.70
C PRO A 543 -32.42 36.94 14.38
N LYS A 544 -32.20 38.25 14.49
CA LYS A 544 -33.17 39.14 15.16
C LYS A 544 -33.71 40.26 14.27
N ASP A 545 -32.84 41.18 13.90
CA ASP A 545 -33.25 42.40 13.21
C ASP A 545 -33.13 42.27 11.68
N GLU A 546 -33.58 41.13 11.18
CA GLU A 546 -33.69 40.80 9.73
C GLU A 546 -34.28 39.39 9.63
N SER A 547 -34.23 38.83 8.43
CA SER A 547 -34.93 37.59 8.14
C SER A 547 -34.69 37.20 6.69
N GLN A 549 -32.79 36.55 3.24
CA GLN A 549 -32.12 37.07 2.04
C GLN A 549 -31.19 36.05 1.37
N SER A 550 -31.10 36.03 0.03
CA SER A 550 -30.52 34.90 -0.73
C SER A 550 -29.77 35.21 -2.06
N ILE A 551 -28.82 34.34 -2.44
CA ILE A 551 -28.11 34.38 -3.73
C ILE A 551 -28.10 33.00 -4.40
N SER A 552 -27.59 32.91 -5.64
CA SER A 552 -27.62 31.67 -6.43
C SER A 552 -26.39 31.42 -7.30
N PHE A 553 -26.07 30.15 -7.55
CA PHE A 553 -24.93 29.78 -8.41
C PHE A 553 -25.23 29.69 -9.90
N GLY A 554 -26.52 29.63 -10.26
CA GLY A 554 -26.92 29.81 -11.67
C GLY A 554 -27.25 28.55 -12.46
N SER A 555 -26.42 28.22 -13.45
CA SER A 555 -26.66 27.09 -14.34
C SER A 555 -26.22 25.77 -13.72
N PHE A 556 -25.96 25.76 -12.41
CA PHE A 556 -25.24 24.64 -11.75
C PHE A 556 -25.43 24.62 -10.23
N SER A 557 -26.59 24.14 -9.72
CA SER A 557 -27.85 23.82 -10.45
C SER A 557 -27.71 22.91 -11.72
N ASN A 558 -27.43 21.61 -11.56
CA ASN A 558 -27.73 20.82 -10.37
C ASN A 558 -26.93 21.28 -9.15
N ASN A 559 -25.93 20.52 -8.68
CA ASN A 559 -25.25 20.85 -7.39
C ASN A 559 -24.96 19.53 -6.66
N GLU A 560 -24.77 19.47 -5.33
CA GLU A 560 -25.18 20.45 -4.29
C GLU A 560 -24.10 20.76 -3.25
N ILE A 561 -24.52 21.30 -2.10
CA ILE A 561 -23.61 21.78 -1.07
C ILE A 561 -23.08 20.68 -0.13
N LEU A 562 -21.80 20.36 -0.33
CA LEU A 562 -21.13 19.36 0.46
C LEU A 562 -20.63 19.94 1.78
N SER A 563 -20.13 21.18 1.76
CA SER A 563 -19.52 21.77 2.96
C SER A 563 -19.34 23.30 2.90
N MET A 564 -19.46 23.95 4.06
CA MET A 564 -19.28 25.40 4.17
C MET A 564 -18.40 25.73 5.38
N THR A 565 -17.49 26.70 5.24
CA THR A 565 -16.83 27.28 6.41
C THR A 565 -16.39 28.72 6.17
N CYS A 566 -16.29 29.49 7.25
CA CYS A 566 -15.83 30.87 7.19
C CYS A 566 -14.33 30.96 7.06
N VAL A 567 -13.87 31.87 6.21
CA VAL A 567 -12.46 32.16 6.01
C VAL A 567 -12.35 33.69 5.92
N LYS A 568 -11.96 34.31 7.03
CA LYS A 568 -11.83 35.75 7.14
C LYS A 568 -13.18 36.41 6.86
N ASN A 569 -13.26 37.40 5.98
CA ASN A 569 -14.57 37.95 5.60
C ASN A 569 -15.17 37.27 4.37
N SER A 570 -14.80 36.01 4.18
CA SER A 570 -15.42 35.19 3.17
C SER A 570 -16.05 33.97 3.82
N ILE A 571 -16.89 33.32 3.05
CA ILE A 571 -17.39 32.00 3.39
C ILE A 571 -17.12 31.12 2.18
N TRP A 572 -16.44 30.00 2.40
CA TRP A 572 -16.09 29.07 1.35
C TRP A 572 -17.12 28.00 1.35
N VAL A 573 -17.68 27.73 0.18
CA VAL A 573 -18.69 26.71 0.05
C VAL A 573 -18.23 25.68 -0.97
N SER A 574 -18.12 24.42 -0.54
CA SER A 574 -17.69 23.33 -1.40
C SER A 574 -18.90 22.58 -1.98
N THR A 575 -18.79 22.22 -3.24
CA THR A 575 -19.94 21.78 -4.00
C THR A 575 -19.51 20.68 -4.94
N THR A 576 -20.43 19.79 -5.25
CA THR A 576 -20.22 18.79 -6.30
C THR A 576 -19.46 19.37 -7.49
N ASN A 577 -19.98 20.46 -8.05
CA ASN A 577 -19.32 21.10 -9.18
C ASN A 577 -17.90 21.51 -8.76
N GLY A 578 -17.80 22.39 -7.77
CA GLY A 578 -16.54 23.08 -7.48
C GLY A 578 -16.65 23.84 -6.18
N LEU A 579 -15.73 24.79 -6.00
CA LEU A 579 -15.64 25.55 -4.75
C LEU A 579 -16.09 26.98 -5.00
N TRP A 580 -16.85 27.56 -4.07
CA TRP A 580 -17.28 28.95 -4.19
C TRP A 580 -16.83 29.77 -3.01
N ILE A 581 -16.27 30.95 -3.30
CA ILE A 581 -15.88 31.93 -2.30
C ILE A 581 -16.83 33.13 -2.37
N ILE A 582 -17.58 33.34 -1.29
CA ILE A 582 -18.60 34.38 -1.23
C ILE A 582 -18.22 35.40 -0.18
N ASP A 583 -18.11 36.67 -0.56
CA ASP A 583 -17.88 37.75 0.40
C ASP A 583 -19.07 37.86 1.36
N ARG A 584 -18.78 38.04 2.65
CA ARG A 584 -19.80 37.99 3.69
C ARG A 584 -20.66 39.25 3.80
N LYS A 585 -20.22 40.34 3.20
CA LYS A 585 -20.97 41.60 3.26
C LYS A 585 -21.81 41.82 2.03
N THR A 586 -21.20 41.72 0.85
CA THR A 586 -21.91 41.94 -0.43
C THR A 586 -22.64 40.67 -0.93
N MET A 587 -22.18 39.49 -0.50
CA MET A 587 -22.68 38.17 -0.97
C MET A 587 -22.38 37.92 -2.45
N ASP A 588 -21.33 38.56 -2.94
CA ASP A 588 -20.83 38.32 -4.27
C ASP A 588 -20.04 37.03 -4.24
N ALA A 589 -20.29 36.15 -5.22
CA ALA A 589 -19.69 34.81 -5.26
C ALA A 589 -18.76 34.62 -6.45
N ARG A 590 -17.69 33.86 -6.22
CA ARG A 590 -16.73 33.50 -7.25
C ARG A 590 -16.44 31.99 -7.20
N GLN A 591 -16.38 31.34 -8.38
CA GLN A 591 -16.03 29.91 -8.47
C GLN A 591 -14.54 29.72 -8.79
N GLN A 592 -13.93 28.70 -8.19
CA GLN A 592 -12.49 28.40 -8.37
C GLN A 592 -12.25 27.36 -9.49
N ASN A 593 -11.20 26.54 -9.41
CA ASN A 593 -10.93 25.51 -10.46
C ASN A 593 -10.20 24.27 -9.95
N THR A 595 -9.04 21.92 -8.17
CA THR A 595 -8.99 20.82 -9.11
C THR A 595 -10.42 20.34 -9.40
N ASN A 596 -10.55 19.25 -10.16
CA ASN A 596 -11.84 18.60 -10.36
C ASN A 596 -12.23 17.74 -9.16
N LYS A 597 -11.41 17.77 -8.10
CA LYS A 597 -11.74 17.14 -6.82
C LYS A 597 -12.95 17.79 -6.19
N ARG A 598 -13.82 16.97 -5.62
CA ARG A 598 -14.95 17.44 -4.86
C ARG A 598 -14.63 17.22 -3.41
N PHE A 599 -14.96 18.20 -2.56
CA PHE A 599 -14.50 18.19 -1.15
C PHE A 599 -15.65 18.21 -0.12
N THR A 600 -15.69 17.21 0.75
CA THR A 600 -16.83 17.03 1.67
C THR A 600 -16.58 17.61 3.08
N SER A 601 -15.58 18.48 3.23
CA SER A 601 -15.06 18.90 4.54
C SER A 601 -14.21 20.13 4.39
N LEU A 602 -14.27 21.07 5.34
CA LEU A 602 -13.43 22.26 5.24
C LEU A 602 -13.00 22.75 6.61
N LEU A 603 -11.70 22.96 6.81
CA LEU A 603 -11.23 23.60 8.04
C LEU A 603 -10.30 24.75 7.77
N PHE A 604 -10.64 25.91 8.33
CA PHE A 604 -9.77 27.06 8.29
C PHE A 604 -8.91 27.08 9.57
N ASP A 605 -7.59 27.18 9.38
CA ASP A 605 -6.62 27.26 10.47
C ASP A 605 -6.03 28.69 10.52
N PRO A 606 -6.54 29.52 11.43
CA PRO A 606 -6.13 30.93 11.40
C PRO A 606 -4.68 31.14 11.87
N LYS A 607 -4.13 30.16 12.58
CA LYS A 607 -2.77 30.26 13.12
C LYS A 607 -1.75 30.12 12.00
N GLU A 608 -1.86 29.04 11.20
CA GLU A 608 -0.99 28.83 10.03
C GLU A 608 -1.59 29.42 8.76
N ASP A 609 -2.60 30.27 8.87
CA ASP A 609 -3.20 30.99 7.74
C ASP A 609 -3.41 30.10 6.48
N CYS A 610 -4.13 29.01 6.65
CA CYS A 610 -4.37 28.09 5.56
C CYS A 610 -5.69 27.33 5.78
N VAL A 611 -6.14 26.64 4.74
CA VAL A 611 -7.44 26.01 4.73
C VAL A 611 -7.29 24.55 4.31
N TYR A 612 -7.76 23.63 5.14
CA TYR A 612 -7.73 22.21 4.80
C TYR A 612 -9.04 21.80 4.10
N LEU A 613 -8.91 21.08 2.99
CA LEU A 613 -10.04 20.66 2.19
C LEU A 613 -10.11 19.14 2.17
N GLY A 614 -11.05 18.59 2.91
CA GLY A 614 -11.09 17.16 3.15
C GLY A 614 -11.93 16.45 2.12
N GLY A 615 -11.51 15.25 1.75
CA GLY A 615 -12.18 14.48 0.70
C GLY A 615 -11.87 12.98 0.71
N ALA A 616 -11.69 12.42 -0.48
CA ALA A 616 -11.58 10.97 -0.68
C ALA A 616 -10.15 10.53 -0.49
N ASP A 617 -9.93 9.76 0.56
CA ASP A 617 -8.63 9.18 0.86
C ASP A 617 -7.48 10.21 0.92
N GLY A 618 -7.78 11.39 1.47
CA GLY A 618 -6.78 12.45 1.60
C GLY A 618 -7.37 13.82 1.88
N PHE A 619 -6.56 14.87 1.72
CA PHE A 619 -7.01 16.27 1.89
C PHE A 619 -6.10 17.28 1.18
N GLY A 620 -6.67 18.42 0.83
CA GLY A 620 -5.95 19.51 0.18
C GLY A 620 -5.57 20.61 1.17
N ILE A 621 -4.55 21.41 0.81
CA ILE A 621 -4.17 22.61 1.56
C ILE A 621 -3.98 23.78 0.61
N SER A 622 -4.50 24.94 1.01
CA SER A 622 -4.33 26.18 0.27
C SER A 622 -4.33 27.39 1.22
N HIS A 623 -3.65 28.46 0.82
CA HIS A 623 -3.58 29.66 1.63
C HIS A 623 -4.93 30.29 1.68
N SER A 624 -5.12 31.21 2.62
CA SER A 624 -6.42 31.85 2.82
C SER A 624 -6.77 32.71 1.64
N ASN A 625 -5.73 33.17 0.96
CA ASN A 625 -5.93 33.78 -0.32
C ASN A 625 -5.40 32.82 -1.38
N LEU A 626 -6.33 32.11 -2.04
CA LEU A 626 -5.97 31.05 -3.00
C LEU A 626 -5.25 31.61 -4.24
N GLU A 627 -4.47 32.67 -4.03
CA GLU A 627 -3.73 33.30 -5.08
C GLU A 627 -2.29 33.47 -4.60
N ALA A 628 -1.45 32.42 -4.70
CA ALA A 628 -1.76 31.13 -5.34
C ALA A 628 -1.47 29.86 -4.48
N THR A 629 -0.55 28.99 -4.94
CA THR A 629 -0.39 27.61 -4.42
C THR A 629 0.30 27.51 -3.05
N TYR A 630 -0.06 26.48 -2.28
CA TYR A 630 0.52 26.25 -0.96
C TYR A 630 1.75 25.38 -1.14
N GLN A 631 2.92 26.00 -1.18
CA GLN A 631 4.15 25.24 -1.45
C GLN A 631 4.44 24.30 -0.27
N PRO A 632 4.80 23.03 -0.55
CA PRO A 632 5.16 22.10 0.51
C PRO A 632 6.50 22.49 1.12
N GLU A 633 6.73 22.12 2.38
CA GLU A 633 8.00 22.40 3.05
C GLU A 633 9.08 21.55 2.37
N ARG A 634 10.23 22.15 2.06
CA ARG A 634 11.36 21.41 1.42
C ARG A 634 12.63 21.50 2.29
N PRO A 635 13.22 20.35 2.64
CA PRO A 635 14.44 20.47 3.41
C PRO A 635 15.52 21.21 2.62
N ILE A 636 16.42 21.86 3.34
CA ILE A 636 17.57 22.53 2.74
C ILE A 636 18.71 21.52 2.59
N LEU A 637 19.31 21.46 1.40
CA LEU A 637 20.49 20.65 1.18
C LEU A 637 21.68 21.55 1.05
N LEU A 638 22.83 21.05 1.50
CA LEU A 638 24.12 21.56 1.06
C LEU A 638 24.54 20.75 -0.18
N THR A 639 24.84 21.42 -1.28
CA THR A 639 25.08 20.75 -2.54
C THR A 639 26.48 20.98 -3.12
N ALA A 640 27.31 21.72 -2.40
CA ALA A 640 28.68 21.94 -2.78
C ALA A 640 29.50 22.49 -1.62
N LEU A 641 30.67 21.90 -1.39
CA LEU A 641 31.68 22.47 -0.50
C LEU A 641 32.85 22.93 -1.34
N TYR A 642 33.34 24.13 -1.09
CA TYR A 642 34.58 24.63 -1.68
C TYR A 642 35.58 24.92 -0.57
N ILE A 643 36.81 24.44 -0.72
CA ILE A 643 37.90 24.85 0.17
C ILE A 643 38.87 25.62 -0.70
N ASN A 644 39.46 26.67 -0.14
CA ASN A 644 40.32 27.60 -0.89
C ASN A 644 39.86 27.71 -2.34
N ASN A 645 38.55 27.93 -2.51
CA ASN A 645 37.97 28.24 -3.79
C ASN A 645 37.80 27.07 -4.77
N GLN A 646 38.57 25.99 -4.61
CA GLN A 646 38.36 24.77 -5.39
C GLN A 646 37.14 24.00 -4.89
N LEU A 647 36.33 23.44 -5.78
CA LEU A 647 35.22 22.60 -5.36
C LEU A 647 35.77 21.26 -4.93
N VAL A 648 35.41 20.78 -3.74
CA VAL A 648 35.98 19.53 -3.20
C VAL A 648 34.92 18.51 -2.76
N SER A 649 35.28 17.23 -2.89
CA SER A 649 34.35 16.11 -2.68
C SER A 649 35.12 14.79 -2.68
N PRO A 650 34.54 13.74 -2.07
CA PRO A 650 35.21 12.45 -1.98
C PRO A 650 35.79 11.92 -3.31
N ARG A 651 35.17 12.29 -4.42
CA ARG A 651 35.60 11.83 -5.75
C ARG A 651 37.03 12.26 -6.15
N THR A 652 37.49 13.36 -5.54
CA THR A 652 38.81 13.91 -5.83
C THR A 652 39.73 13.92 -4.61
N ARG A 653 39.16 13.78 -3.41
CA ARG A 653 39.88 14.00 -2.14
C ARG A 653 39.61 12.91 -1.10
N ASP A 654 40.67 12.33 -0.56
CA ASP A 654 40.48 11.43 0.58
C ASP A 654 40.14 12.19 1.88
N ASP A 655 40.19 13.52 1.89
CA ASP A 655 40.09 14.24 3.15
C ASP A 655 38.91 15.19 3.21
N VAL A 656 37.87 14.93 2.41
CA VAL A 656 36.63 15.70 2.50
C VAL A 656 35.39 14.83 2.26
N PRO A 657 34.30 15.02 3.03
CA PRO A 657 33.16 14.12 2.90
C PRO A 657 32.20 14.67 1.89
N ASN A 658 31.11 13.93 1.64
CA ASN A 658 30.03 14.40 0.77
C ASN A 658 29.19 15.38 1.55
N ILE A 659 29.25 16.66 1.19
CA ILE A 659 28.61 17.69 1.99
C ILE A 659 27.11 17.45 2.15
N ARG A 660 26.48 16.80 1.18
CA ARG A 660 25.02 16.60 1.22
C ARG A 660 24.57 15.72 2.41
N TYR A 661 25.42 14.76 2.77
CA TYR A 661 25.13 13.80 3.83
C TYR A 661 26.13 13.95 4.96
N THR A 662 26.38 15.18 5.36
CA THR A 662 27.27 15.45 6.47
C THR A 662 26.63 16.44 7.43
N ASN A 663 26.56 16.09 8.71
CA ASN A 663 26.13 17.01 9.73
C ASN A 663 27.35 17.74 10.28
N SER A 664 28.45 17.01 10.51
CA SER A 664 29.64 17.56 11.17
C SER A 664 30.88 17.31 10.36
N ILE A 665 31.77 18.30 10.36
CA ILE A 665 32.97 18.26 9.52
C ILE A 665 34.20 18.74 10.33
N LYS A 666 35.31 18.02 10.20
CA LYS A 666 36.59 18.38 10.80
C LYS A 666 37.58 18.73 9.66
N LEU A 667 37.94 20.01 9.54
CA LEU A 667 38.90 20.44 8.52
C LEU A 667 40.24 20.83 9.12
N LYS A 668 41.24 20.98 8.26
CA LYS A 668 42.59 21.32 8.71
C LYS A 668 42.77 22.82 8.90
N TYR A 669 43.72 23.20 9.76
CA TYR A 669 44.00 24.60 10.09
C TYR A 669 43.97 25.49 8.85
N ASP A 670 44.50 24.99 7.73
CA ASP A 670 44.57 25.75 6.48
C ASP A 670 43.44 25.43 5.48
N GLN A 671 42.42 24.70 5.93
CA GLN A 671 41.21 24.45 5.14
C GLN A 671 40.12 25.35 5.73
N ASN A 672 40.45 26.64 5.83
CA ASN A 672 39.67 27.61 6.60
C ASN A 672 39.12 28.76 5.75
N ASN A 673 39.22 28.62 4.43
CA ASN A 673 38.48 29.50 3.54
C ASN A 673 37.41 28.65 2.84
N LEU A 674 36.18 28.75 3.34
CA LEU A 674 35.09 27.89 2.94
C LEU A 674 33.96 28.64 2.18
N SER A 675 33.43 27.95 1.19
CA SER A 675 32.20 28.36 0.53
C SER A 675 31.22 27.20 0.57
N PHE A 676 29.94 27.54 0.46
CA PHE A 676 28.87 26.56 0.61
C PHE A 676 27.75 26.90 -0.36
N GLU A 677 27.17 25.88 -1.00
CA GLU A 677 26.01 26.09 -1.89
C GLU A 677 24.78 25.39 -1.28
N LEU A 678 23.67 26.11 -1.20
CA LEU A 678 22.46 25.59 -0.57
C LEU A 678 21.34 25.47 -1.57
N SER A 679 20.40 24.56 -1.31
CA SER A 679 19.21 24.38 -2.15
C SER A 679 18.12 23.67 -1.41
N ASP A 680 16.88 24.08 -1.65
CA ASP A 680 15.72 23.27 -1.29
C ASP A 680 15.07 22.61 -2.51
N LEU A 681 15.86 22.45 -3.58
CA LEU A 681 15.42 21.82 -4.83
C LEU A 681 14.19 22.48 -5.43
N PRO A 682 14.28 23.79 -5.72
CA PRO A 682 13.16 24.60 -6.19
C PRO A 682 12.71 24.41 -7.65
N TYR A 683 12.85 23.19 -8.16
CA TYR A 683 12.56 22.88 -9.56
C TYR A 683 11.17 23.34 -9.97
N SER A 684 10.21 23.23 -9.07
CA SER A 684 8.81 23.52 -9.43
C SER A 684 8.42 25.00 -9.35
N LEU A 685 9.32 25.87 -8.92
CA LEU A 685 8.96 27.22 -8.52
C LEU A 685 9.30 28.26 -9.59
N ASP A 686 8.51 29.32 -9.63
CA ASP A 686 8.78 30.47 -10.50
C ASP A 686 9.79 31.33 -9.80
N GLU A 687 9.45 31.74 -8.58
CA GLU A 687 10.34 32.54 -7.72
C GLU A 687 11.05 31.61 -6.75
N LYS A 688 12.34 31.83 -6.56
CA LYS A 688 13.10 31.10 -5.54
C LYS A 688 12.67 31.58 -4.16
N ASN A 689 12.87 30.73 -3.15
CA ASN A 689 12.61 31.11 -1.75
C ASN A 689 13.80 31.85 -1.20
N LYS A 690 13.57 32.66 -0.18
CA LYS A 690 14.65 33.45 0.37
C LYS A 690 15.23 32.79 1.61
N PHE A 691 16.51 33.05 1.85
CA PHE A 691 17.19 32.45 2.99
C PHE A 691 17.98 33.44 3.81
N VAL A 692 18.19 33.08 5.06
CA VAL A 692 19.13 33.76 5.92
C VAL A 692 20.14 32.74 6.39
N TYR A 693 21.29 33.19 6.85
CA TYR A 693 22.36 32.27 7.29
C TYR A 693 23.24 32.96 8.33
N ARG A 694 23.80 32.20 9.23
CA ARG A 694 24.75 32.74 10.20
C ARG A 694 25.75 31.69 10.59
N LEU A 695 26.94 32.13 10.98
CA LEU A 695 27.98 31.20 11.42
C LEU A 695 28.20 31.39 12.91
N GLU A 696 27.61 30.50 13.69
CA GLU A 696 27.76 30.54 15.12
C GLU A 696 29.26 30.45 15.41
N GLY A 697 29.74 31.27 16.34
CA GLY A 697 31.16 31.34 16.65
C GLY A 697 31.81 32.48 15.90
N MET A 698 31.00 33.29 15.22
CA MET A 698 31.52 34.45 14.48
C MET A 698 30.47 35.55 14.27
N ASP A 699 29.42 35.26 13.49
CA ASP A 699 28.29 36.17 13.30
C ASP A 699 27.47 36.29 14.57
N LYS A 700 27.06 37.50 14.90
CA LYS A 700 26.20 37.74 16.06
C LYS A 700 24.72 37.88 15.65
N GLU A 701 24.45 37.85 14.33
CA GLU A 701 23.10 38.03 13.79
C GLU A 701 22.93 37.34 12.44
N TRP A 702 21.73 37.40 11.90
CA TRP A 702 21.44 36.80 10.62
C TRP A 702 22.02 37.58 9.48
N ASN A 703 22.45 36.87 8.45
CA ASN A 703 22.78 37.47 7.19
C ASN A 703 21.71 37.10 6.19
N PHE A 704 21.37 38.01 5.28
CA PHE A 704 20.33 37.78 4.27
C PHE A 704 20.90 37.56 2.86
N LEU A 705 20.47 36.50 2.19
CA LEU A 705 20.88 36.26 0.83
C LEU A 705 19.85 36.83 -0.15
N LYS A 706 20.33 37.59 -1.15
CA LYS A 706 19.55 37.88 -2.37
C LYS A 706 19.13 36.56 -3.01
N SER A 707 17.88 36.48 -3.47
CA SER A 707 17.26 35.17 -3.75
C SER A 707 17.96 34.37 -4.85
N ASN A 708 18.43 35.08 -5.88
CA ASN A 708 19.24 34.44 -6.92
C ASN A 708 20.58 33.88 -6.43
N ILE A 709 21.01 34.24 -5.22
CA ILE A 709 22.32 33.86 -4.72
C ILE A 709 22.21 32.86 -3.60
N ASN A 710 22.68 31.64 -3.87
CA ASN A 710 22.67 30.53 -2.93
C ASN A 710 24.06 30.10 -2.44
N ARG A 711 25.03 31.00 -2.53
CA ARG A 711 26.40 30.70 -2.08
C ARG A 711 26.74 31.48 -0.81
N ILE A 712 26.99 30.74 0.25
CA ILE A 712 27.50 31.31 1.47
C ILE A 712 29.04 31.15 1.43
N THR A 713 29.76 32.19 1.84
CA THR A 713 31.21 32.16 1.83
C THR A 713 31.85 32.79 3.10
N TYR A 714 32.76 32.05 3.75
CA TYR A 714 33.54 32.59 4.90
C TYR A 714 35.04 32.48 4.70
N SER A 715 35.77 33.52 5.08
CA SER A 715 37.23 33.59 4.89
C SER A 715 38.01 33.64 6.23
N ASN A 716 39.25 33.19 6.18
CA ASN A 716 40.21 33.24 7.29
C ASN A 716 39.65 32.86 8.69
N LEU A 717 39.15 31.64 8.83
CA LEU A 717 38.61 31.22 10.10
C LEU A 717 39.73 30.71 11.02
N SER A 718 39.76 31.18 12.26
CA SER A 718 40.74 30.65 13.22
C SER A 718 40.26 29.26 13.66
N TYR A 719 41.15 28.49 14.26
CA TYR A 719 40.76 27.17 14.69
C TYR A 719 39.67 27.32 15.75
N GLY A 720 38.86 26.28 15.93
CA GLY A 720 37.76 26.31 16.88
C GLY A 720 36.52 25.69 16.28
N ASN A 721 35.44 25.73 17.02
CA ASN A 721 34.19 25.10 16.61
C ASN A 721 33.22 26.17 16.13
N TYR A 722 32.41 25.82 15.13
CA TYR A 722 31.44 26.73 14.55
C TYR A 722 30.20 25.92 14.18
N GLN A 723 29.10 26.63 13.95
CA GLN A 723 27.87 26.06 13.42
C GLN A 723 27.36 26.95 12.29
N LEU A 724 27.26 26.43 11.09
CA LEU A 724 26.58 27.16 10.02
C LEU A 724 25.09 26.83 10.13
N ILE A 725 24.24 27.84 10.32
CA ILE A 725 22.81 27.62 10.41
C ILE A 725 22.11 28.28 9.24
N ILE A 726 21.40 27.52 8.41
CA ILE A 726 20.68 28.11 7.28
C ILE A 726 19.19 27.94 7.49
N SER A 727 18.44 28.99 7.19
CA SER A 727 17.01 29.00 7.41
C SER A 727 16.29 29.66 6.25
N LYS A 728 15.10 29.14 5.94
CA LYS A 728 14.26 29.71 4.90
C LYS A 728 13.48 30.85 5.51
N LEU A 729 13.44 31.96 4.80
CA LEU A 729 12.62 33.06 5.22
C LEU A 729 11.16 32.63 5.08
N GLU A 730 10.46 32.58 6.20
CA GLU A 730 9.05 32.21 6.21
C GLU A 730 8.25 33.37 5.63
N ARG A 731 7.02 33.08 5.22
CA ARG A 731 6.22 33.97 4.34
C ARG A 731 5.61 35.19 5.05
N ASP A 732 6.17 35.54 6.20
CA ASP A 732 5.88 36.79 6.90
C ASP A 732 7.20 37.52 7.26
N GLY A 733 8.27 37.19 6.52
CA GLY A 733 9.60 37.79 6.71
C GLY A 733 10.49 37.13 7.77
N GLN A 734 9.93 36.21 8.56
CA GLN A 734 10.63 35.65 9.73
C GLN A 734 11.43 34.40 9.33
N PRO A 735 12.61 34.19 9.95
CA PRO A 735 13.35 32.95 9.72
C PRO A 735 12.68 31.71 10.29
N SER A 736 12.95 30.58 9.65
CA SER A 736 12.45 29.29 10.10
C SER A 736 13.10 28.88 11.43
N ASN A 737 12.40 28.06 12.19
CA ASN A 737 12.93 27.48 13.43
C ASN A 737 13.37 26.01 13.23
N ARG A 738 13.41 25.57 11.95
CA ARG A 738 13.93 24.26 11.53
C ARG A 738 14.99 24.46 10.46
N PRO A 739 16.12 25.04 10.85
CA PRO A 739 17.19 25.31 9.91
C PRO A 739 18.02 24.09 9.64
N HIS A 740 18.84 24.15 8.61
CA HIS A 740 19.86 23.13 8.37
C HIS A 740 21.06 23.55 9.13
N ILE A 741 21.59 22.65 9.94
CA ILE A 741 22.75 22.96 10.79
C ILE A 741 23.96 22.09 10.47
N LEU A 742 25.07 22.74 10.11
CA LEU A 742 26.35 22.06 9.83
C LEU A 742 27.35 22.41 10.93
N ASN A 743 27.73 21.44 11.74
CA ASN A 743 28.81 21.65 12.67
C ASN A 743 30.14 21.65 11.91
N ILE A 744 30.97 22.66 12.19
CA ILE A 744 32.28 22.81 11.57
C ILE A 744 33.36 23.00 12.62
N ARG A 745 34.38 22.17 12.58
CA ARG A 745 35.55 22.33 13.45
C ARG A 745 36.80 22.53 12.59
N ILE A 746 37.52 23.62 12.85
CA ILE A 746 38.79 23.88 12.20
C ILE A 746 39.83 23.45 13.22
N LEU A 747 40.68 22.50 12.84
CA LEU A 747 41.63 21.91 13.80
C LEU A 747 42.90 22.71 13.91
N PRO A 748 43.41 22.90 15.13
CA PRO A 748 44.68 23.62 15.24
C PRO A 748 45.81 22.81 14.61
N PRO A 749 46.90 23.48 14.21
CA PRO A 749 47.99 22.83 13.46
C PRO A 749 48.52 21.52 14.05
N TRP A 750 48.49 21.42 15.37
CA TRP A 750 49.05 20.28 16.07
C TRP A 750 48.07 19.15 16.30
N LEU A 751 46.83 19.26 15.82
CA LEU A 751 45.87 18.15 15.91
C LEU A 751 45.44 17.71 14.50
N GLU A 752 46.26 18.07 13.52
CA GLU A 752 46.07 17.69 12.12
C GLU A 752 45.48 16.27 11.89
N HIS A 753 46.00 15.28 12.60
CA HIS A 753 45.61 13.87 12.38
C HIS A 753 44.13 13.54 12.54
N HIS A 754 43.38 14.37 13.25
CA HIS A 754 41.90 14.20 13.30
C HIS A 754 41.21 14.74 12.08
N HIS A 755 41.96 15.06 11.02
CA HIS A 755 41.39 15.40 9.73
C HIS A 755 40.52 14.27 9.21
N HIS A 756 39.41 14.62 8.56
CA HIS A 756 38.45 13.61 8.14
C HIS A 756 39.02 12.68 7.10
N HIS A 757 38.68 11.39 7.16
CA HIS A 757 39.29 10.39 6.28
C HIS A 757 38.31 9.35 5.71
N HIS A 758 38.61 8.84 4.48
CA HIS A 758 37.68 8.06 3.62
C HIS A 758 36.36 8.76 3.30
N TYR B 9 -11.85 -29.08 -9.67
CA TYR B 9 -13.25 -28.95 -9.16
C TYR B 9 -14.07 -30.26 -9.24
N GLN B 10 -13.43 -31.36 -8.90
CA GLN B 10 -14.02 -32.69 -9.06
C GLN B 10 -14.86 -33.05 -7.81
N GLN B 11 -14.67 -32.32 -6.70
CA GLN B 11 -15.32 -32.65 -5.42
C GLN B 11 -15.64 -31.43 -4.59
N PHE B 12 -16.70 -31.51 -3.79
CA PHE B 12 -17.16 -30.37 -2.99
C PHE B 12 -17.51 -30.78 -1.57
N ASP B 13 -17.52 -29.81 -0.65
CA ASP B 13 -18.13 -30.04 0.66
C ASP B 13 -19.42 -29.25 0.63
N ASN B 14 -20.51 -30.01 0.62
CA ASN B 14 -21.84 -29.48 0.50
C ASN B 14 -22.49 -29.19 1.86
N ILE B 15 -23.12 -28.01 1.92
CA ILE B 15 -23.66 -27.44 3.15
C ILE B 15 -25.13 -27.04 2.96
N TYR B 16 -25.97 -27.36 3.93
CA TYR B 16 -27.43 -27.17 3.81
C TYR B 16 -28.00 -26.39 5.00
N LEU B 17 -29.10 -25.68 4.76
CA LEU B 17 -29.72 -24.79 5.74
C LEU B 17 -31.09 -25.30 6.30
N GLY B 18 -31.64 -24.64 7.30
CA GLY B 18 -32.95 -25.09 7.79
C GLY B 18 -33.95 -24.02 8.19
N ALA B 19 -35.04 -23.84 7.43
CA ALA B 19 -36.19 -23.04 7.95
C ALA B 19 -37.07 -22.26 6.94
N GLU B 20 -37.30 -22.76 5.71
CA GLU B 20 -36.70 -23.97 5.14
C GLU B 20 -35.96 -23.52 3.87
N ALA B 21 -34.71 -23.12 4.07
CA ALA B 21 -34.04 -22.27 3.11
C ALA B 21 -33.14 -23.10 2.27
N SER B 22 -33.73 -23.71 1.26
CA SER B 22 -32.97 -24.39 0.23
C SER B 22 -32.11 -23.47 -0.69
N VAL B 23 -32.49 -22.19 -0.84
CA VAL B 23 -31.93 -21.37 -1.93
C VAL B 23 -31.00 -20.21 -1.50
N VAL B 24 -29.76 -20.20 -1.99
CA VAL B 24 -28.72 -19.23 -1.59
C VAL B 24 -28.36 -18.27 -2.72
N SER B 25 -28.51 -16.99 -2.48
CA SER B 25 -28.39 -16.01 -3.56
C SER B 25 -27.16 -15.17 -3.44
N CYS B 26 -26.54 -15.15 -2.27
CA CYS B 26 -25.30 -14.40 -2.11
C CYS B 26 -24.54 -14.81 -0.85
N PHE B 27 -23.26 -14.44 -0.84
CA PHE B 27 -22.39 -14.63 0.31
C PHE B 27 -21.73 -13.28 0.66
N LEU B 28 -21.37 -13.11 1.93
CA LEU B 28 -20.46 -12.03 2.30
C LEU B 28 -19.51 -12.62 3.31
N GLN B 29 -18.29 -12.09 3.37
CA GLN B 29 -17.35 -12.41 4.45
C GLN B 29 -16.99 -11.15 5.23
N ASP B 30 -17.21 -11.14 6.54
CA ASP B 30 -16.91 -9.91 7.31
C ASP B 30 -15.40 -9.77 7.43
N SER B 31 -14.98 -8.59 7.89
CA SER B 31 -13.56 -8.26 8.06
C SER B 31 -12.81 -9.22 8.97
N GLU B 32 -13.53 -9.98 9.77
CA GLU B 32 -12.89 -10.94 10.67
C GLU B 32 -13.09 -12.39 10.28
N GLY B 33 -13.64 -12.64 9.08
CA GLY B 33 -13.64 -13.98 8.48
C GLY B 33 -14.90 -14.83 8.46
N LEU B 34 -15.93 -14.46 9.23
CA LEU B 34 -17.17 -15.23 9.27
C LEU B 34 -17.94 -15.06 7.96
N ILE B 35 -18.36 -16.19 7.39
CA ILE B 35 -19.13 -16.16 6.17
C ILE B 35 -20.59 -15.97 6.51
N TRP B 36 -21.28 -15.16 5.70
CA TRP B 36 -22.71 -14.95 5.80
C TRP B 36 -23.37 -15.35 4.51
N ILE B 37 -24.59 -15.86 4.62
CA ILE B 37 -25.31 -16.46 3.50
C ILE B 37 -26.69 -15.80 3.39
N GLY B 38 -27.03 -15.31 2.21
CA GLY B 38 -28.38 -14.87 1.95
C GLY B 38 -29.21 -16.01 1.37
N SER B 39 -30.37 -16.29 1.97
CA SER B 39 -31.21 -17.43 1.59
C SER B 39 -32.62 -16.96 1.33
N ASN B 40 -33.43 -17.82 0.69
CA ASN B 40 -34.81 -17.47 0.36
C ASN B 40 -35.65 -17.22 1.58
N LYS B 41 -35.14 -17.57 2.75
CA LYS B 41 -35.87 -17.32 3.95
C LYS B 41 -35.19 -16.33 4.88
N GLY B 42 -34.02 -15.80 4.49
CA GLY B 42 -33.30 -14.83 5.33
C GLY B 42 -31.79 -14.98 5.46
N LEU B 43 -31.21 -14.32 6.45
CA LEU B 43 -29.77 -14.34 6.62
C LEU B 43 -29.32 -15.45 7.57
N PHE B 44 -28.37 -16.25 7.09
CA PHE B 44 -27.64 -17.20 7.93
C PHE B 44 -26.17 -16.80 8.06
N SER B 45 -25.49 -17.38 9.03
CA SER B 45 -24.04 -17.44 9.03
C SER B 45 -23.63 -18.89 9.08
N TYR B 46 -22.39 -19.15 8.71
CA TYR B 46 -21.80 -20.50 8.78
C TYR B 46 -20.39 -20.40 9.35
N ASP B 47 -20.09 -21.14 10.39
CA ASP B 47 -18.83 -20.96 11.08
C ASP B 47 -17.78 -22.02 10.76
N GLY B 48 -18.04 -22.85 9.76
CA GLY B 48 -17.19 -23.99 9.44
C GLY B 48 -17.69 -25.32 10.00
N TYR B 49 -18.45 -25.26 11.09
CA TYR B 49 -18.98 -26.44 11.75
C TYR B 49 -20.49 -26.58 11.52
N SER B 50 -21.24 -25.48 11.72
CA SER B 50 -22.70 -25.47 11.52
C SER B 50 -23.21 -24.11 11.03
N THR B 51 -24.43 -24.11 10.51
CA THR B 51 -25.12 -22.90 10.10
C THR B 51 -25.92 -22.35 11.28
N GLN B 52 -26.27 -21.09 11.23
CA GLN B 52 -27.02 -20.44 12.27
C GLN B 52 -27.88 -19.37 11.60
N GLN B 53 -29.18 -19.39 11.86
CA GLN B 53 -30.08 -18.38 11.30
C GLN B 53 -30.13 -17.11 12.14
N HIS B 54 -30.37 -15.99 11.47
CA HIS B 54 -30.53 -14.69 12.12
C HIS B 54 -31.80 -14.02 11.67
N PHE B 55 -32.89 -14.75 11.81
CA PHE B 55 -34.21 -14.26 11.46
C PHE B 55 -35.25 -15.12 12.18
N THR B 56 -36.42 -14.58 12.46
CA THR B 56 -37.45 -15.34 13.18
C THR B 56 -38.63 -15.55 12.25
N TYR B 57 -39.21 -16.75 12.26
CA TYR B 57 -40.30 -17.08 11.33
C TYR B 57 -41.44 -16.08 11.48
N GLY B 58 -42.00 -15.67 10.35
CA GLY B 58 -43.13 -14.75 10.35
C GLY B 58 -42.77 -13.28 10.37
N GLU B 59 -41.57 -12.93 10.83
CA GLU B 59 -41.13 -11.52 10.91
C GLU B 59 -40.64 -10.96 9.57
N ASN B 60 -40.59 -9.64 9.49
CA ASN B 60 -40.21 -8.98 8.25
C ASN B 60 -38.80 -9.39 7.80
N ASN B 61 -37.99 -9.90 8.73
CA ASN B 61 -36.64 -10.37 8.39
C ASN B 61 -36.56 -11.85 7.91
N ASN B 62 -37.68 -12.55 8.01
CA ASN B 62 -37.86 -13.89 7.43
C ASN B 62 -38.26 -13.74 5.98
N THR B 63 -37.34 -13.26 5.15
CA THR B 63 -37.64 -12.88 3.78
C THR B 63 -36.46 -13.23 2.89
N ARG B 64 -36.72 -13.32 1.61
CA ARG B 64 -35.69 -13.69 0.68
C ARG B 64 -34.68 -12.53 0.52
N ILE B 65 -33.39 -12.89 0.43
CA ILE B 65 -32.33 -11.92 0.24
C ILE B 65 -31.81 -12.04 -1.18
N TYR B 66 -31.82 -10.97 -1.96
CA TYR B 66 -31.32 -11.07 -3.36
C TYR B 66 -29.84 -10.74 -3.49
N CYS B 67 -29.33 -9.86 -2.63
CA CYS B 67 -27.95 -9.35 -2.73
C CYS B 67 -27.52 -8.75 -1.41
N GLY B 68 -26.29 -8.27 -1.33
CA GLY B 68 -25.77 -7.79 -0.06
C GLY B 68 -24.43 -7.12 -0.15
N VAL B 69 -24.10 -6.35 0.88
CA VAL B 69 -22.80 -5.69 0.98
C VAL B 69 -22.61 -5.25 2.43
N ILE B 70 -21.36 -5.15 2.89
CA ILE B 70 -21.07 -4.75 4.26
C ILE B 70 -20.81 -3.25 4.32
N ILE B 71 -21.53 -2.54 5.18
CA ILE B 71 -21.32 -1.09 5.32
C ILE B 71 -20.74 -0.78 6.68
N ASP B 72 -19.81 0.19 6.72
CA ASP B 72 -19.24 0.71 7.98
C ASP B 72 -18.58 -0.32 8.90
N ASN B 73 -18.23 -1.48 8.34
CA ASN B 73 -17.59 -2.54 9.08
C ASN B 73 -18.45 -3.00 10.24
N THR B 74 -19.77 -2.81 10.13
CA THR B 74 -20.71 -3.31 11.16
C THR B 74 -22.09 -3.73 10.66
N TYR B 75 -22.44 -3.40 9.43
CA TYR B 75 -23.78 -3.65 8.93
C TYR B 75 -23.78 -4.52 7.68
N LEU B 76 -24.71 -5.44 7.60
CA LEU B 76 -25.02 -6.09 6.36
C LEU B 76 -26.26 -5.41 5.82
N TYR B 77 -26.13 -4.80 4.62
CA TYR B 77 -27.23 -4.20 3.90
C TYR B 77 -27.71 -5.20 2.89
N MET B 78 -28.96 -5.64 3.01
CA MET B 78 -29.44 -6.74 2.16
C MET B 78 -30.61 -6.36 1.26
N GLY B 79 -30.54 -6.78 0.02
CA GLY B 79 -31.61 -6.53 -0.94
C GLY B 79 -32.78 -7.44 -0.71
N THR B 80 -33.97 -6.90 -0.87
CA THR B 80 -35.19 -7.52 -0.37
C THR B 80 -36.38 -7.10 -1.21
N ASP B 81 -37.42 -7.89 -1.14
CA ASP B 81 -38.70 -7.52 -1.72
C ASP B 81 -39.15 -6.13 -1.21
N ASN B 82 -39.12 -5.95 0.10
CA ASN B 82 -39.53 -4.70 0.72
C ASN B 82 -38.42 -3.64 0.86
N GLY B 83 -37.28 -3.86 0.21
CA GLY B 83 -36.23 -2.84 0.12
C GLY B 83 -34.86 -3.28 0.63
N ILE B 84 -34.48 -2.71 1.77
CA ILE B 84 -33.22 -3.05 2.42
C ILE B 84 -33.38 -3.34 3.90
N LEU B 85 -32.96 -4.54 4.30
CA LEU B 85 -32.73 -4.85 5.72
C LEU B 85 -31.34 -4.46 6.04
N VAL B 86 -31.19 -3.76 7.14
CA VAL B 86 -29.86 -3.44 7.66
C VAL B 86 -29.68 -4.24 8.93
N TYR B 87 -28.78 -5.21 8.88
CA TYR B 87 -28.44 -6.05 10.03
C TYR B 87 -27.11 -5.62 10.63
N ASN B 88 -27.12 -5.30 11.91
CA ASN B 88 -25.89 -4.96 12.61
C ASN B 88 -25.28 -6.26 13.15
N TYR B 89 -24.27 -6.78 12.45
CA TYR B 89 -23.74 -8.09 12.76
C TYR B 89 -22.92 -8.08 14.04
N ARG B 90 -22.43 -6.91 14.46
CA ARG B 90 -21.74 -6.81 15.75
C ARG B 90 -22.78 -6.81 16.86
N ALA B 91 -23.80 -5.97 16.71
CA ALA B 91 -24.83 -5.83 17.74
C ALA B 91 -25.76 -7.03 17.78
N ASP B 92 -25.83 -7.77 16.67
CA ASP B 92 -26.87 -8.77 16.41
C ASP B 92 -28.22 -8.14 16.59
N ARG B 93 -28.46 -7.07 15.86
CA ARG B 93 -29.73 -6.39 15.91
C ARG B 93 -30.03 -5.78 14.54
N TYR B 94 -31.31 -5.71 14.20
CA TYR B 94 -31.72 -5.06 12.96
C TYR B 94 -31.90 -3.59 13.26
N GLU B 95 -31.13 -2.76 12.57
CA GLU B 95 -31.17 -1.34 12.79
C GLU B 95 -31.64 -0.64 11.53
N GLN B 96 -32.96 -0.46 11.37
CA GLN B 96 -33.46 0.21 10.16
C GLN B 96 -33.29 1.76 10.18
N PRO B 97 -32.62 2.29 9.16
CA PRO B 97 -32.42 3.76 9.10
C PRO B 97 -33.68 4.47 8.58
N GLU B 98 -33.84 5.76 8.91
CA GLU B 98 -35.09 6.47 8.62
C GLU B 98 -35.42 6.48 7.12
N THR B 99 -34.41 6.44 6.26
CA THR B 99 -34.63 6.45 4.79
C THR B 99 -35.72 5.51 4.27
N ASP B 100 -36.46 5.97 3.26
CA ASP B 100 -37.48 5.16 2.63
C ASP B 100 -36.84 4.62 1.38
N PHE B 101 -36.43 3.36 1.45
CA PHE B 101 -35.69 2.72 0.36
C PHE B 101 -36.67 2.25 -0.69
N PRO B 102 -36.24 2.16 -1.97
CA PRO B 102 -37.04 1.52 -2.99
C PRO B 102 -37.23 0.03 -2.73
N THR B 103 -38.25 -0.54 -3.33
CA THR B 103 -38.55 -1.95 -3.17
C THR B 103 -37.83 -2.77 -4.24
N ASP B 104 -37.85 -4.08 -4.06
CA ASP B 104 -37.36 -5.04 -5.05
C ASP B 104 -35.92 -4.81 -5.46
N VAL B 105 -35.05 -4.80 -4.47
CA VAL B 105 -33.66 -4.55 -4.73
C VAL B 105 -33.01 -5.85 -5.12
N ARG B 106 -32.26 -5.81 -6.21
CA ARG B 106 -31.58 -6.99 -6.73
C ARG B 106 -30.05 -6.88 -6.75
N THR B 107 -29.48 -5.70 -6.71
CA THR B 107 -28.02 -5.61 -6.79
C THR B 107 -27.48 -4.34 -6.12
N MET B 108 -26.31 -4.44 -5.48
CA MET B 108 -25.70 -3.31 -4.77
C MET B 108 -24.26 -3.11 -5.21
N ALA B 109 -23.73 -1.90 -5.14
CA ALA B 109 -22.32 -1.72 -5.41
C ALA B 109 -21.79 -0.50 -4.71
N LEU B 110 -20.69 -0.66 -3.98
CA LEU B 110 -20.12 0.48 -3.26
C LEU B 110 -19.24 1.25 -4.21
N GLN B 111 -19.31 2.57 -4.11
CA GLN B 111 -18.38 3.48 -4.80
C GLN B 111 -18.02 4.58 -3.83
N GLY B 112 -16.87 4.44 -3.19
CA GLY B 112 -16.43 5.37 -2.16
C GLY B 112 -17.43 5.29 -1.06
N ASP B 113 -18.04 6.41 -0.71
CA ASP B 113 -19.05 6.43 0.33
C ASP B 113 -20.48 6.53 -0.19
N THR B 114 -20.68 6.10 -1.43
CA THR B 114 -21.97 6.12 -2.05
C THR B 114 -22.34 4.71 -2.49
N LEU B 115 -23.50 4.23 -2.04
CA LEU B 115 -23.98 2.90 -2.36
C LEU B 115 -24.93 2.94 -3.56
N TRP B 116 -24.53 2.31 -4.67
CA TRP B 116 -25.44 2.13 -5.79
C TRP B 116 -26.45 1.06 -5.48
N LEU B 117 -27.69 1.28 -5.90
CA LEU B 117 -28.78 0.31 -5.67
C LEU B 117 -29.51 0.05 -6.97
N GLY B 118 -29.55 -1.21 -7.39
CA GLY B 118 -30.31 -1.63 -8.56
C GLY B 118 -31.54 -2.43 -8.15
N ALA B 119 -32.69 -2.14 -8.79
CA ALA B 119 -33.98 -2.68 -8.37
C ALA B 119 -34.87 -2.94 -9.58
N LEU B 120 -35.99 -3.62 -9.35
CA LEU B 120 -36.88 -3.96 -10.44
C LEU B 120 -37.47 -2.75 -11.09
N ASN B 121 -37.53 -1.61 -10.39
CA ASN B 121 -38.03 -0.41 -11.06
C ASN B 121 -37.20 0.88 -10.91
N GLY B 122 -35.89 0.74 -10.73
CA GLY B 122 -35.03 1.91 -10.80
C GLY B 122 -33.57 1.65 -10.47
N LEU B 123 -32.73 2.61 -10.84
CA LEU B 123 -31.35 2.67 -10.37
C LEU B 123 -31.29 3.81 -9.36
N TYR B 124 -30.50 3.66 -8.29
CA TYR B 124 -30.45 4.71 -7.23
C TYR B 124 -29.07 4.84 -6.67
N THR B 125 -28.80 5.97 -6.05
CA THR B 125 -27.64 6.08 -5.18
C THR B 125 -28.09 6.45 -3.75
N TYR B 126 -27.37 5.91 -2.77
CA TYR B 126 -27.58 6.23 -1.36
C TYR B 126 -26.28 6.70 -0.73
N GLN B 127 -26.23 7.98 -0.39
CA GLN B 127 -25.02 8.59 0.11
C GLN B 127 -25.01 8.35 1.63
N LEU B 128 -24.01 7.61 2.12
CA LEU B 128 -24.05 7.06 3.45
C LEU B 128 -23.92 8.10 4.56
N GLN B 129 -23.35 9.26 4.27
CA GLN B 129 -23.31 10.34 5.26
C GLN B 129 -24.58 11.16 5.25
N SER B 130 -24.94 11.75 4.10
CA SER B 130 -26.12 12.62 4.04
C SER B 130 -27.40 11.81 4.03
N ARG B 131 -27.31 10.55 3.62
CA ARG B 131 -28.47 9.70 3.44
C ARG B 131 -29.36 10.20 2.31
N LYS B 132 -28.75 10.85 1.31
CA LYS B 132 -29.47 11.33 0.14
C LYS B 132 -29.77 10.17 -0.81
N LEU B 133 -31.03 9.96 -1.14
CA LEU B 133 -31.40 8.94 -2.11
C LEU B 133 -31.70 9.66 -3.40
N THR B 134 -30.94 9.30 -4.44
CA THR B 134 -31.03 9.90 -5.78
C THR B 134 -31.45 8.83 -6.76
N SER B 135 -32.24 9.22 -7.74
CA SER B 135 -32.81 8.26 -8.67
C SER B 135 -32.36 8.52 -10.07
N PHE B 136 -32.33 7.45 -10.84
CA PHE B 136 -31.83 7.44 -12.19
C PHE B 136 -32.80 6.62 -13.01
N ASP B 137 -33.26 7.13 -14.15
CA ASP B 137 -34.29 6.45 -14.94
C ASP B 137 -33.98 6.49 -16.45
N THR B 138 -34.96 6.04 -17.24
CA THR B 138 -34.88 6.05 -18.69
C THR B 138 -35.02 7.45 -19.26
N ARG B 139 -36.11 8.14 -18.93
CA ARG B 139 -36.41 9.45 -19.53
C ARG B 139 -35.35 10.50 -19.17
N ARG B 140 -35.10 10.69 -17.88
CA ARG B 140 -34.19 11.74 -17.42
C ARG B 140 -32.69 11.44 -17.54
N ASN B 141 -32.28 10.16 -17.52
CA ASN B 141 -30.84 9.81 -17.60
C ASN B 141 -30.38 8.84 -18.75
N GLY B 142 -31.28 8.40 -19.62
CA GLY B 142 -30.91 7.57 -20.78
C GLY B 142 -30.51 6.13 -20.47
N LEU B 143 -30.95 5.62 -19.32
CA LEU B 143 -30.84 4.20 -19.07
C LEU B 143 -31.63 3.50 -20.15
N PRO B 144 -31.14 2.36 -20.61
CA PRO B 144 -31.91 1.58 -21.59
C PRO B 144 -33.19 0.97 -21.00
N ASN B 145 -33.20 0.70 -19.69
CA ASN B 145 -34.32 0.08 -19.01
C ASN B 145 -34.24 0.35 -17.51
N ASN B 146 -35.37 0.40 -16.80
CA ASN B 146 -35.37 0.68 -15.33
C ASN B 146 -35.14 -0.53 -14.45
N THR B 147 -35.22 -1.72 -15.01
CA THR B 147 -35.04 -2.93 -14.24
C THR B 147 -33.55 -3.28 -14.24
N ILE B 148 -32.91 -3.09 -13.09
CA ILE B 148 -31.48 -3.31 -12.93
C ILE B 148 -31.21 -4.67 -12.32
N TYR B 149 -30.35 -5.44 -12.99
CA TYR B 149 -29.94 -6.73 -12.45
C TYR B 149 -28.52 -6.71 -11.91
N SER B 150 -27.64 -5.90 -12.48
CA SER B 150 -26.24 -5.95 -11.99
C SER B 150 -25.54 -4.60 -12.12
N ILE B 151 -24.85 -4.20 -11.05
CA ILE B 151 -24.00 -3.01 -11.09
C ILE B 151 -22.65 -3.38 -10.57
N ILE B 152 -21.59 -2.98 -11.26
CA ILE B 152 -20.26 -3.07 -10.68
C ILE B 152 -19.52 -1.77 -10.85
N ARG B 153 -18.47 -1.60 -10.06
CA ARG B 153 -17.62 -0.43 -10.07
C ARG B 153 -16.21 -0.89 -10.27
N THR B 154 -15.59 -0.38 -11.33
CA THR B 154 -14.29 -0.83 -11.72
C THR B 154 -13.22 -0.06 -10.95
N LYS B 155 -12.01 -0.61 -10.92
CA LYS B 155 -10.91 -0.10 -10.09
C LYS B 155 -10.58 1.32 -10.59
N ASP B 156 -10.89 1.60 -11.87
CA ASP B 156 -10.76 2.96 -12.43
C ASP B 156 -12.00 3.82 -12.14
N ASN B 157 -12.76 3.41 -11.13
CA ASN B 157 -13.87 4.17 -10.58
C ASN B 157 -15.07 4.44 -11.51
N GLN B 158 -15.21 3.61 -12.54
CA GLN B 158 -16.38 3.66 -13.39
C GLN B 158 -17.43 2.65 -12.94
N ILE B 159 -18.67 2.93 -13.34
CA ILE B 159 -19.86 2.26 -12.86
C ILE B 159 -20.60 1.61 -14.02
N TYR B 160 -20.71 0.30 -14.00
CA TYR B 160 -21.36 -0.43 -15.10
C TYR B 160 -22.70 -0.93 -14.61
N VAL B 161 -23.73 -0.77 -15.45
CA VAL B 161 -25.11 -1.11 -15.08
C VAL B 161 -25.74 -2.04 -16.12
N GLY B 162 -26.16 -3.22 -15.64
CA GLY B 162 -26.70 -4.28 -16.48
C GLY B 162 -28.18 -4.43 -16.21
N THR B 163 -28.98 -4.25 -17.25
CA THR B 163 -30.41 -4.13 -17.11
C THR B 163 -31.13 -5.25 -17.84
N TYR B 164 -32.46 -5.24 -17.73
CA TYR B 164 -33.35 -6.12 -18.46
C TYR B 164 -33.07 -6.03 -19.97
N ASN B 165 -32.60 -4.87 -20.42
CA ASN B 165 -32.42 -4.66 -21.82
C ASN B 165 -31.14 -3.90 -22.18
N GLY B 166 -30.02 -4.47 -21.80
CA GLY B 166 -28.75 -3.96 -22.21
C GLY B 166 -27.84 -3.54 -21.08
N LEU B 167 -26.58 -3.32 -21.43
CA LEU B 167 -25.55 -2.89 -20.52
C LEU B 167 -25.21 -1.46 -20.84
N CYS B 168 -24.85 -0.69 -19.83
CA CYS B 168 -24.44 0.69 -20.07
C CYS B 168 -23.46 1.17 -19.01
N ARG B 169 -22.95 2.37 -19.21
CA ARG B 169 -21.96 2.95 -18.31
C ARG B 169 -22.31 4.40 -17.97
N TYR B 170 -21.99 4.81 -16.75
CA TYR B 170 -22.36 6.11 -16.22
C TYR B 170 -21.38 7.16 -16.69
N ILE B 171 -21.89 8.35 -17.03
CA ILE B 171 -21.09 9.51 -17.48
C ILE B 171 -21.27 10.59 -16.41
N PRO B 172 -20.35 10.67 -15.45
CA PRO B 172 -20.59 11.59 -14.32
C PRO B 172 -20.53 13.05 -14.74
N SER B 173 -19.80 13.34 -15.81
CA SER B 173 -19.70 14.70 -16.34
C SER B 173 -21.09 15.31 -16.54
N ASN B 174 -22.07 14.48 -16.95
CA ASN B 174 -23.39 14.99 -17.32
C ASN B 174 -24.56 14.16 -16.84
N GLY B 175 -24.35 13.30 -15.85
CA GLY B 175 -25.44 12.50 -15.25
C GLY B 175 -26.10 11.40 -16.08
N LYS B 176 -25.62 11.17 -17.30
CA LYS B 176 -26.28 10.24 -18.20
C LYS B 176 -25.56 8.91 -18.29
N PHE B 177 -26.15 7.99 -19.05
CA PHE B 177 -25.63 6.63 -19.18
C PHE B 177 -25.41 6.30 -20.63
N GLU B 178 -24.28 5.69 -20.90
CA GLU B 178 -23.76 5.46 -22.24
C GLU B 178 -23.95 3.96 -22.52
N GLY B 179 -24.75 3.61 -23.53
CA GLY B 179 -25.01 2.22 -23.85
C GLY B 179 -23.76 1.56 -24.36
N ILE B 180 -23.61 0.27 -24.10
CA ILE B 180 -22.58 -0.57 -24.74
C ILE B 180 -23.24 -1.72 -25.53
N PRO B 181 -23.40 -1.58 -26.84
CA PRO B 181 -24.09 -2.65 -27.55
C PRO B 181 -23.34 -3.96 -27.48
N LEU B 182 -24.07 -5.08 -27.40
CA LEU B 182 -23.45 -6.38 -27.44
C LEU B 182 -23.74 -7.06 -28.78
N PRO B 183 -22.73 -7.71 -29.35
CA PRO B 183 -22.88 -8.39 -30.63
C PRO B 183 -23.42 -9.78 -30.51
N VAL B 184 -24.61 -9.98 -31.04
CA VAL B 184 -25.42 -11.20 -30.85
C VAL B 184 -25.84 -11.71 -32.22
N HIS B 185 -26.07 -13.02 -32.34
CA HIS B 185 -26.34 -13.66 -33.65
C HIS B 185 -27.55 -13.13 -34.36
N SER B 186 -28.67 -12.94 -33.66
CA SER B 186 -29.65 -11.96 -34.09
C SER B 186 -30.58 -11.41 -33.00
N SER B 187 -30.87 -10.10 -33.15
CA SER B 187 -32.21 -9.55 -32.91
C SER B 187 -32.78 -9.49 -31.47
N GLN B 188 -33.55 -10.50 -31.07
CA GLN B 188 -34.54 -10.32 -30.01
C GLN B 188 -34.39 -11.12 -28.73
N SER B 189 -35.13 -10.65 -27.74
CA SER B 189 -35.81 -9.37 -27.90
C SER B 189 -34.91 -8.30 -27.29
N ASN B 190 -34.71 -8.51 -26.00
CA ASN B 190 -34.01 -7.62 -25.09
C ASN B 190 -32.79 -8.42 -24.64
N LEU B 191 -31.82 -7.77 -24.04
CA LEU B 191 -30.73 -8.54 -23.52
C LEU B 191 -30.63 -8.42 -22.00
N PHE B 192 -31.06 -9.49 -21.31
CA PHE B 192 -30.85 -9.63 -19.89
C PHE B 192 -29.36 -9.56 -19.63
N VAL B 193 -28.88 -8.56 -18.92
CA VAL B 193 -27.51 -8.62 -18.41
C VAL B 193 -27.66 -8.97 -16.95
N ASN B 194 -27.35 -10.23 -16.61
CA ASN B 194 -27.58 -10.80 -15.29
C ASN B 194 -26.46 -10.53 -14.30
N SER B 195 -25.24 -10.57 -14.79
CA SER B 195 -24.07 -10.57 -13.93
C SER B 195 -22.95 -9.82 -14.62
N LEU B 196 -22.07 -9.22 -13.83
CA LEU B 196 -20.98 -8.44 -14.34
C LEU B 196 -19.79 -8.60 -13.47
N LEU B 197 -18.62 -8.85 -14.04
CA LEU B 197 -17.39 -8.97 -13.24
C LEU B 197 -16.23 -8.23 -13.88
N GLU B 198 -15.46 -7.51 -13.06
CA GLU B 198 -14.19 -6.94 -13.51
C GLU B 198 -13.07 -7.98 -13.42
N ASP B 199 -12.20 -8.00 -14.43
CA ASP B 199 -11.02 -8.85 -14.51
C ASP B 199 -9.77 -7.99 -14.77
N THR B 200 -9.13 -7.57 -13.68
CA THR B 200 -7.85 -6.85 -13.69
C THR B 200 -6.78 -7.46 -14.58
N THR B 201 -6.60 -8.77 -14.53
CA THR B 201 -5.50 -9.44 -15.19
C THR B 201 -5.76 -9.49 -16.70
N ARG B 202 -6.93 -9.95 -17.12
CA ARG B 202 -7.30 -9.93 -18.52
C ARG B 202 -7.71 -8.53 -18.98
N GLN B 203 -7.90 -7.66 -18.01
CA GLN B 203 -8.24 -6.24 -18.24
C GLN B 203 -9.56 -6.11 -19.01
N CYS B 204 -10.61 -6.77 -18.54
CA CYS B 204 -11.91 -6.69 -19.19
C CYS B 204 -13.02 -6.55 -18.17
N VAL B 205 -14.24 -6.35 -18.67
CA VAL B 205 -15.45 -6.59 -17.87
C VAL B 205 -16.17 -7.78 -18.51
N TRP B 206 -16.34 -8.85 -17.72
CA TRP B 206 -17.14 -9.98 -18.10
C TRP B 206 -18.61 -9.66 -17.97
N ILE B 207 -19.41 -10.10 -18.95
CA ILE B 207 -20.84 -9.81 -18.98
C ILE B 207 -21.60 -11.10 -19.21
N GLY B 208 -22.52 -11.44 -18.30
CA GLY B 208 -23.32 -12.66 -18.41
C GLY B 208 -24.78 -12.42 -18.77
N THR B 209 -25.24 -13.05 -19.84
CA THR B 209 -26.59 -12.82 -20.34
C THR B 209 -27.34 -14.13 -20.60
N GLU B 210 -28.49 -14.05 -21.29
CA GLU B 210 -29.16 -15.24 -21.78
C GLU B 210 -28.37 -15.61 -22.99
N GLY B 211 -27.70 -16.75 -22.93
CA GLY B 211 -27.10 -17.30 -24.11
C GLY B 211 -25.71 -16.85 -24.46
N TYR B 212 -25.22 -15.76 -23.89
CA TYR B 212 -23.85 -15.33 -24.18
C TYR B 212 -23.10 -14.96 -22.92
N LEU B 213 -21.80 -15.23 -22.92
CA LEU B 213 -20.84 -14.62 -22.02
C LEU B 213 -19.91 -13.68 -22.83
N PHE B 214 -19.96 -12.39 -22.55
CA PHE B 214 -19.12 -11.43 -23.26
C PHE B 214 -17.91 -10.96 -22.49
N GLN B 215 -16.90 -10.54 -23.23
CA GLN B 215 -15.77 -9.83 -22.69
C GLN B 215 -15.73 -8.46 -23.30
N TYR B 216 -15.94 -7.44 -22.46
CA TYR B 216 -15.76 -6.03 -22.84
C TYR B 216 -14.42 -5.50 -22.36
N PHE B 217 -13.67 -4.89 -23.30
CA PHE B 217 -12.38 -4.25 -23.02
C PHE B 217 -12.47 -2.71 -23.12
N PRO B 218 -12.48 -2.00 -21.98
CA PRO B 218 -12.61 -0.55 -21.99
C PRO B 218 -11.53 0.16 -22.77
N SER B 219 -10.33 -0.38 -22.75
CA SER B 219 -9.19 0.32 -23.33
C SER B 219 -9.28 0.53 -24.84
N THR B 220 -9.96 -0.39 -25.53
CA THR B 220 -10.05 -0.32 -26.97
C THR B 220 -11.49 -0.28 -27.48
N GLY B 221 -12.43 -0.63 -26.63
CA GLY B 221 -13.83 -0.71 -27.00
C GLY B 221 -14.25 -2.06 -27.56
N GLN B 222 -13.35 -3.03 -27.57
CA GLN B 222 -13.67 -4.32 -28.17
C GLN B 222 -14.69 -5.11 -27.26
N ILE B 223 -15.62 -5.79 -27.92
CA ILE B 223 -16.64 -6.59 -27.30
C ILE B 223 -16.54 -8.00 -27.87
N LYS B 224 -15.90 -8.86 -27.13
CA LYS B 224 -15.65 -10.22 -27.54
C LYS B 224 -16.79 -11.11 -27.03
N GLN B 225 -17.28 -11.98 -27.90
CA GLN B 225 -18.32 -12.97 -27.58
C GLN B 225 -17.62 -14.27 -27.20
N THR B 226 -17.35 -14.46 -25.91
CA THR B 226 -16.45 -15.51 -25.49
C THR B 226 -17.07 -16.89 -25.49
N GLU B 227 -18.28 -17.03 -24.97
CA GLU B 227 -19.00 -18.31 -25.13
C GLU B 227 -20.45 -18.04 -25.55
N ALA B 228 -21.05 -19.06 -26.15
CA ALA B 228 -22.44 -19.01 -26.61
C ALA B 228 -23.17 -20.30 -26.21
N PHE B 229 -23.96 -20.21 -25.14
CA PHE B 229 -24.69 -21.32 -24.60
C PHE B 229 -26.18 -21.15 -24.92
N HIS B 230 -26.67 -21.64 -26.06
CA HIS B 230 -28.11 -21.55 -26.35
C HIS B 230 -28.91 -22.20 -25.25
N ASN B 231 -29.97 -21.50 -24.83
CA ASN B 231 -30.91 -21.96 -23.79
C ASN B 231 -30.29 -22.16 -22.42
N ASN B 232 -29.15 -21.54 -22.15
CA ASN B 232 -28.70 -21.45 -20.78
C ASN B 232 -28.46 -20.01 -20.52
N SER B 233 -28.48 -19.71 -19.25
CA SER B 233 -28.50 -18.38 -18.77
C SER B 233 -27.29 -18.29 -17.89
N ILE B 234 -26.52 -17.24 -18.00
CA ILE B 234 -25.42 -17.06 -17.08
C ILE B 234 -25.85 -16.18 -15.93
N LYS B 235 -25.89 -16.72 -14.73
CA LYS B 235 -26.43 -16.02 -13.57
C LYS B 235 -25.40 -15.44 -12.61
N SER B 236 -24.17 -15.95 -12.66
CA SER B 236 -23.12 -15.46 -11.78
C SER B 236 -21.71 -15.67 -12.29
N LEU B 237 -20.79 -14.85 -11.81
CA LEU B 237 -19.42 -14.77 -12.30
C LEU B 237 -18.43 -14.54 -11.15
N ALA B 238 -17.26 -15.17 -11.23
CA ALA B 238 -16.21 -14.92 -10.26
C ALA B 238 -14.87 -15.42 -10.77
N LEU B 239 -13.80 -14.87 -10.22
CA LEU B 239 -12.45 -15.26 -10.57
C LEU B 239 -11.93 -16.12 -9.44
N ASP B 240 -11.29 -17.23 -9.78
CA ASP B 240 -10.82 -18.14 -8.72
C ASP B 240 -9.36 -17.87 -8.42
N GLY B 241 -8.84 -18.52 -7.39
CA GLY B 241 -7.47 -18.33 -6.94
C GLY B 241 -6.44 -18.47 -8.04
N ASN B 242 -6.75 -19.27 -9.05
CA ASN B 242 -5.85 -19.45 -10.20
C ASN B 242 -5.97 -18.37 -11.27
N GLY B 243 -6.89 -17.42 -11.09
CA GLY B 243 -7.18 -16.42 -12.10
C GLY B 243 -8.19 -16.87 -13.15
N ASP B 244 -8.80 -18.05 -12.98
CA ASP B 244 -9.78 -18.54 -13.96
C ASP B 244 -11.18 -17.96 -13.76
N LEU B 245 -11.89 -17.73 -14.86
CA LEU B 245 -13.25 -17.23 -14.84
C LEU B 245 -14.23 -18.34 -14.55
N LEU B 246 -15.08 -18.15 -13.55
CA LEU B 246 -16.09 -19.12 -13.14
C LEU B 246 -17.46 -18.58 -13.46
N ALA B 247 -18.25 -19.34 -14.22
CA ALA B 247 -19.54 -18.88 -14.72
C ALA B 247 -20.67 -19.78 -14.23
N GLY B 248 -21.53 -19.22 -13.40
CA GLY B 248 -22.66 -19.94 -12.83
C GLY B 248 -23.86 -19.82 -13.73
N THR B 249 -24.44 -20.95 -14.09
CA THR B 249 -25.52 -20.96 -15.05
C THR B 249 -26.69 -21.78 -14.50
N ASP B 250 -27.72 -21.96 -15.34
CA ASP B 250 -28.90 -22.73 -14.94
C ASP B 250 -28.67 -24.18 -15.28
N ASN B 251 -27.49 -24.48 -15.83
CA ASN B 251 -27.06 -25.85 -16.09
C ASN B 251 -25.60 -26.07 -15.72
N GLY B 252 -25.29 -25.77 -14.45
CA GLY B 252 -24.03 -26.12 -13.85
C GLY B 252 -23.00 -25.04 -13.99
N LEU B 253 -21.75 -25.38 -13.71
CA LEU B 253 -20.66 -24.42 -13.60
C LEU B 253 -19.70 -24.64 -14.75
N TYR B 254 -19.26 -23.55 -15.35
CA TYR B 254 -18.27 -23.59 -16.37
C TYR B 254 -17.04 -22.84 -15.87
N VAL B 255 -15.85 -23.35 -16.20
CA VAL B 255 -14.56 -22.74 -15.83
C VAL B 255 -13.76 -22.44 -17.12
N TYR B 256 -13.31 -21.19 -17.23
CA TYR B 256 -12.61 -20.71 -18.39
C TYR B 256 -11.18 -20.35 -18.02
N HIS B 257 -10.23 -20.80 -18.84
CA HIS B 257 -8.83 -20.46 -18.67
C HIS B 257 -8.42 -19.59 -19.83
N ASN B 258 -8.62 -20.07 -21.06
CA ASN B 258 -8.31 -19.28 -22.24
C ASN B 258 -8.92 -19.87 -23.51
N ASP B 259 -8.87 -19.13 -24.61
CA ASP B 259 -9.55 -19.56 -25.84
C ASP B 259 -9.24 -20.96 -26.33
N THR B 260 -8.02 -21.44 -26.11
CA THR B 260 -7.61 -22.77 -26.58
C THR B 260 -7.69 -23.86 -25.52
N THR B 261 -8.02 -23.50 -24.29
CA THR B 261 -8.18 -24.51 -23.25
C THR B 261 -9.62 -24.91 -23.16
N PRO B 262 -9.91 -26.20 -23.29
CA PRO B 262 -11.30 -26.61 -23.13
C PRO B 262 -11.88 -26.10 -21.83
N LEU B 263 -13.15 -25.72 -21.86
CA LEU B 263 -13.89 -25.34 -20.67
C LEU B 263 -14.09 -26.58 -19.82
N GLN B 264 -14.17 -26.36 -18.50
CA GLN B 264 -14.56 -27.43 -17.60
C GLN B 264 -16.01 -27.22 -17.32
N HIS B 265 -16.81 -28.28 -17.44
CA HIS B 265 -18.24 -28.17 -17.16
C HIS B 265 -18.61 -29.15 -16.10
N ILE B 266 -19.01 -28.59 -14.95
CA ILE B 266 -19.30 -29.37 -13.76
C ILE B 266 -20.78 -29.35 -13.45
N ILE B 267 -21.39 -30.52 -13.34
CA ILE B 267 -22.81 -30.63 -13.05
C ILE B 267 -23.06 -31.64 -11.96
N HIS B 268 -24.22 -31.52 -11.35
CA HIS B 268 -24.68 -32.43 -10.30
C HIS B 268 -24.70 -33.85 -10.79
N ASP B 269 -24.29 -34.74 -9.92
CA ASP B 269 -24.51 -36.17 -10.07
C ASP B 269 -25.36 -36.65 -8.89
N SER B 270 -26.57 -37.12 -9.19
CA SER B 270 -27.48 -37.60 -8.16
C SER B 270 -26.96 -38.86 -7.46
N ARG B 271 -25.97 -39.51 -8.04
CA ARG B 271 -25.37 -40.71 -7.43
C ARG B 271 -24.12 -40.40 -6.62
N ASN B 272 -23.63 -39.16 -6.71
CA ASN B 272 -22.42 -38.77 -5.99
C ASN B 272 -22.70 -37.64 -5.00
N ILE B 273 -22.56 -37.96 -3.72
CA ILE B 273 -22.83 -37.00 -2.63
C ILE B 273 -21.82 -35.87 -2.52
N GLN B 274 -20.70 -35.98 -3.23
CA GLN B 274 -19.67 -34.94 -3.24
C GLN B 274 -19.79 -34.05 -4.46
N SER B 275 -20.80 -34.29 -5.30
CA SER B 275 -20.97 -33.52 -6.54
C SER B 275 -21.63 -32.19 -6.29
N LEU B 276 -21.51 -31.27 -7.25
CA LEU B 276 -22.16 -29.96 -7.21
C LEU B 276 -23.57 -30.15 -6.73
N THR B 277 -23.95 -29.42 -5.69
CA THR B 277 -25.22 -29.69 -5.02
C THR B 277 -26.45 -29.53 -5.94
N ASN B 278 -26.37 -28.56 -6.86
CA ASN B 278 -27.49 -28.20 -7.73
C ASN B 278 -26.96 -27.47 -8.98
N ASN B 279 -27.65 -27.63 -10.11
CA ASN B 279 -27.17 -27.08 -11.37
C ASN B 279 -27.48 -25.60 -11.63
N ILE B 280 -28.34 -25.00 -10.82
CA ILE B 280 -28.65 -23.58 -10.97
C ILE B 280 -27.81 -22.84 -9.94
N ILE B 281 -26.82 -22.08 -10.43
CA ILE B 281 -25.92 -21.30 -9.60
C ILE B 281 -26.24 -19.81 -9.65
N TRP B 282 -26.90 -19.33 -8.59
CA TRP B 282 -27.30 -17.93 -8.45
C TRP B 282 -26.18 -17.03 -8.07
N ASN B 283 -25.13 -17.58 -7.46
CA ASN B 283 -24.00 -16.77 -7.00
C ASN B 283 -22.77 -17.61 -6.75
N ILE B 284 -21.60 -17.12 -7.21
CA ILE B 284 -20.28 -17.67 -6.86
C ILE B 284 -19.53 -16.61 -6.07
N PHE B 285 -18.75 -16.99 -5.05
CA PHE B 285 -17.96 -16.04 -4.27
C PHE B 285 -16.60 -16.62 -3.95
N ALA B 286 -15.56 -15.85 -4.21
CA ALA B 286 -14.21 -16.22 -3.76
C ALA B 286 -13.97 -15.57 -2.39
N ASP B 287 -13.70 -16.40 -1.38
CA ASP B 287 -13.54 -15.90 -0.01
C ASP B 287 -12.11 -15.42 0.17
N GLN B 288 -11.76 -14.92 1.34
CA GLN B 288 -10.44 -14.32 1.52
C GLN B 288 -9.28 -15.32 1.43
N GLU B 289 -9.55 -16.60 1.57
CA GLU B 289 -8.52 -17.62 1.49
C GLU B 289 -8.68 -18.33 0.16
N HIS B 290 -9.36 -17.66 -0.78
CA HIS B 290 -9.55 -18.15 -2.15
C HIS B 290 -10.39 -19.40 -2.29
N ASN B 291 -11.07 -19.84 -1.23
CA ASN B 291 -12.02 -20.95 -1.37
C ASN B 291 -13.18 -20.41 -2.19
N ILE B 292 -13.79 -21.27 -3.00
CA ILE B 292 -14.93 -20.87 -3.83
C ILE B 292 -16.24 -21.38 -3.26
N TRP B 293 -17.14 -20.45 -2.96
CA TRP B 293 -18.46 -20.76 -2.47
C TRP B 293 -19.49 -20.63 -3.56
N LEU B 294 -20.21 -21.70 -3.85
CA LEU B 294 -21.25 -21.70 -4.86
C LEU B 294 -22.64 -21.75 -4.25
N GLY B 295 -23.49 -20.80 -4.59
CA GLY B 295 -24.87 -20.72 -4.04
C GLY B 295 -25.91 -21.15 -5.05
N THR B 296 -26.75 -22.10 -4.69
CA THR B 296 -27.63 -22.71 -5.65
C THR B 296 -29.09 -22.76 -5.23
N ASP B 297 -29.90 -23.36 -6.13
CA ASP B 297 -31.33 -23.58 -5.91
C ASP B 297 -31.60 -24.71 -4.86
N TYR B 298 -30.56 -25.46 -4.52
CA TYR B 298 -30.65 -26.40 -3.39
C TYR B 298 -29.30 -26.54 -2.67
N GLY B 299 -28.94 -25.54 -1.86
CA GLY B 299 -27.76 -25.64 -1.00
C GLY B 299 -26.48 -24.95 -1.46
N ILE B 300 -25.39 -25.22 -0.73
CA ILE B 300 -24.10 -24.57 -0.94
C ILE B 300 -23.09 -25.64 -1.30
N SER B 301 -22.24 -25.34 -2.28
CA SER B 301 -21.11 -26.19 -2.61
C SER B 301 -19.84 -25.40 -2.37
N LEU B 302 -19.03 -25.83 -1.41
CA LEU B 302 -17.76 -25.21 -1.12
C LEU B 302 -16.63 -25.95 -1.81
N SER B 303 -15.85 -25.23 -2.60
CA SER B 303 -14.63 -25.81 -3.16
C SER B 303 -13.44 -25.22 -2.42
N ARG B 304 -12.76 -26.05 -1.65
CA ARG B 304 -11.66 -25.60 -0.82
C ARG B 304 -10.47 -25.35 -1.72
N TYR B 305 -9.86 -24.19 -1.56
CA TYR B 305 -8.55 -23.92 -2.11
C TYR B 305 -7.52 -24.65 -1.25
N ASN B 306 -6.77 -25.57 -1.88
CA ASN B 306 -5.74 -26.32 -1.14
C ASN B 306 -4.47 -26.56 -1.93
N SER B 307 -3.37 -26.03 -1.38
CA SER B 307 -2.04 -26.50 -1.68
C SER B 307 -1.38 -25.52 -2.63
N ALA B 308 -0.10 -25.76 -2.92
CA ALA B 308 0.72 -26.74 -2.18
C ALA B 308 1.51 -25.97 -1.11
N LEU B 309 1.37 -24.65 -1.19
CA LEU B 309 2.25 -23.73 -0.50
C LEU B 309 1.47 -22.50 -0.11
N GLN B 310 1.45 -22.16 1.18
CA GLN B 310 0.99 -20.85 1.55
C GLN B 310 2.09 -19.89 1.08
N PHE B 311 1.70 -18.81 0.41
CA PHE B 311 2.63 -17.76 0.04
C PHE B 311 2.18 -16.44 0.63
N ILE B 312 3.03 -15.85 1.46
CA ILE B 312 2.70 -14.67 2.21
C ILE B 312 3.43 -13.47 1.59
N PRO B 313 2.70 -12.56 0.90
CA PRO B 313 3.35 -11.35 0.42
C PRO B 313 3.72 -10.43 1.58
N ILE B 314 4.80 -9.67 1.40
CA ILE B 314 5.28 -8.81 2.49
C ILE B 314 4.31 -7.72 2.95
N SER B 315 3.37 -7.33 2.10
CA SER B 315 2.41 -6.34 2.53
C SER B 315 1.56 -6.89 3.68
N GLN B 316 1.41 -8.21 3.74
CA GLN B 316 0.71 -8.83 4.85
C GLN B 316 1.44 -8.65 6.18
N ILE B 317 2.75 -8.51 6.11
CA ILE B 317 3.59 -8.33 7.32
C ILE B 317 3.78 -6.86 7.69
N THR B 318 3.99 -6.01 6.68
CA THR B 318 4.22 -4.56 6.81
C THR B 318 3.01 -3.72 6.35
N GLY B 319 2.75 -3.82 5.05
CA GLY B 319 1.76 -3.10 4.23
C GLY B 319 1.47 -1.61 4.35
N THR B 320 2.21 -0.70 3.71
CA THR B 320 3.45 -0.91 2.89
C THR B 320 3.43 -1.90 1.74
N GLY B 321 3.48 -1.36 0.53
CA GLY B 321 3.55 -2.20 -0.66
C GLY B 321 4.96 -2.29 -1.18
N ASP B 322 5.94 -1.94 -0.37
CA ASP B 322 7.33 -1.92 -0.83
C ASP B 322 7.76 -3.35 -1.11
N GLY B 323 8.76 -3.50 -1.96
CA GLY B 323 9.22 -4.80 -2.40
C GLY B 323 10.48 -5.22 -1.66
N ASN B 324 10.80 -6.51 -1.77
CA ASN B 324 12.08 -7.03 -1.29
C ASN B 324 12.28 -8.40 -1.89
N GLN B 325 13.51 -8.68 -2.30
CA GLN B 325 13.87 -10.00 -2.76
C GLN B 325 14.70 -10.63 -1.66
N PHE B 326 14.17 -11.67 -1.02
CA PHE B 326 14.77 -12.20 0.19
C PHE B 326 15.91 -13.17 -0.04
N TYR B 327 17.07 -12.84 0.52
CA TYR B 327 18.28 -13.66 0.39
C TYR B 327 18.79 -14.20 1.73
N SER B 328 18.34 -13.63 2.85
CA SER B 328 18.64 -14.17 4.15
C SER B 328 17.40 -14.23 5.01
N LEU B 329 17.14 -15.40 5.56
CA LEU B 329 16.04 -15.60 6.51
C LEU B 329 16.59 -16.20 7.82
N PHE B 330 16.09 -15.73 8.97
CA PHE B 330 16.65 -16.13 10.25
C PHE B 330 15.65 -15.95 11.38
N ARG B 331 15.67 -16.86 12.35
CA ARG B 331 14.90 -16.64 13.55
C ARG B 331 15.84 -16.65 14.78
N ASP B 332 15.81 -15.57 15.57
CA ASP B 332 16.78 -15.45 16.63
C ASP B 332 16.27 -16.17 17.85
N SER B 333 17.12 -16.35 18.85
CA SER B 333 16.72 -17.07 20.07
C SER B 333 15.58 -16.37 20.80
N LYS B 334 15.52 -15.04 20.71
CA LYS B 334 14.46 -14.28 21.38
C LYS B 334 13.08 -14.46 20.69
N GLY B 335 13.07 -15.05 19.50
CA GLY B 335 11.83 -15.25 18.76
C GLY B 335 11.69 -14.44 17.49
N PHE B 336 12.37 -13.32 17.38
CA PHE B 336 12.18 -12.44 16.20
C PHE B 336 12.58 -13.07 14.85
N TYR B 337 11.77 -12.79 13.83
CA TYR B 337 12.05 -13.19 12.47
C TYR B 337 12.78 -12.05 11.81
N TRP B 338 13.83 -12.41 11.09
CA TRP B 338 14.65 -11.45 10.41
C TRP B 338 14.71 -11.83 8.95
N PHE B 339 13.97 -11.12 8.11
CA PHE B 339 13.93 -11.44 6.69
C PHE B 339 14.53 -10.28 5.92
N GLY B 340 15.71 -10.51 5.35
CA GLY B 340 16.44 -9.46 4.65
C GLY B 340 16.70 -9.82 3.20
N GLY B 341 17.09 -8.82 2.41
CA GLY B 341 17.39 -9.03 1.00
C GLY B 341 17.85 -7.81 0.26
N ALA B 342 17.44 -7.65 -1.00
CA ALA B 342 17.87 -6.55 -1.82
C ALA B 342 17.48 -5.23 -1.19
N ASN B 343 16.29 -5.16 -0.59
CA ASN B 343 15.76 -3.89 -0.08
C ASN B 343 15.68 -3.80 1.44
N GLY B 344 16.76 -4.17 2.14
CA GLY B 344 16.82 -4.02 3.59
C GLY B 344 16.34 -5.24 4.34
N LEU B 345 16.11 -5.05 5.64
CA LEU B 345 15.94 -6.13 6.60
C LEU B 345 14.70 -5.86 7.49
N ILE B 346 13.76 -6.80 7.48
CA ILE B 346 12.51 -6.63 8.18
C ILE B 346 12.54 -7.52 9.40
N ARG B 347 12.26 -6.93 10.56
CA ARG B 347 12.08 -7.67 11.80
C ARG B 347 10.60 -7.78 12.10
N PHE B 348 10.12 -8.94 12.55
CA PHE B 348 8.70 -9.14 12.81
C PHE B 348 8.46 -10.41 13.64
N THR B 349 7.25 -10.58 14.19
CA THR B 349 6.98 -11.62 15.22
C THR B 349 5.97 -12.73 14.94
N ASP B 350 5.05 -12.52 14.01
CA ASP B 350 4.07 -13.57 13.64
C ASP B 350 4.14 -13.69 12.13
N PRO B 351 4.63 -14.83 11.62
CA PRO B 351 4.66 -14.92 10.18
C PRO B 351 3.31 -15.20 9.56
N ALA B 352 2.38 -14.26 9.60
CA ALA B 352 0.96 -14.52 9.29
C ALA B 352 0.00 -13.50 9.93
N GLY B 353 -0.34 -13.77 11.20
CA GLY B 353 -1.50 -13.22 11.95
C GLY B 353 -1.78 -11.74 12.22
N GLU B 354 -0.73 -10.94 12.45
CA GLU B 354 -0.79 -9.46 12.63
C GLU B 354 -0.69 -8.98 14.11
N ARG B 355 -0.34 -7.70 14.34
CA ARG B 355 0.17 -6.75 13.30
C ARG B 355 1.61 -7.04 13.01
N HIS B 356 2.16 -8.11 13.58
CA HIS B 356 3.56 -8.49 13.32
C HIS B 356 4.56 -7.53 13.87
N ASP B 357 4.11 -6.36 14.36
CA ASP B 357 5.01 -5.49 15.06
C ASP B 357 6.20 -5.17 14.16
N ALA B 358 6.02 -5.12 12.83
CA ALA B 358 7.16 -5.12 11.87
C ALA B 358 7.94 -3.84 11.91
N ILE B 359 9.26 -3.95 11.80
CA ILE B 359 10.15 -2.82 11.57
C ILE B 359 11.02 -3.14 10.39
N TRP B 360 11.17 -2.17 9.48
CA TRP B 360 11.91 -2.38 8.23
C TRP B 360 13.09 -1.46 8.16
N TYR B 361 14.28 -2.00 8.37
CA TYR B 361 15.53 -1.25 8.39
C TYR B 361 16.06 -1.14 6.98
N ARG B 362 16.38 0.09 6.56
CA ARG B 362 16.96 0.29 5.23
C ARG B 362 17.62 1.64 5.04
N MET B 363 18.50 1.73 4.06
CA MET B 363 19.16 2.95 3.69
C MET B 363 18.14 4.07 3.54
N GLY B 364 18.33 5.13 4.32
CA GLY B 364 17.56 6.36 4.16
C GLY B 364 16.26 6.50 4.92
N ASP B 365 15.92 5.50 5.74
CA ASP B 365 14.75 5.60 6.62
C ASP B 365 15.05 6.56 7.75
N LYS B 366 14.13 7.50 7.96
CA LYS B 366 14.27 8.49 9.03
C LYS B 366 14.42 7.90 10.45
N THR B 367 13.72 6.82 10.73
CA THR B 367 13.69 6.24 12.08
C THR B 367 14.62 5.04 12.25
N TYR B 368 14.65 4.18 11.23
CA TYR B 368 15.33 2.88 11.30
C TYR B 368 16.34 2.67 10.13
N PRO B 369 17.53 3.27 10.23
CA PRO B 369 18.45 3.23 9.08
C PRO B 369 19.45 2.07 9.06
N LEU B 370 19.97 1.81 7.87
CA LEU B 370 21.08 0.87 7.67
C LEU B 370 22.11 1.48 6.71
N SER B 371 23.36 1.11 6.91
CA SER B 371 24.47 1.58 6.08
C SER B 371 24.28 1.22 4.61
N HIS B 372 23.57 0.12 4.36
CA HIS B 372 23.29 -0.40 3.01
C HIS B 372 22.09 -1.32 3.00
N ASN B 373 21.34 -1.32 1.90
CA ASN B 373 20.10 -2.10 1.80
C ASN B 373 20.41 -3.58 1.56
N ARG B 374 21.51 -3.85 0.88
CA ARG B 374 21.79 -5.21 0.43
C ARG B 374 22.30 -6.12 1.54
N ILE B 375 21.42 -6.98 2.00
CA ILE B 375 21.67 -7.90 3.10
C ILE B 375 22.19 -9.19 2.48
N ARG B 376 23.27 -9.73 3.03
CA ARG B 376 23.84 -11.00 2.49
C ARG B 376 23.87 -12.10 3.53
N HIS B 377 23.87 -11.76 4.83
CA HIS B 377 23.81 -12.77 5.86
C HIS B 377 23.37 -12.23 7.16
N ILE B 378 22.59 -13.03 7.88
CA ILE B 378 22.14 -12.74 9.26
C ILE B 378 22.68 -13.88 10.14
N TYR B 379 23.14 -13.55 11.35
CA TYR B 379 23.80 -14.55 12.22
C TYR B 379 23.73 -14.13 13.68
N GLU B 380 23.35 -15.08 14.53
CA GLU B 380 23.36 -14.90 15.96
C GLU B 380 24.59 -15.63 16.47
N ASP B 381 25.26 -15.02 17.45
CA ASP B 381 26.56 -15.51 17.90
C ASP B 381 26.46 -16.28 19.21
N LYS B 382 27.61 -16.50 19.86
CA LYS B 382 27.67 -17.33 21.03
C LYS B 382 27.08 -16.64 22.26
N GLU B 383 26.89 -15.33 22.20
CA GLU B 383 26.33 -14.55 23.32
C GLU B 383 24.94 -13.94 23.01
N GLN B 384 24.25 -14.49 22.00
CA GLN B 384 22.89 -14.05 21.60
C GLN B 384 22.87 -12.66 20.94
N GLN B 385 24.01 -12.23 20.41
CA GLN B 385 24.10 -10.96 19.74
C GLN B 385 23.98 -11.19 18.24
N LEU B 386 23.24 -10.29 17.59
CA LEU B 386 22.77 -10.49 16.24
C LEU B 386 23.65 -9.66 15.32
N TRP B 387 24.17 -10.29 14.27
CA TRP B 387 25.00 -9.60 13.29
C TRP B 387 24.46 -9.76 11.91
N ILE B 388 24.51 -8.69 11.14
CA ILE B 388 24.16 -8.77 9.73
C ILE B 388 25.36 -8.38 8.87
N ALA B 389 25.44 -9.02 7.70
CA ALA B 389 26.48 -8.76 6.74
C ALA B 389 25.82 -8.10 5.52
N THR B 390 26.35 -6.92 5.17
CA THR B 390 25.81 -6.10 4.07
C THR B 390 26.88 -5.53 3.15
N ASP B 391 26.46 -4.80 2.12
CA ASP B 391 27.41 -4.09 1.26
C ASP B 391 27.79 -2.70 1.83
N GLY B 392 27.33 -2.41 3.04
CA GLY B 392 27.86 -1.32 3.86
C GLY B 392 28.42 -1.93 5.15
N SER B 393 29.38 -2.86 4.97
CA SER B 393 30.06 -3.52 6.06
C SER B 393 29.10 -4.31 6.97
N ILE B 394 29.60 -4.69 8.14
CA ILE B 394 28.84 -5.44 9.09
C ILE B 394 28.26 -4.56 10.18
N ASN B 395 27.11 -4.98 10.70
CA ASN B 395 26.40 -4.24 11.73
C ASN B 395 26.03 -5.21 12.86
N ARG B 396 25.82 -4.67 14.07
CA ARG B 396 25.32 -5.45 15.18
C ARG B 396 24.06 -4.79 15.71
N TYR B 397 23.09 -5.60 16.14
CA TYR B 397 21.85 -5.05 16.68
C TYR B 397 21.94 -4.74 18.15
N ASP B 398 21.26 -3.67 18.53
CA ASP B 398 21.14 -3.26 19.90
C ASP B 398 19.65 -3.29 20.22
N TYR B 399 19.19 -4.44 20.68
CA TYR B 399 17.80 -4.66 20.96
C TYR B 399 17.21 -3.57 21.88
N ALA B 400 18.04 -2.97 22.74
CA ALA B 400 17.56 -1.92 23.66
C ALA B 400 17.14 -0.70 22.87
N THR B 401 18.04 -0.22 22.01
CA THR B 401 17.76 0.98 21.22
C THR B 401 16.94 0.64 19.99
N ARG B 402 16.87 -0.64 19.64
CA ARG B 402 16.26 -1.11 18.40
C ARG B 402 16.91 -0.50 17.15
N GLN B 403 18.24 -0.31 17.21
CA GLN B 403 19.02 0.31 16.12
C GLN B 403 20.31 -0.47 15.88
N PHE B 404 20.81 -0.47 14.64
CA PHE B 404 22.06 -1.17 14.29
C PHE B 404 23.29 -0.32 14.54
N ILE B 405 24.39 -0.98 14.88
CA ILE B 405 25.69 -0.34 15.17
C ILE B 405 26.63 -0.81 14.09
N HIS B 406 27.14 0.14 13.31
CA HIS B 406 27.97 -0.12 12.12
C HIS B 406 29.43 -0.15 12.45
N TYR B 407 30.19 -1.07 11.85
CA TYR B 407 31.65 -1.09 12.00
C TYR B 407 32.39 -1.01 10.65
N ASN B 408 33.54 -0.30 10.63
CA ASN B 408 34.50 -0.34 9.52
C ASN B 408 35.68 -1.18 9.98
N ILE B 409 36.06 -2.19 9.22
CA ILE B 409 37.24 -2.96 9.52
C ILE B 409 38.24 -2.87 8.37
N VAL B 410 39.52 -2.77 8.71
CA VAL B 410 40.59 -2.86 7.71
C VAL B 410 41.68 -3.83 8.20
N ASP B 411 42.49 -4.36 7.26
CA ASP B 411 43.66 -5.18 7.62
C ASP B 411 44.76 -4.25 8.09
N ASN B 412 45.84 -4.80 8.62
CA ASN B 412 46.90 -3.98 9.23
C ASN B 412 47.72 -3.16 8.26
N THR B 413 47.79 -3.58 6.99
CA THR B 413 48.30 -2.72 5.93
C THR B 413 47.04 -1.92 5.60
N GLY B 414 47.11 -0.73 5.05
CA GLY B 414 45.85 0.03 5.02
C GLY B 414 44.73 -0.53 4.14
N THR B 415 44.97 -1.63 3.42
CA THR B 415 44.48 -1.80 2.03
C THR B 415 43.20 -2.62 1.78
N TYR B 416 42.96 -3.71 2.50
CA TYR B 416 41.66 -4.44 2.37
C TYR B 416 40.67 -4.09 3.49
N ASN B 417 39.39 -4.00 3.16
CA ASN B 417 38.39 -3.57 4.10
C ASN B 417 37.14 -4.40 4.02
N THR B 418 36.15 -4.01 4.80
CA THR B 418 35.04 -4.88 5.11
C THR B 418 33.73 -4.39 4.51
N ASN B 419 33.78 -3.35 3.68
CA ASN B 419 32.57 -2.74 3.09
C ASN B 419 31.62 -3.75 2.50
N TRP B 420 32.16 -4.75 1.81
CA TRP B 420 31.36 -5.77 1.17
C TRP B 420 31.47 -7.08 1.87
N THR B 421 30.64 -7.26 2.88
CA THR B 421 30.70 -8.44 3.72
C THR B 421 29.63 -9.43 3.34
N TYR B 422 30.05 -10.67 3.12
CA TYR B 422 29.23 -11.71 2.51
C TYR B 422 28.78 -12.73 3.52
N TYR B 423 29.60 -12.98 4.52
CA TYR B 423 29.33 -14.02 5.48
C TYR B 423 30.08 -13.75 6.80
N ILE B 424 29.50 -14.23 7.90
CA ILE B 424 30.02 -13.96 9.25
C ILE B 424 29.67 -15.09 10.21
N PHE B 425 30.62 -15.45 11.08
CA PHE B 425 30.34 -16.32 12.25
C PHE B 425 31.37 -16.15 13.36
N GLU B 426 31.02 -16.57 14.57
CA GLU B 426 31.94 -16.54 15.70
C GLU B 426 32.46 -17.94 16.01
N ASP B 427 33.76 -18.03 16.29
CA ASP B 427 34.39 -19.28 16.65
C ASP B 427 34.29 -19.55 18.15
N THR B 428 34.90 -20.64 18.60
CA THR B 428 34.87 -20.99 20.00
C THR B 428 35.98 -20.28 20.80
N ALA B 429 36.75 -19.41 20.14
CA ALA B 429 37.78 -18.60 20.81
C ALA B 429 37.47 -17.09 20.72
N GLY B 430 36.18 -16.74 20.76
CA GLY B 430 35.76 -15.35 20.91
C GLY B 430 36.14 -14.42 19.77
N GLN B 431 36.52 -15.00 18.63
CA GLN B 431 36.87 -14.20 17.45
C GLN B 431 35.79 -14.30 16.42
N LEU B 432 35.69 -13.25 15.61
CA LEU B 432 34.63 -13.12 14.63
C LEU B 432 35.26 -13.34 13.28
N TRP B 433 34.64 -14.20 12.47
CA TRP B 433 35.16 -14.53 11.12
C TRP B 433 34.32 -13.87 10.06
N ILE B 434 34.93 -13.04 9.24
CA ILE B 434 34.17 -12.21 8.30
C ILE B 434 34.64 -12.44 6.89
N SER B 435 33.77 -12.96 6.03
CA SER B 435 34.17 -13.14 4.64
C SER B 435 33.82 -11.90 3.86
N THR B 436 34.62 -11.61 2.84
CA THR B 436 34.51 -10.35 2.12
C THR B 436 34.70 -10.55 0.62
N CYS B 437 34.18 -9.62 -0.17
CA CYS B 437 34.30 -9.69 -1.62
C CYS B 437 35.64 -9.25 -2.28
N LEU B 438 36.31 -8.26 -1.72
CA LEU B 438 37.58 -7.82 -2.31
C LEU B 438 38.71 -7.93 -1.32
N GLY B 439 38.34 -8.16 -0.06
CA GLY B 439 39.24 -8.01 1.07
C GLY B 439 39.61 -9.31 1.78
N GLY B 440 39.21 -10.43 1.20
CA GLY B 440 39.55 -11.73 1.75
C GLY B 440 38.73 -12.00 2.99
N ILE B 441 39.31 -12.74 3.92
CA ILE B 441 38.66 -13.08 5.19
C ILE B 441 39.38 -12.36 6.33
N PHE B 442 38.62 -11.64 7.14
CA PHE B 442 39.17 -11.03 8.33
C PHE B 442 38.77 -11.86 9.55
N VAL B 443 39.68 -11.94 10.53
CA VAL B 443 39.38 -12.52 11.84
C VAL B 443 39.64 -11.48 12.90
N VAL B 444 38.64 -11.22 13.73
CA VAL B 444 38.63 -10.04 14.61
C VAL B 444 38.25 -10.43 16.03
N ASP B 445 38.89 -9.84 17.03
CA ASP B 445 38.46 -10.00 18.41
C ASP B 445 37.09 -9.36 18.58
N LYS B 446 36.09 -10.17 18.93
CA LYS B 446 34.70 -9.73 18.99
C LYS B 446 34.46 -8.66 20.07
N HIS B 447 35.03 -8.81 21.26
CA HIS B 447 34.77 -7.83 22.35
C HIS B 447 35.51 -6.53 22.20
N LYS B 448 36.76 -6.57 21.76
CA LYS B 448 37.34 -5.38 21.15
C LYS B 448 36.53 -5.31 19.84
N LEU B 449 36.50 -4.20 19.15
CA LEU B 449 35.52 -4.06 18.06
C LEU B 449 34.19 -3.65 18.62
N MET B 450 33.59 -4.45 19.52
CA MET B 450 32.40 -4.04 20.27
C MET B 450 32.73 -2.88 21.20
N GLN B 451 33.86 -3.00 21.89
CA GLN B 451 34.33 -1.96 22.83
C GLN B 451 34.99 -0.78 22.10
N SER B 452 35.20 -0.93 20.80
CA SER B 452 36.02 0.02 20.04
C SER B 452 35.36 1.37 19.83
N THR B 453 36.17 2.42 19.90
CA THR B 453 35.76 3.81 19.66
C THR B 453 36.31 4.37 18.33
N SER B 454 37.26 3.66 17.73
CA SER B 454 38.15 4.17 16.68
C SER B 454 37.53 4.65 15.33
N GLY B 455 36.28 4.33 15.03
CA GLY B 455 35.78 4.60 13.67
C GLY B 455 36.23 3.50 12.71
N GLN B 456 37.54 3.25 12.66
CA GLN B 456 38.12 2.16 11.88
C GLN B 456 38.75 1.15 12.87
N TYR B 457 38.58 -0.15 12.67
CA TYR B 457 39.26 -1.16 13.48
C TYR B 457 40.23 -2.02 12.64
N ILE B 458 41.48 -2.08 13.08
CA ILE B 458 42.50 -2.90 12.42
C ILE B 458 42.36 -4.39 12.87
N ALA B 459 42.03 -5.26 11.92
CA ALA B 459 41.76 -6.65 12.22
C ALA B 459 43.00 -7.37 12.71
N GLU B 460 42.83 -8.32 13.63
CA GLU B 460 43.93 -9.09 14.20
C GLU B 460 44.64 -9.93 13.12
N GLN B 461 43.85 -10.57 12.25
CA GLN B 461 44.38 -11.32 11.11
C GLN B 461 43.52 -11.14 9.89
N ASN B 462 44.13 -11.47 8.76
CA ASN B 462 43.51 -11.40 7.43
C ASN B 462 44.05 -12.55 6.59
N TYR B 463 43.16 -13.31 5.97
CA TYR B 463 43.55 -14.36 5.03
C TYR B 463 43.35 -13.82 3.63
N SER B 464 44.33 -14.04 2.76
CA SER B 464 44.25 -13.46 1.44
C SER B 464 45.09 -14.24 0.45
N VAL B 465 45.15 -13.76 -0.79
CA VAL B 465 45.88 -14.43 -1.84
C VAL B 465 47.40 -14.40 -1.53
N HIS B 466 47.83 -13.57 -0.58
CA HIS B 466 49.24 -13.53 -0.13
C HIS B 466 49.59 -14.53 0.91
N ASN B 467 48.59 -15.11 1.58
CA ASN B 467 48.88 -16.12 2.57
C ASN B 467 47.96 -17.34 2.52
N GLY B 468 47.82 -17.94 1.34
CA GLY B 468 47.16 -19.24 1.19
C GLY B 468 45.82 -19.39 0.47
N LEU B 469 45.04 -18.33 0.39
CA LEU B 469 43.71 -18.40 -0.26
C LEU B 469 43.81 -18.39 -1.78
N SER B 470 42.83 -19.01 -2.43
CA SER B 470 42.78 -19.13 -3.89
C SER B 470 42.15 -17.92 -4.58
N GLY B 471 41.86 -16.87 -3.80
CA GLY B 471 41.18 -15.70 -4.35
C GLY B 471 40.74 -14.77 -3.24
N MET B 472 40.11 -13.66 -3.59
CA MET B 472 39.52 -12.79 -2.56
C MET B 472 38.07 -12.40 -2.74
N PHE B 473 37.39 -13.12 -3.62
CA PHE B 473 35.93 -13.12 -3.70
C PHE B 473 35.47 -14.36 -2.99
N ILE B 474 35.16 -14.24 -1.72
CA ILE B 474 34.74 -15.42 -1.00
C ILE B 474 33.36 -15.27 -0.37
N ASN B 475 32.44 -16.15 -0.76
CA ASN B 475 31.05 -16.09 -0.36
C ASN B 475 30.99 -16.68 1.05
N GLN B 476 30.46 -17.88 1.24
CA GLN B 476 30.40 -18.49 2.57
C GLN B 476 31.77 -18.88 3.19
N ILE B 477 31.88 -18.77 4.51
CA ILE B 477 32.96 -19.43 5.29
C ILE B 477 32.29 -20.16 6.47
N ILE B 478 32.58 -21.46 6.61
CA ILE B 478 31.81 -22.38 7.48
C ILE B 478 32.74 -23.27 8.33
N PRO B 479 32.44 -23.44 9.62
CA PRO B 479 33.32 -24.21 10.48
C PRO B 479 32.94 -25.68 10.61
N ASP B 480 33.84 -26.42 11.26
CA ASP B 480 33.91 -27.86 11.29
C ASP B 480 33.68 -28.46 12.68
N ASN B 481 33.41 -29.76 12.75
CA ASN B 481 33.53 -30.54 13.99
C ASN B 481 34.85 -31.35 14.06
N GLU B 482 35.79 -31.07 13.16
CA GLU B 482 37.18 -31.06 13.58
C GLU B 482 37.24 -29.60 13.99
N GLY B 483 38.34 -28.90 13.71
CA GLY B 483 38.38 -27.46 14.01
C GLY B 483 38.68 -26.52 12.85
N ASN B 484 38.33 -26.93 11.65
CA ASN B 484 38.72 -26.18 10.45
C ASN B 484 37.69 -25.18 9.94
N VAL B 485 38.14 -24.18 9.19
CA VAL B 485 37.22 -23.28 8.52
C VAL B 485 37.27 -23.52 7.02
N TRP B 486 36.12 -23.83 6.45
CA TRP B 486 36.01 -24.13 5.02
C TRP B 486 35.55 -22.91 4.26
N VAL B 487 36.17 -22.64 3.11
CA VAL B 487 35.92 -21.40 2.38
C VAL B 487 35.36 -21.63 0.99
N LEU B 488 34.17 -21.07 0.72
CA LEU B 488 33.58 -21.08 -0.62
C LEU B 488 33.99 -19.82 -1.36
N LEU B 489 34.57 -19.98 -2.54
CA LEU B 489 35.02 -18.85 -3.37
C LEU B 489 34.34 -18.76 -4.74
N TYR B 490 34.07 -17.53 -5.17
CA TYR B 490 33.35 -17.22 -6.39
C TYR B 490 34.18 -17.60 -7.63
N ASN B 491 33.58 -18.38 -8.54
CA ASN B 491 34.28 -18.85 -9.76
C ASN B 491 35.69 -19.32 -9.51
N ASN B 492 35.77 -20.27 -8.61
CA ASN B 492 37.04 -20.85 -8.20
C ASN B 492 36.96 -22.37 -8.26
N LYS B 493 38.10 -23.02 -8.30
CA LYS B 493 38.10 -24.47 -8.33
C LYS B 493 38.11 -24.93 -6.87
N GLY B 494 37.20 -25.83 -6.54
CA GLY B 494 37.19 -26.46 -5.24
C GLY B 494 36.80 -25.56 -4.07
N ILE B 495 37.23 -25.98 -2.89
CA ILE B 495 37.15 -25.15 -1.71
C ILE B 495 38.46 -25.21 -0.92
N ASP B 496 38.70 -24.16 -0.17
CA ASP B 496 39.91 -24.02 0.61
C ASP B 496 39.55 -24.37 2.04
N LYS B 497 40.49 -25.02 2.73
CA LYS B 497 40.36 -25.35 4.10
C LYS B 497 41.48 -24.65 4.84
N ILE B 498 41.09 -23.80 5.80
CA ILE B 498 42.02 -23.09 6.68
C ILE B 498 42.11 -23.81 8.02
N ASN B 499 43.32 -24.12 8.44
CA ASN B 499 43.57 -24.59 9.80
C ASN B 499 43.96 -23.39 10.62
N PRO B 500 43.05 -22.88 11.44
CA PRO B 500 43.28 -21.57 12.05
C PRO B 500 44.37 -21.52 13.14
N ARG B 501 44.77 -22.67 13.65
CA ARG B 501 45.89 -22.72 14.57
C ARG B 501 47.21 -22.54 13.86
N THR B 502 47.48 -23.42 12.87
CA THR B 502 48.75 -23.37 12.13
C THR B 502 48.68 -22.32 11.03
N ARG B 503 47.45 -21.99 10.61
CA ARG B 503 47.17 -21.04 9.53
C ARG B 503 47.37 -21.67 8.14
N GLU B 504 47.53 -22.99 8.10
CA GLU B 504 47.63 -23.77 6.87
C GLU B 504 46.35 -23.73 6.03
N VAL B 505 46.39 -23.04 4.89
CA VAL B 505 45.31 -23.08 3.89
C VAL B 505 45.64 -24.11 2.78
N THR B 506 44.68 -24.97 2.47
CA THR B 506 44.86 -26.13 1.58
C THR B 506 43.67 -26.18 0.62
N LYS B 507 43.94 -26.10 -0.68
CA LYS B 507 42.88 -26.25 -1.68
C LYS B 507 42.51 -27.72 -1.82
N LEU B 508 41.22 -28.00 -1.87
CA LEU B 508 40.73 -29.37 -1.92
C LEU B 508 39.56 -29.56 -2.90
N PHE B 509 39.45 -30.78 -3.42
CA PHE B 509 38.36 -31.19 -4.32
C PHE B 509 38.31 -30.35 -5.58
N ALA B 510 39.48 -29.85 -5.98
CA ALA B 510 39.61 -29.02 -7.14
C ALA B 510 39.63 -29.90 -8.41
N ASP B 511 39.93 -31.18 -8.23
CA ASP B 511 39.84 -32.14 -9.34
C ASP B 511 38.43 -32.23 -9.92
N GLU B 512 37.43 -32.20 -9.06
CA GLU B 512 36.06 -32.44 -9.50
C GLU B 512 35.28 -31.14 -9.55
N LEU B 513 35.36 -30.34 -8.48
CA LEU B 513 34.63 -29.08 -8.41
C LEU B 513 35.33 -28.00 -9.25
N THR B 514 35.21 -28.12 -10.57
CA THR B 514 35.94 -27.27 -11.49
C THR B 514 35.11 -27.16 -12.76
N GLY B 515 35.34 -26.09 -13.53
CA GLY B 515 34.70 -25.89 -14.85
C GLY B 515 33.20 -25.73 -14.75
N GLU B 516 32.48 -26.70 -15.32
CA GLU B 516 31.03 -26.71 -15.19
C GLU B 516 30.65 -26.99 -13.77
N LYS B 517 31.48 -27.69 -13.03
CA LYS B 517 31.13 -28.03 -11.65
C LYS B 517 31.71 -27.02 -10.65
N SER B 518 32.08 -25.83 -11.13
CA SER B 518 32.56 -24.75 -10.25
C SER B 518 31.53 -24.47 -9.12
N PRO B 519 31.93 -24.66 -7.85
CA PRO B 519 31.03 -24.57 -6.71
C PRO B 519 30.53 -23.16 -6.42
N ASN B 520 29.27 -23.05 -6.01
CA ASN B 520 28.69 -21.77 -5.59
C ASN B 520 27.83 -21.82 -4.33
N TYR B 521 27.91 -22.90 -3.55
CA TYR B 521 27.21 -22.96 -2.27
C TYR B 521 27.90 -23.89 -1.27
N LEU B 522 27.86 -23.52 0.01
CA LEU B 522 28.44 -24.35 1.09
C LEU B 522 27.56 -24.37 2.33
N LEU B 523 27.34 -25.57 2.86
CA LEU B 523 26.77 -25.68 4.19
C LEU B 523 27.27 -26.92 4.90
N CYS B 524 27.31 -26.87 6.24
CA CYS B 524 27.59 -28.04 7.08
C CYS B 524 26.26 -28.47 7.71
N ASP B 525 26.05 -29.78 7.82
CA ASP B 525 24.84 -30.32 8.44
C ASP B 525 25.09 -30.68 9.91
N GLU B 526 24.04 -31.16 10.59
CA GLU B 526 24.14 -31.51 11.99
C GLU B 526 25.07 -32.67 12.29
N ASP B 527 25.39 -33.50 11.30
CA ASP B 527 26.29 -34.64 11.48
C ASP B 527 27.76 -34.32 11.19
N GLY B 528 28.04 -33.09 10.77
CA GLY B 528 29.42 -32.66 10.52
C GLY B 528 29.90 -32.64 9.06
N LEU B 529 29.03 -33.01 8.14
CA LEU B 529 29.39 -33.21 6.74
C LEU B 529 29.06 -31.98 5.92
N LEU B 530 30.00 -31.59 5.05
CA LEU B 530 29.85 -30.45 4.17
C LEU B 530 29.06 -30.82 2.94
N TRP B 531 28.26 -29.89 2.46
CA TRP B 531 27.49 -30.07 1.25
C TRP B 531 27.85 -28.95 0.36
N VAL B 532 28.38 -29.27 -0.81
CA VAL B 532 28.73 -28.25 -1.79
C VAL B 532 27.74 -28.28 -2.94
N GLY B 533 27.21 -27.11 -3.29
CA GLY B 533 26.28 -26.98 -4.40
C GLY B 533 27.03 -26.51 -5.64
N PHE B 534 26.73 -27.14 -6.78
CA PHE B 534 27.22 -26.67 -8.05
C PHE B 534 26.10 -26.74 -9.07
N HIS B 535 26.42 -26.44 -10.33
CA HIS B 535 25.49 -26.52 -11.42
C HIS B 535 25.07 -27.90 -11.75
N GLY B 536 23.90 -28.28 -11.24
CA GLY B 536 23.25 -29.53 -11.61
C GLY B 536 23.43 -30.65 -10.61
N GLY B 537 23.84 -30.32 -9.38
CA GLY B 537 24.18 -31.34 -8.41
C GLY B 537 24.84 -30.81 -7.16
N VAL B 538 25.01 -31.71 -6.21
CA VAL B 538 25.70 -31.40 -4.97
C VAL B 538 26.74 -32.46 -4.71
N MET B 539 27.63 -32.20 -3.76
CA MET B 539 28.58 -33.21 -3.30
C MET B 539 28.76 -33.16 -1.79
N ARG B 540 28.77 -34.34 -1.18
CA ARG B 540 28.84 -34.48 0.27
C ARG B 540 30.25 -34.83 0.64
N ILE B 541 30.83 -34.07 1.57
CA ILE B 541 32.22 -34.25 1.99
C ILE B 541 32.27 -34.58 3.47
N ASN B 542 33.02 -35.62 3.83
CA ASN B 542 33.36 -35.90 5.20
C ASN B 542 34.68 -35.25 5.55
N PRO B 543 34.69 -34.24 6.43
CA PRO B 543 35.93 -33.56 6.80
C PRO B 543 36.96 -34.42 7.53
N LYS B 544 36.59 -35.61 8.03
CA LYS B 544 37.52 -36.34 8.88
C LYS B 544 38.51 -37.06 8.02
N ASP B 545 38.04 -37.88 7.09
CA ASP B 545 38.86 -38.35 5.98
C ASP B 545 38.35 -37.44 4.94
N GLU B 546 39.09 -37.12 3.90
CA GLU B 546 38.53 -36.14 3.01
C GLU B 546 37.82 -36.84 1.83
N SER B 547 36.95 -37.79 2.19
CA SER B 547 36.10 -38.52 1.26
C SER B 547 34.97 -37.63 0.82
N GLN B 548 34.27 -38.10 -0.20
CA GLN B 548 33.31 -37.29 -0.89
C GLN B 548 32.54 -38.14 -1.87
N GLN B 549 31.24 -37.90 -2.02
CA GLN B 549 30.55 -38.37 -3.22
C GLN B 549 29.52 -37.38 -3.74
N SER B 550 29.17 -37.55 -5.01
CA SER B 550 28.41 -36.56 -5.79
C SER B 550 27.18 -37.18 -6.47
N ILE B 551 26.16 -36.35 -6.68
CA ILE B 551 24.96 -36.71 -7.45
C ILE B 551 24.59 -35.60 -8.43
N SER B 552 23.56 -35.84 -9.25
CA SER B 552 23.05 -34.88 -10.23
C SER B 552 21.52 -34.72 -10.21
N PHE B 553 21.03 -33.60 -10.73
CA PHE B 553 19.58 -33.37 -10.95
C PHE B 553 19.15 -33.44 -12.42
N GLY B 554 17.86 -33.14 -12.62
CA GLY B 554 17.10 -33.57 -13.76
C GLY B 554 17.59 -32.95 -15.04
N SER B 555 17.90 -33.82 -16.01
CA SER B 555 18.25 -33.44 -17.38
C SER B 555 17.80 -32.03 -17.75
N PHE B 556 18.69 -31.09 -17.42
CA PHE B 556 18.67 -29.66 -17.79
C PHE B 556 19.10 -28.89 -16.53
N SER B 557 20.40 -28.66 -16.33
CA SER B 557 21.50 -29.20 -17.16
C SER B 557 22.91 -29.07 -16.48
N ASN B 558 23.36 -27.94 -15.88
CA ASN B 558 22.99 -26.49 -16.10
C ASN B 558 22.56 -25.80 -14.80
N ASN B 559 21.24 -25.74 -14.58
CA ASN B 559 20.57 -24.80 -13.66
C ASN B 559 21.16 -24.56 -12.28
N GLU B 560 20.93 -23.34 -11.82
CA GLU B 560 21.71 -22.72 -10.80
C GLU B 560 21.03 -23.06 -9.48
N ILE B 561 21.86 -23.42 -8.50
CA ILE B 561 21.45 -23.54 -7.13
C ILE B 561 21.36 -22.14 -6.56
N LEU B 562 20.13 -21.73 -6.25
CA LEU B 562 19.85 -20.43 -5.62
C LEU B 562 20.06 -20.50 -4.11
N SER B 563 19.70 -21.62 -3.49
CA SER B 563 19.78 -21.74 -2.01
C SER B 563 19.72 -23.20 -1.50
N MET B 564 20.38 -23.47 -0.37
CA MET B 564 20.35 -24.81 0.26
C MET B 564 20.14 -24.68 1.78
N THR B 565 19.32 -25.54 2.35
CA THR B 565 19.29 -25.62 3.82
C THR B 565 18.92 -27.03 4.27
N CYS B 566 19.39 -27.41 5.46
CA CYS B 566 19.06 -28.71 6.06
C CYS B 566 17.71 -28.69 6.68
N VAL B 567 16.96 -29.76 6.47
CA VAL B 567 15.65 -29.95 7.06
C VAL B 567 15.58 -31.40 7.51
N LYS B 568 15.81 -31.61 8.81
CA LYS B 568 15.79 -32.94 9.43
C LYS B 568 16.88 -33.78 8.80
N ASN B 569 16.59 -35.01 8.35
CA ASN B 569 17.62 -35.75 7.60
C ASN B 569 17.52 -35.55 6.07
N SER B 570 17.03 -34.37 5.67
CA SER B 570 17.08 -33.97 4.30
C SER B 570 17.87 -32.67 4.15
N ILE B 571 18.23 -32.38 2.91
CA ILE B 571 18.73 -31.08 2.54
C ILE B 571 17.85 -30.61 1.39
N TRP B 572 17.29 -29.42 1.53
CA TRP B 572 16.43 -28.81 0.51
C TRP B 572 17.27 -27.90 -0.31
N VAL B 573 17.21 -28.06 -1.63
CA VAL B 573 17.98 -27.25 -2.54
C VAL B 573 17.04 -26.55 -3.50
N SER B 574 17.07 -25.22 -3.49
CA SER B 574 16.21 -24.41 -4.33
C SER B 574 16.96 -23.98 -5.58
N THR B 575 16.28 -24.01 -6.71
CA THR B 575 16.94 -23.96 -8.01
C THR B 575 16.13 -23.12 -8.93
N THR B 576 16.80 -22.53 -9.93
CA THR B 576 16.16 -21.80 -11.06
C THR B 576 15.26 -22.67 -11.87
N ASN B 577 14.51 -23.55 -11.24
CA ASN B 577 14.02 -24.74 -11.92
C ASN B 577 13.18 -25.64 -11.06
N GLY B 578 13.12 -25.33 -9.77
CA GLY B 578 12.23 -25.99 -8.84
C GLY B 578 13.02 -26.30 -7.60
N LEU B 579 12.40 -27.08 -6.72
CA LEU B 579 12.93 -27.41 -5.42
C LEU B 579 13.30 -28.87 -5.41
N TRP B 580 14.45 -29.19 -4.82
CA TRP B 580 14.88 -30.58 -4.68
C TRP B 580 15.11 -30.94 -3.24
N ILE B 581 14.57 -32.08 -2.84
CA ILE B 581 14.78 -32.65 -1.52
C ILE B 581 15.70 -33.85 -1.67
N ILE B 582 16.86 -33.79 -1.03
CA ILE B 582 17.86 -34.84 -1.11
C ILE B 582 18.07 -35.45 0.29
N ASP B 583 17.88 -36.76 0.42
CA ASP B 583 18.14 -37.46 1.68
C ASP B 583 19.62 -37.41 1.98
N ARG B 584 19.96 -37.16 3.24
CA ARG B 584 21.34 -36.91 3.63
C ARG B 584 22.20 -38.15 3.78
N LYS B 585 21.58 -39.34 3.83
CA LYS B 585 22.33 -40.58 3.98
C LYS B 585 22.52 -41.26 2.63
N THR B 586 21.42 -41.45 1.89
CA THR B 586 21.44 -42.16 0.61
C THR B 586 21.78 -41.24 -0.58
N MET B 587 21.55 -39.94 -0.42
CA MET B 587 21.74 -38.91 -1.48
C MET B 587 20.78 -39.11 -2.66
N ASP B 588 19.63 -39.72 -2.35
CA ASP B 588 18.55 -39.84 -3.30
C ASP B 588 17.87 -38.48 -3.36
N ALA B 589 17.60 -38.00 -4.58
CA ALA B 589 17.04 -36.67 -4.83
C ALA B 589 15.65 -36.74 -5.48
N ARG B 590 14.74 -35.86 -5.04
CA ARG B 590 13.38 -35.79 -5.57
C ARG B 590 13.01 -34.35 -5.86
N GLN B 591 12.36 -34.11 -7.00
CA GLN B 591 11.84 -32.78 -7.34
C GLN B 591 10.38 -32.59 -6.93
N GLN B 592 10.05 -31.37 -6.47
CA GLN B 592 8.69 -31.03 -6.04
C GLN B 592 7.75 -30.53 -7.17
N ASN B 593 6.54 -30.11 -6.77
CA ASN B 593 5.60 -29.43 -7.68
C ASN B 593 5.09 -28.16 -6.97
N MET B 594 5.73 -27.83 -5.85
CA MET B 594 5.32 -26.72 -4.98
C MET B 594 4.47 -25.68 -5.72
N THR B 595 5.15 -24.86 -6.53
CA THR B 595 4.54 -23.93 -7.49
C THR B 595 5.55 -23.65 -8.61
N ASN B 596 5.24 -22.69 -9.48
CA ASN B 596 6.20 -22.20 -10.47
C ASN B 596 7.16 -21.19 -9.86
N LYS B 597 7.01 -20.91 -8.55
CA LYS B 597 7.85 -19.94 -7.83
C LYS B 597 9.29 -20.38 -7.71
N ARG B 598 10.22 -19.44 -7.91
CA ARG B 598 11.65 -19.71 -7.74
C ARG B 598 12.02 -19.03 -6.42
N PHE B 599 12.83 -19.69 -5.59
CA PHE B 599 13.12 -19.22 -4.25
C PHE B 599 14.62 -19.01 -3.97
N THR B 600 14.98 -17.78 -3.56
CA THR B 600 16.38 -17.39 -3.37
C THR B 600 16.87 -17.46 -1.90
N SER B 601 16.15 -18.19 -1.04
CA SER B 601 16.35 -18.13 0.42
C SER B 601 15.64 -19.26 1.08
N LEU B 602 16.21 -19.84 2.14
CA LEU B 602 15.54 -20.93 2.87
C LEU B 602 15.82 -20.95 4.39
N LEU B 603 14.77 -20.98 5.21
CA LEU B 603 14.95 -21.13 6.65
C LEU B 603 14.09 -22.22 7.23
N PHE B 604 14.75 -23.15 7.92
CA PHE B 604 14.05 -24.18 8.65
C PHE B 604 13.89 -23.75 10.11
N ASP B 605 12.64 -23.78 10.58
CA ASP B 605 12.28 -23.41 11.95
C ASP B 605 11.89 -24.69 12.69
N PRO B 606 12.85 -25.25 13.46
CA PRO B 606 12.56 -26.53 14.09
C PRO B 606 11.53 -26.46 15.20
N LYS B 607 11.26 -25.26 15.73
CA LYS B 607 10.32 -25.08 16.83
C LYS B 607 8.88 -25.22 16.32
N GLU B 608 8.53 -24.49 15.27
CA GLU B 608 7.19 -24.61 14.66
C GLU B 608 7.17 -25.67 13.53
N ASP B 609 8.21 -26.50 13.44
CA ASP B 609 8.31 -27.54 12.40
C ASP B 609 7.87 -27.11 10.97
N CYS B 610 8.49 -26.07 10.46
CA CYS B 610 8.10 -25.57 9.14
C CYS B 610 9.30 -24.91 8.47
N VAL B 611 9.18 -24.66 7.18
CA VAL B 611 10.30 -24.13 6.36
C VAL B 611 9.85 -22.89 5.62
N TYR B 612 10.57 -21.79 5.81
CA TYR B 612 10.26 -20.56 5.11
C TYR B 612 11.06 -20.51 3.80
N LEU B 613 10.37 -20.21 2.70
CA LEU B 613 10.97 -20.19 1.38
C LEU B 613 10.89 -18.74 0.84
N GLY B 614 12.03 -18.07 0.84
CA GLY B 614 12.04 -16.64 0.58
C GLY B 614 12.23 -16.36 -0.89
N GLY B 615 11.57 -15.32 -1.38
CA GLY B 615 11.61 -14.96 -2.78
C GLY B 615 11.21 -13.53 -3.09
N ALA B 616 10.46 -13.36 -4.18
CA ALA B 616 10.17 -12.05 -4.76
C ALA B 616 8.95 -11.45 -4.11
N ASP B 617 9.18 -10.36 -3.39
CA ASP B 617 8.13 -9.63 -2.71
C ASP B 617 7.24 -10.49 -1.79
N GLY B 618 7.84 -11.45 -1.09
CA GLY B 618 7.11 -12.37 -0.23
C GLY B 618 7.87 -13.62 0.13
N PHE B 619 7.17 -14.60 0.70
CA PHE B 619 7.78 -15.89 1.10
C PHE B 619 6.73 -17.01 1.27
N GLY B 620 7.17 -18.24 1.09
CA GLY B 620 6.31 -19.41 1.25
C GLY B 620 6.53 -20.09 2.59
N ILE B 621 5.54 -20.85 3.02
CA ILE B 621 5.65 -21.70 4.23
C ILE B 621 5.13 -23.09 3.92
N SER B 622 5.87 -24.09 4.34
CA SER B 622 5.43 -25.48 4.23
C SER B 622 5.97 -26.31 5.37
N HIS B 623 5.28 -27.38 5.72
CA HIS B 623 5.74 -28.28 6.77
C HIS B 623 6.97 -28.95 6.30
N SER B 624 7.75 -29.52 7.22
CA SER B 624 8.99 -30.23 6.86
C SER B 624 8.59 -31.61 6.37
N ASN B 625 7.62 -31.63 5.46
CA ASN B 625 6.85 -32.83 5.11
C ASN B 625 6.00 -32.66 3.81
N LEU B 626 4.72 -33.02 3.86
CA LEU B 626 3.76 -32.80 2.79
C LEU B 626 2.29 -32.85 3.35
N GLU B 627 2.07 -32.24 4.51
CA GLU B 627 0.69 -31.97 4.94
C GLU B 627 0.22 -30.65 4.30
N ALA B 628 1.16 -29.90 3.74
CA ALA B 628 0.87 -28.94 2.65
C ALA B 628 -0.56 -29.21 2.12
N THR B 629 -1.46 -28.23 2.23
CA THR B 629 -1.14 -26.87 2.62
C THR B 629 -0.60 -26.81 4.04
N TYR B 630 0.30 -25.86 4.24
CA TYR B 630 0.60 -25.39 5.59
C TYR B 630 -0.46 -24.39 6.02
N GLN B 631 -0.97 -24.58 7.24
CA GLN B 631 -2.03 -23.77 7.83
C GLN B 631 -1.57 -22.57 8.72
N PRO B 632 -2.05 -21.32 8.41
CA PRO B 632 -1.76 -20.15 9.26
C PRO B 632 -2.53 -20.18 10.57
N GLU B 633 -2.03 -19.46 11.57
CA GLU B 633 -2.79 -19.31 12.84
C GLU B 633 -4.18 -18.66 12.68
N ARG B 634 -5.19 -19.24 13.31
CA ARG B 634 -6.54 -18.68 13.27
C ARG B 634 -7.08 -18.41 14.67
N PRO B 635 -7.53 -17.17 14.94
CA PRO B 635 -8.11 -16.96 16.26
C PRO B 635 -9.34 -17.82 16.46
N ILE B 636 -9.62 -18.15 17.72
CA ILE B 636 -10.81 -18.88 18.07
C ILE B 636 -11.96 -17.90 18.28
N LEU B 637 -13.11 -18.13 17.66
CA LEU B 637 -14.31 -17.35 17.95
C LEU B 637 -15.28 -18.20 18.76
N LEU B 638 -16.05 -17.54 19.62
CA LEU B 638 -17.29 -18.11 20.15
C LEU B 638 -18.40 -17.70 19.14
N THR B 639 -19.15 -18.67 18.64
CA THR B 639 -20.16 -18.43 17.61
C THR B 639 -21.59 -18.77 18.06
N ALA B 640 -21.76 -19.20 19.30
CA ALA B 640 -23.07 -19.58 19.82
C ALA B 640 -23.03 -19.61 21.33
N LEU B 641 -23.98 -18.93 21.96
CA LEU B 641 -24.29 -19.17 23.34
C LEU B 641 -25.63 -19.86 23.42
N TYR B 642 -25.73 -20.90 24.25
CA TYR B 642 -27.01 -21.55 24.60
C TYR B 642 -27.26 -21.45 26.08
N ILE B 643 -28.45 -21.05 26.47
CA ILE B 643 -28.84 -21.11 27.85
C ILE B 643 -29.99 -22.08 27.93
N ASN B 644 -30.06 -22.86 29.02
CA ASN B 644 -30.99 -23.98 29.13
C ASN B 644 -31.30 -24.57 27.76
N ASN B 645 -30.25 -24.86 27.01
CA ASN B 645 -30.38 -25.58 25.75
C ASN B 645 -30.92 -24.78 24.54
N GLN B 646 -31.63 -23.68 24.77
CA GLN B 646 -32.01 -22.77 23.67
C GLN B 646 -30.85 -21.89 23.22
N LEU B 647 -30.72 -21.64 21.91
CA LEU B 647 -29.70 -20.71 21.40
C LEU B 647 -30.15 -19.28 21.65
N VAL B 648 -29.31 -18.49 22.31
CA VAL B 648 -29.69 -17.12 22.74
C VAL B 648 -28.74 -16.05 22.18
N SER B 649 -29.26 -14.84 22.00
CA SER B 649 -28.55 -13.73 21.36
C SER B 649 -29.38 -12.44 21.46
N PRO B 650 -28.73 -11.27 21.29
CA PRO B 650 -29.43 -9.99 21.45
C PRO B 650 -30.70 -9.90 20.63
N ARG B 651 -30.75 -10.62 19.51
CA ARG B 651 -31.88 -10.56 18.58
C ARG B 651 -33.18 -11.09 19.17
N THR B 652 -33.07 -11.94 20.18
CA THR B 652 -34.21 -12.53 20.87
C THR B 652 -34.30 -12.15 22.36
N ARG B 653 -33.21 -11.64 22.94
CA ARG B 653 -33.12 -11.40 24.38
C ARG B 653 -32.55 -10.03 24.78
N ASP B 654 -33.28 -9.34 25.68
CA ASP B 654 -32.79 -8.14 26.37
C ASP B 654 -31.54 -8.36 27.19
N ASP B 655 -31.28 -9.59 27.57
CA ASP B 655 -30.40 -9.79 28.70
C ASP B 655 -29.18 -10.61 28.36
N VAL B 656 -28.83 -10.67 27.08
CA VAL B 656 -27.67 -11.44 26.67
C VAL B 656 -26.92 -10.72 25.58
N PRO B 657 -25.57 -10.75 25.60
CA PRO B 657 -24.83 -10.05 24.55
C PRO B 657 -24.52 -10.96 23.36
N ASN B 658 -23.86 -10.40 22.34
CA ASN B 658 -23.38 -11.19 21.22
C ASN B 658 -22.12 -11.86 21.71
N ILE B 659 -22.17 -13.18 21.88
CA ILE B 659 -21.03 -13.94 22.42
C ILE B 659 -19.73 -13.74 21.60
N ARG B 660 -19.83 -13.51 20.29
CA ARG B 660 -18.65 -13.34 19.45
C ARG B 660 -17.76 -12.17 19.88
N TYR B 661 -18.39 -11.09 20.34
CA TYR B 661 -17.71 -9.85 20.71
C TYR B 661 -17.83 -9.50 22.19
N THR B 662 -17.68 -10.50 23.02
CA THR B 662 -17.78 -10.32 24.42
C THR B 662 -16.57 -10.95 25.07
N ASN B 663 -15.97 -10.20 25.99
CA ASN B 663 -14.94 -10.72 26.86
C ASN B 663 -15.58 -11.25 28.14
N SER B 664 -16.56 -10.51 28.67
CA SER B 664 -17.21 -10.85 29.96
C SER B 664 -18.72 -10.92 29.81
N ILE B 665 -19.34 -11.82 30.58
CA ILE B 665 -20.77 -12.04 30.51
C ILE B 665 -21.37 -12.19 31.91
N LYS B 666 -22.50 -11.53 32.16
CA LYS B 666 -23.21 -11.62 33.46
C LYS B 666 -24.55 -12.30 33.27
N LEU B 667 -24.72 -13.47 33.87
CA LEU B 667 -25.98 -14.21 33.74
C LEU B 667 -26.71 -14.32 35.06
N LYS B 668 -27.99 -14.71 35.00
CA LYS B 668 -28.78 -14.86 36.22
C LYS B 668 -28.58 -16.23 36.87
N TYR B 669 -28.85 -16.31 38.17
CA TYR B 669 -28.72 -17.56 38.93
C TYR B 669 -29.24 -18.78 38.16
N ASP B 670 -30.36 -18.62 37.45
CA ASP B 670 -31.02 -19.71 36.73
C ASP B 670 -30.68 -19.75 35.23
N GLN B 671 -29.69 -18.96 34.82
CA GLN B 671 -29.14 -19.01 33.48
C GLN B 671 -27.78 -19.71 33.60
N ASN B 672 -27.80 -20.89 34.21
CA ASN B 672 -26.59 -21.57 34.68
C ASN B 672 -26.38 -22.98 34.07
N ASN B 673 -27.17 -23.29 33.04
CA ASN B 673 -26.85 -24.43 32.17
C ASN B 673 -26.46 -23.87 30.82
N LEU B 674 -25.15 -23.84 30.58
CA LEU B 674 -24.59 -23.16 29.44
C LEU B 674 -23.91 -24.10 28.48
N SER B 675 -24.08 -23.79 27.20
CA SER B 675 -23.32 -24.40 26.16
C SER B 675 -22.63 -23.30 25.34
N PHE B 676 -21.56 -23.69 24.66
CA PHE B 676 -20.75 -22.75 23.90
C PHE B 676 -20.27 -23.43 22.61
N GLU B 677 -20.28 -22.70 21.50
CA GLU B 677 -19.79 -23.23 20.23
C GLU B 677 -18.57 -22.42 19.78
N LEU B 678 -17.50 -23.11 19.42
CA LEU B 678 -16.26 -22.45 19.10
C LEU B 678 -15.90 -22.73 17.69
N SER B 679 -15.10 -21.85 17.11
CA SER B 679 -14.63 -22.04 15.75
C SER B 679 -13.39 -21.21 15.51
N ASP B 680 -12.45 -21.78 14.77
CA ASP B 680 -11.38 -20.99 14.18
C ASP B 680 -11.59 -20.82 12.65
N LEU B 681 -12.85 -20.91 12.21
CA LEU B 681 -13.23 -20.73 10.81
C LEU B 681 -12.50 -21.64 9.82
N PRO B 682 -12.59 -22.96 10.03
CA PRO B 682 -11.79 -23.94 9.31
C PRO B 682 -12.23 -24.22 7.86
N TYR B 683 -12.74 -23.20 7.19
CA TYR B 683 -13.28 -23.33 5.85
C TYR B 683 -12.31 -24.00 4.92
N SER B 684 -11.03 -23.70 5.04
CA SER B 684 -10.04 -24.18 4.07
C SER B 684 -9.48 -25.56 4.35
N LEU B 685 -9.92 -26.21 5.42
CA LEU B 685 -9.29 -27.40 5.89
C LEU B 685 -10.08 -28.64 5.53
N ASP B 686 -9.39 -29.76 5.39
CA ASP B 686 -10.01 -31.07 5.29
C ASP B 686 -10.31 -31.53 6.67
N GLU B 687 -9.25 -31.67 7.49
CA GLU B 687 -9.38 -32.11 8.88
C GLU B 687 -9.51 -30.90 9.79
N LYS B 688 -10.41 -30.98 10.75
CA LYS B 688 -10.56 -29.91 11.73
C LYS B 688 -9.37 -29.95 12.69
N ASN B 689 -9.09 -28.83 13.34
CA ASN B 689 -8.10 -28.79 14.45
C ASN B 689 -8.70 -29.24 15.76
N LYS B 690 -7.86 -29.67 16.69
CA LYS B 690 -8.35 -30.16 17.96
C LYS B 690 -8.25 -29.08 19.04
N PHE B 691 -9.15 -29.16 20.02
CA PHE B 691 -9.16 -28.18 21.12
C PHE B 691 -9.24 -28.79 22.51
N VAL B 692 -8.74 -28.03 23.47
CA VAL B 692 -8.93 -28.33 24.87
C VAL B 692 -9.61 -27.12 25.48
N TYR B 693 -10.22 -27.31 26.63
CA TYR B 693 -10.97 -26.24 27.28
C TYR B 693 -11.01 -26.46 28.77
N ARG B 694 -11.08 -25.39 29.55
CA ARG B 694 -11.26 -25.52 31.00
C ARG B 694 -12.04 -24.32 31.55
N LEU B 695 -12.75 -24.54 32.65
CA LEU B 695 -13.51 -23.47 33.30
C LEU B 695 -12.85 -23.15 34.64
N GLU B 696 -12.09 -22.07 34.64
CA GLU B 696 -11.44 -21.61 35.84
C GLU B 696 -12.54 -21.34 36.84
N GLY B 697 -12.32 -21.79 38.08
CA GLY B 697 -13.34 -21.71 39.12
C GLY B 697 -14.10 -23.01 39.25
N MET B 698 -13.66 -24.04 38.55
CA MET B 698 -14.30 -25.35 38.64
C MET B 698 -13.37 -26.49 38.23
N ASP B 699 -12.98 -26.51 36.95
CA ASP B 699 -12.01 -27.49 36.42
C ASP B 699 -10.63 -27.23 36.97
N LYS B 700 -9.95 -28.30 37.37
CA LYS B 700 -8.60 -28.17 37.87
C LYS B 700 -7.60 -28.50 36.76
N GLU B 701 -8.09 -28.99 35.62
CA GLU B 701 -7.25 -29.41 34.49
C GLU B 701 -7.95 -29.27 33.16
N TRP B 702 -7.23 -29.54 32.09
CA TRP B 702 -7.77 -29.43 30.75
C TRP B 702 -8.78 -30.52 30.46
N ASN B 703 -9.80 -30.19 29.69
CA ASN B 703 -10.72 -31.16 29.09
C ASN B 703 -10.46 -31.22 27.59
N PHE B 704 -10.61 -32.40 26.98
CA PHE B 704 -10.33 -32.60 25.55
C PHE B 704 -11.60 -32.80 24.70
N LEU B 705 -11.75 -32.04 23.62
CA LEU B 705 -12.87 -32.24 22.70
C LEU B 705 -12.50 -33.17 21.53
N LYS B 706 -13.36 -34.14 21.22
CA LYS B 706 -13.32 -34.84 19.93
C LYS B 706 -13.45 -33.82 18.80
N SER B 707 -12.67 -33.97 17.73
CA SER B 707 -12.49 -32.87 16.74
C SER B 707 -13.76 -32.45 16.00
N ASN B 708 -14.61 -33.42 15.68
CA ASN B 708 -15.92 -33.12 15.12
C ASN B 708 -16.82 -32.31 16.05
N ILE B 709 -16.48 -32.23 17.33
CA ILE B 709 -17.34 -31.62 18.34
C ILE B 709 -16.71 -30.32 18.78
N ASN B 710 -17.39 -29.22 18.44
CA ASN B 710 -16.97 -27.88 18.83
C ASN B 710 -17.90 -27.26 19.86
N ARG B 711 -18.62 -28.11 20.62
CA ARG B 711 -19.53 -27.63 21.65
C ARG B 711 -19.03 -27.99 23.07
N ILE B 712 -18.75 -26.94 23.83
CA ILE B 712 -18.44 -27.04 25.23
C ILE B 712 -19.72 -26.80 25.98
N THR B 713 -19.95 -27.61 27.00
CA THR B 713 -21.19 -27.56 27.74
C THR B 713 -20.96 -27.75 29.25
N TYR B 714 -21.51 -26.85 30.05
CA TYR B 714 -21.44 -26.94 31.53
C TYR B 714 -22.82 -26.91 32.15
N SER B 715 -23.04 -27.75 33.17
CA SER B 715 -24.32 -27.86 33.84
C SER B 715 -24.24 -27.42 35.29
N ASN B 716 -25.37 -26.98 35.83
CA ASN B 716 -25.51 -26.61 37.23
C ASN B 716 -24.38 -25.79 37.83
N LEU B 717 -24.17 -24.59 37.32
CA LEU B 717 -23.15 -23.72 37.88
C LEU B 717 -23.73 -22.93 39.04
N SER B 718 -23.05 -22.92 40.18
CA SER B 718 -23.48 -22.05 41.29
C SER B 718 -23.05 -20.63 40.94
N TYR B 719 -23.61 -19.67 41.65
CA TYR B 719 -23.24 -18.30 41.42
C TYR B 719 -21.74 -18.14 41.68
N GLY B 720 -21.14 -17.12 41.08
CA GLY B 720 -19.72 -16.85 41.27
C GLY B 720 -19.08 -16.50 39.96
N ASN B 721 -17.77 -16.30 39.98
CA ASN B 721 -17.03 -15.84 38.83
C ASN B 721 -16.28 -17.03 38.27
N TYR B 722 -16.16 -17.07 36.95
CA TYR B 722 -15.46 -18.15 36.24
C TYR B 722 -14.71 -17.55 35.04
N GLN B 723 -13.79 -18.34 34.44
CA GLN B 723 -13.16 -18.03 33.16
C GLN B 723 -13.19 -19.27 32.29
N LEU B 724 -13.83 -19.19 31.12
CA LEU B 724 -13.72 -20.27 30.14
C LEU B 724 -12.47 -19.99 29.31
N ILE B 725 -11.52 -20.92 29.31
CA ILE B 725 -10.31 -20.77 28.51
C ILE B 725 -10.30 -21.84 27.41
N ILE B 726 -10.29 -21.44 26.14
CA ILE B 726 -10.22 -22.41 25.04
C ILE B 726 -8.89 -22.27 24.29
N SER B 727 -8.29 -23.41 23.96
CA SER B 727 -6.98 -23.44 23.33
C SER B 727 -6.93 -24.52 22.25
N LYS B 728 -6.18 -24.23 21.20
CA LYS B 728 -6.00 -25.19 20.11
C LYS B 728 -4.88 -26.12 20.53
N LEU B 729 -5.10 -27.40 20.29
CA LEU B 729 -4.05 -28.39 20.55
C LEU B 729 -2.96 -28.19 19.51
N GLU B 730 -1.78 -27.82 19.99
CA GLU B 730 -0.66 -27.56 19.09
C GLU B 730 -0.17 -28.93 18.62
N ARG B 731 0.55 -28.92 17.49
CA ARG B 731 0.81 -30.13 16.71
C ARG B 731 1.91 -31.03 17.31
N ASP B 732 2.14 -30.88 18.61
CA ASP B 732 2.96 -31.80 19.41
C ASP B 732 2.20 -32.21 20.69
N GLY B 733 0.87 -32.09 20.65
CA GLY B 733 0.02 -32.45 21.78
C GLY B 733 -0.14 -31.40 22.88
N GLN B 734 0.58 -30.28 22.78
CA GLN B 734 0.57 -29.23 23.80
C GLN B 734 -0.53 -28.20 23.52
N PRO B 735 -1.15 -27.66 24.59
CA PRO B 735 -2.12 -26.58 24.38
C PRO B 735 -1.45 -25.27 23.98
N SER B 736 -2.19 -24.44 23.27
CA SER B 736 -1.71 -23.13 22.89
C SER B 736 -1.58 -22.24 24.14
N ASN B 737 -0.70 -21.25 24.04
CA ASN B 737 -0.51 -20.26 25.09
C ASN B 737 -1.20 -18.92 24.73
N ARG B 738 -2.01 -18.93 23.65
CA ARG B 738 -2.85 -17.80 23.24
C ARG B 738 -4.30 -18.27 23.11
N PRO B 739 -4.91 -18.58 24.24
CA PRO B 739 -6.27 -19.09 24.23
C PRO B 739 -7.30 -17.99 24.11
N HIS B 740 -8.53 -18.35 23.80
CA HIS B 740 -9.63 -17.43 23.90
C HIS B 740 -10.17 -17.49 25.30
N ILE B 741 -10.34 -16.32 25.94
CA ILE B 741 -10.76 -16.25 27.34
C ILE B 741 -12.07 -15.50 27.55
N LEU B 742 -13.09 -16.17 28.10
CA LEU B 742 -14.40 -15.57 28.39
C LEU B 742 -14.65 -15.52 29.86
N ASN B 743 -14.67 -14.33 30.44
CA ASN B 743 -15.05 -14.19 31.84
C ASN B 743 -16.56 -14.41 31.98
N ILE B 744 -16.94 -15.23 32.93
CA ILE B 744 -18.36 -15.52 33.17
C ILE B 744 -18.70 -15.28 34.63
N ARG B 745 -19.76 -14.50 34.89
CA ARG B 745 -20.28 -14.32 36.24
C ARG B 745 -21.73 -14.76 36.32
N ILE B 746 -21.99 -15.68 37.22
CA ILE B 746 -23.37 -16.09 37.54
C ILE B 746 -23.78 -15.31 38.78
N LEU B 747 -24.88 -14.56 38.69
CA LEU B 747 -25.33 -13.67 39.78
C LEU B 747 -26.24 -14.43 40.78
N PRO B 748 -26.07 -14.20 42.06
CA PRO B 748 -26.94 -14.85 43.03
C PRO B 748 -28.42 -14.42 42.93
N PRO B 749 -29.38 -15.27 43.38
CA PRO B 749 -30.81 -15.02 43.23
C PRO B 749 -31.30 -13.64 43.63
N TRP B 750 -30.67 -13.04 44.64
CA TRP B 750 -31.14 -11.78 45.21
C TRP B 750 -30.69 -10.55 44.44
N LEU B 751 -30.39 -10.74 43.16
CA LEU B 751 -29.85 -9.71 42.30
C LEU B 751 -30.15 -10.07 40.84
#